data_2IMS
# 
_entry.id   2IMS 
# 
_audit_conform.dict_name       mmcif_pdbx.dic 
_audit_conform.dict_version    5.397 
_audit_conform.dict_location   http://mmcif.pdb.org/dictionaries/ascii/mmcif_pdbx.dic 
# 
loop_
_database_2.database_id 
_database_2.database_code 
_database_2.pdbx_database_accession 
_database_2.pdbx_DOI 
PDB   2IMS         pdb_00002ims 10.2210/pdb2ims/pdb 
RCSB  RCSB039760   ?            ?                   
WWPDB D_1000039760 ?            ?                   
# 
loop_
_pdbx_audit_revision_history.ordinal 
_pdbx_audit_revision_history.data_content_type 
_pdbx_audit_revision_history.major_revision 
_pdbx_audit_revision_history.minor_revision 
_pdbx_audit_revision_history.revision_date 
1 'Structure model' 1 0 2006-12-26 
2 'Structure model' 1 1 2008-05-01 
3 'Structure model' 1 2 2011-07-13 
4 'Structure model' 1 3 2017-10-18 
5 'Structure model' 1 4 2024-10-16 
# 
_pdbx_audit_revision_details.ordinal             1 
_pdbx_audit_revision_details.revision_ordinal    1 
_pdbx_audit_revision_details.data_content_type   'Structure model' 
_pdbx_audit_revision_details.provider            repository 
_pdbx_audit_revision_details.type                'Initial release' 
_pdbx_audit_revision_details.description         ? 
_pdbx_audit_revision_details.details             ? 
# 
loop_
_pdbx_audit_revision_group.ordinal 
_pdbx_audit_revision_group.revision_ordinal 
_pdbx_audit_revision_group.data_content_type 
_pdbx_audit_revision_group.group 
1 2 'Structure model' 'Version format compliance' 
2 3 'Structure model' 'Derived calculations'      
3 3 'Structure model' 'Version format compliance' 
4 4 'Structure model' 'Refinement description'    
5 5 'Structure model' 'Data collection'           
6 5 'Structure model' 'Database references'       
7 5 'Structure model' 'Derived calculations'      
8 5 'Structure model' 'Structure summary'         
# 
loop_
_pdbx_audit_revision_category.ordinal 
_pdbx_audit_revision_category.revision_ordinal 
_pdbx_audit_revision_category.data_content_type 
_pdbx_audit_revision_category.category 
1  4 'Structure model' software                  
2  5 'Structure model' chem_comp_atom            
3  5 'Structure model' chem_comp_bond            
4  5 'Structure model' database_2                
5  5 'Structure model' pdbx_entry_details        
6  5 'Structure model' pdbx_modification_feature 
7  5 'Structure model' pdbx_struct_conn_angle    
8  5 'Structure model' struct_conn               
9  5 'Structure model' struct_conn_type          
10 5 'Structure model' struct_ref_seq_dif        
11 5 'Structure model' struct_site               
# 
loop_
_pdbx_audit_revision_item.ordinal 
_pdbx_audit_revision_item.revision_ordinal 
_pdbx_audit_revision_item.data_content_type 
_pdbx_audit_revision_item.item 
1  4 'Structure model' '_software.classification'                    
2  4 'Structure model' '_software.contact_author'                    
3  4 'Structure model' '_software.contact_author_email'              
4  4 'Structure model' '_software.date'                              
5  4 'Structure model' '_software.language'                          
6  4 'Structure model' '_software.location'                          
7  4 'Structure model' '_software.name'                              
8  4 'Structure model' '_software.type'                              
9  4 'Structure model' '_software.version'                           
10 5 'Structure model' '_database_2.pdbx_DOI'                        
11 5 'Structure model' '_database_2.pdbx_database_accession'         
12 5 'Structure model' '_pdbx_struct_conn_angle.ptnr1_auth_comp_id'  
13 5 'Structure model' '_pdbx_struct_conn_angle.ptnr1_auth_seq_id'   
14 5 'Structure model' '_pdbx_struct_conn_angle.ptnr1_label_atom_id' 
15 5 'Structure model' '_pdbx_struct_conn_angle.ptnr1_label_comp_id' 
16 5 'Structure model' '_pdbx_struct_conn_angle.ptnr1_label_seq_id'  
17 5 'Structure model' '_pdbx_struct_conn_angle.ptnr1_symmetry'      
18 5 'Structure model' '_pdbx_struct_conn_angle.ptnr3_auth_comp_id'  
19 5 'Structure model' '_pdbx_struct_conn_angle.ptnr3_auth_seq_id'   
20 5 'Structure model' '_pdbx_struct_conn_angle.ptnr3_label_atom_id' 
21 5 'Structure model' '_pdbx_struct_conn_angle.ptnr3_label_comp_id' 
22 5 'Structure model' '_pdbx_struct_conn_angle.ptnr3_label_seq_id'  
23 5 'Structure model' '_pdbx_struct_conn_angle.ptnr3_symmetry'      
24 5 'Structure model' '_pdbx_struct_conn_angle.value'               
25 5 'Structure model' '_struct_conn.conn_type_id'                   
26 5 'Structure model' '_struct_conn.id'                             
27 5 'Structure model' '_struct_conn.pdbx_dist_value'                
28 5 'Structure model' '_struct_conn.pdbx_leaving_atom_flag'         
29 5 'Structure model' '_struct_conn.ptnr1_auth_comp_id'             
30 5 'Structure model' '_struct_conn.ptnr1_auth_seq_id'              
31 5 'Structure model' '_struct_conn.ptnr1_label_asym_id'            
32 5 'Structure model' '_struct_conn.ptnr1_label_atom_id'            
33 5 'Structure model' '_struct_conn.ptnr1_label_comp_id'            
34 5 'Structure model' '_struct_conn.ptnr1_label_seq_id'             
35 5 'Structure model' '_struct_conn.ptnr1_symmetry'                 
36 5 'Structure model' '_struct_conn.ptnr2_auth_comp_id'             
37 5 'Structure model' '_struct_conn.ptnr2_auth_seq_id'              
38 5 'Structure model' '_struct_conn.ptnr2_label_asym_id'            
39 5 'Structure model' '_struct_conn.ptnr2_label_atom_id'            
40 5 'Structure model' '_struct_conn.ptnr2_label_comp_id'            
41 5 'Structure model' '_struct_conn.ptnr2_label_seq_id'             
42 5 'Structure model' '_struct_conn.ptnr2_symmetry'                 
43 5 'Structure model' '_struct_conn_type.id'                        
44 5 'Structure model' '_struct_ref_seq_dif.details'                 
45 5 'Structure model' '_struct_site.pdbx_auth_asym_id'              
46 5 'Structure model' '_struct_site.pdbx_auth_comp_id'              
47 5 'Structure model' '_struct_site.pdbx_auth_seq_id'               
# 
_pdbx_database_status.entry_id                        2IMS 
_pdbx_database_status.deposit_site                    RCSB 
_pdbx_database_status.process_site                    RCSB 
_pdbx_database_status.recvd_initial_deposition_date   2006-10-04 
_pdbx_database_status.status_code                     REL 
_pdbx_database_status.status_code_sf                  REL 
_pdbx_database_status.status_code_mr                  ? 
_pdbx_database_status.SG_entry                        ? 
_pdbx_database_status.pdb_format_compatible           Y 
_pdbx_database_status.status_code_cs                  ? 
_pdbx_database_status.methods_development_category    ? 
_pdbx_database_status.status_code_nmr_data            ? 
# 
loop_
_pdbx_database_related.db_name 
_pdbx_database_related.db_id 
_pdbx_database_related.details 
_pdbx_database_related.content_type 
PDB 1MAZ 'Bcl-xL crystal structure'                      unspecified 
PDB 1F16 'Bax NMR structure'                             unspecified 
PDB 1LXL 'Bcl-xL NMR structure'                          unspecified 
PDB 1BXL 'Bcl-xL Bak BH3 NMR complex'                    unspecified 
PDB 1MK3 'Bcl-w NMR structure'                           unspecified 
PDB 1WSX 'Mcl-1 NMR structure'                           unspecified 
PDB 2IMT 'Bak (Bcl antagonist killer) crystal structure' unspecified 
# 
loop_
_audit_author.name 
_audit_author.pdbx_ordinal 
'Moldoveanu, T.' 1 
'Liu, Q.'        2 
'Tocilj, A.'     3 
'Watson, M.'     4 
'Shore, G.C.'    5 
'Gehring, K.B.'  6 
# 
_citation.id                        primary 
_citation.title                     'The X-Ray Structure of a BAK Homodimer Reveals an Inhibitory Zinc Binding Site' 
_citation.journal_abbrev            Mol.Cell 
_citation.journal_volume            24 
_citation.page_first                677 
_citation.page_last                 688 
_citation.year                      2006 
_citation.journal_id_ASTM           MOCEFL 
_citation.country                   US 
_citation.journal_id_ISSN           1097-2765 
_citation.journal_id_CSD            2168 
_citation.book_publisher            ? 
_citation.pdbx_database_id_PubMed   17157251 
_citation.pdbx_database_id_DOI      10.1016/j.molcel.2006.10.014 
# 
loop_
_citation_author.citation_id 
_citation_author.name 
_citation_author.ordinal 
_citation_author.identifier_ORCID 
primary 'Moldoveanu, T.' 1 ? 
primary 'Liu, Q.'        2 ? 
primary 'Tocilj, A.'     3 ? 
primary 'Watson, M.'     4 ? 
primary 'Shore, G.'      5 ? 
primary 'Gehring, K.'    6 ? 
# 
loop_
_entity.id 
_entity.type 
_entity.src_method 
_entity.pdbx_description 
_entity.formula_weight 
_entity.pdbx_number_of_molecules 
_entity.pdbx_ec 
_entity.pdbx_mutation 
_entity.pdbx_fragment 
_entity.details 
1 polymer     man 'Apoptosis regulator BAK' 19364.051 1   ? ? ? ? 
2 non-polymer syn 'ZINC ION'                65.409    1   ? ? ? ? 
3 water       nat water                     18.015    152 ? ? ? ? 
# 
_entity_name_com.entity_id   1 
_entity_name_com.name        'Bcl-2 homologous antagonist/killer, Bcl-2- like 7 protein' 
# 
_entity_poly.entity_id                      1 
_entity_poly.type                           'polypeptide(L)' 
_entity_poly.nstd_linkage                   no 
_entity_poly.nstd_monomer                   yes 
_entity_poly.pdbx_seq_one_letter_code       
;EPALPSASEEQVAQDTEEVFRSYVFYRHQQEQEAEGVAAPADPE(MSE)VTLPLQPSST(MSE)GQVGRQLAIIGDDINR
RYDSEFQT(MSE)LQHLQPTAENAYEYFTKIATSLFESGINWGRVVALLGFGYRLALHVYQHGLTGFLGQVTRFVVDF
(MSE)LHHCIARWIAQRGGWVAALNLGNG
;
_entity_poly.pdbx_seq_one_letter_code_can   
;EPALPSASEEQVAQDTEEVFRSYVFYRHQQEQEAEGVAAPADPEMVTLPLQPSSTMGQVGRQLAIIGDDINRRYDSEFQT
MLQHLQPTAENAYEYFTKIATSLFESGINWGRVVALLGFGYRLALHVYQHGLTGFLGQVTRFVVDFMLHHCIARWIAQRG
GWVAALNLGNG
;
_entity_poly.pdbx_strand_id                 A 
_entity_poly.pdbx_target_identifier         ? 
# 
loop_
_pdbx_entity_nonpoly.entity_id 
_pdbx_entity_nonpoly.name 
_pdbx_entity_nonpoly.comp_id 
2 'ZINC ION' ZN  
3 water      HOH 
# 
loop_
_entity_poly_seq.entity_id 
_entity_poly_seq.num 
_entity_poly_seq.mon_id 
_entity_poly_seq.hetero 
1 1   GLU n 
1 2   PRO n 
1 3   ALA n 
1 4   LEU n 
1 5   PRO n 
1 6   SER n 
1 7   ALA n 
1 8   SER n 
1 9   GLU n 
1 10  GLU n 
1 11  GLN n 
1 12  VAL n 
1 13  ALA n 
1 14  GLN n 
1 15  ASP n 
1 16  THR n 
1 17  GLU n 
1 18  GLU n 
1 19  VAL n 
1 20  PHE n 
1 21  ARG n 
1 22  SER n 
1 23  TYR n 
1 24  VAL n 
1 25  PHE n 
1 26  TYR n 
1 27  ARG n 
1 28  HIS n 
1 29  GLN n 
1 30  GLN n 
1 31  GLU n 
1 32  GLN n 
1 33  GLU n 
1 34  ALA n 
1 35  GLU n 
1 36  GLY n 
1 37  VAL n 
1 38  ALA n 
1 39  ALA n 
1 40  PRO n 
1 41  ALA n 
1 42  ASP n 
1 43  PRO n 
1 44  GLU n 
1 45  MSE n 
1 46  VAL n 
1 47  THR n 
1 48  LEU n 
1 49  PRO n 
1 50  LEU n 
1 51  GLN n 
1 52  PRO n 
1 53  SER n 
1 54  SER n 
1 55  THR n 
1 56  MSE n 
1 57  GLY n 
1 58  GLN n 
1 59  VAL n 
1 60  GLY n 
1 61  ARG n 
1 62  GLN n 
1 63  LEU n 
1 64  ALA n 
1 65  ILE n 
1 66  ILE n 
1 67  GLY n 
1 68  ASP n 
1 69  ASP n 
1 70  ILE n 
1 71  ASN n 
1 72  ARG n 
1 73  ARG n 
1 74  TYR n 
1 75  ASP n 
1 76  SER n 
1 77  GLU n 
1 78  PHE n 
1 79  GLN n 
1 80  THR n 
1 81  MSE n 
1 82  LEU n 
1 83  GLN n 
1 84  HIS n 
1 85  LEU n 
1 86  GLN n 
1 87  PRO n 
1 88  THR n 
1 89  ALA n 
1 90  GLU n 
1 91  ASN n 
1 92  ALA n 
1 93  TYR n 
1 94  GLU n 
1 95  TYR n 
1 96  PHE n 
1 97  THR n 
1 98  LYS n 
1 99  ILE n 
1 100 ALA n 
1 101 THR n 
1 102 SER n 
1 103 LEU n 
1 104 PHE n 
1 105 GLU n 
1 106 SER n 
1 107 GLY n 
1 108 ILE n 
1 109 ASN n 
1 110 TRP n 
1 111 GLY n 
1 112 ARG n 
1 113 VAL n 
1 114 VAL n 
1 115 ALA n 
1 116 LEU n 
1 117 LEU n 
1 118 GLY n 
1 119 PHE n 
1 120 GLY n 
1 121 TYR n 
1 122 ARG n 
1 123 LEU n 
1 124 ALA n 
1 125 LEU n 
1 126 HIS n 
1 127 VAL n 
1 128 TYR n 
1 129 GLN n 
1 130 HIS n 
1 131 GLY n 
1 132 LEU n 
1 133 THR n 
1 134 GLY n 
1 135 PHE n 
1 136 LEU n 
1 137 GLY n 
1 138 GLN n 
1 139 VAL n 
1 140 THR n 
1 141 ARG n 
1 142 PHE n 
1 143 VAL n 
1 144 VAL n 
1 145 ASP n 
1 146 PHE n 
1 147 MSE n 
1 148 LEU n 
1 149 HIS n 
1 150 HIS n 
1 151 CYS n 
1 152 ILE n 
1 153 ALA n 
1 154 ARG n 
1 155 TRP n 
1 156 ILE n 
1 157 ALA n 
1 158 GLN n 
1 159 ARG n 
1 160 GLY n 
1 161 GLY n 
1 162 TRP n 
1 163 VAL n 
1 164 ALA n 
1 165 ALA n 
1 166 LEU n 
1 167 ASN n 
1 168 LEU n 
1 169 GLY n 
1 170 ASN n 
1 171 GLY n 
# 
_entity_src_gen.entity_id                          1 
_entity_src_gen.pdbx_src_id                        1 
_entity_src_gen.pdbx_alt_source_flag               sample 
_entity_src_gen.pdbx_seq_type                      ? 
_entity_src_gen.pdbx_beg_seq_num                   ? 
_entity_src_gen.pdbx_end_seq_num                   ? 
_entity_src_gen.gene_src_common_name               human 
_entity_src_gen.gene_src_genus                     Homo 
_entity_src_gen.pdbx_gene_src_gene                 'BAK1, BAK, BCL2L7' 
_entity_src_gen.gene_src_species                   ? 
_entity_src_gen.gene_src_strain                    ? 
_entity_src_gen.gene_src_tissue                    ? 
_entity_src_gen.gene_src_tissue_fraction           ? 
_entity_src_gen.gene_src_details                   ? 
_entity_src_gen.pdbx_gene_src_fragment             ? 
_entity_src_gen.pdbx_gene_src_scientific_name      'Homo sapiens' 
_entity_src_gen.pdbx_gene_src_ncbi_taxonomy_id     9606 
_entity_src_gen.pdbx_gene_src_variant              ? 
_entity_src_gen.pdbx_gene_src_cell_line            ? 
_entity_src_gen.pdbx_gene_src_atcc                 ? 
_entity_src_gen.pdbx_gene_src_organ                ? 
_entity_src_gen.pdbx_gene_src_organelle            ? 
_entity_src_gen.pdbx_gene_src_cell                 ? 
_entity_src_gen.pdbx_gene_src_cellular_location    ? 
_entity_src_gen.host_org_common_name               ? 
_entity_src_gen.pdbx_host_org_scientific_name      'Escherichia coli' 
_entity_src_gen.pdbx_host_org_ncbi_taxonomy_id     562 
_entity_src_gen.host_org_genus                     Escherichia 
_entity_src_gen.pdbx_host_org_gene                 ? 
_entity_src_gen.pdbx_host_org_organ                ? 
_entity_src_gen.host_org_species                   ? 
_entity_src_gen.pdbx_host_org_tissue               ? 
_entity_src_gen.pdbx_host_org_tissue_fraction      ? 
_entity_src_gen.pdbx_host_org_strain               ? 
_entity_src_gen.pdbx_host_org_variant              ? 
_entity_src_gen.pdbx_host_org_cell_line            ? 
_entity_src_gen.pdbx_host_org_atcc                 ? 
_entity_src_gen.pdbx_host_org_culture_collection   ? 
_entity_src_gen.pdbx_host_org_cell                 ? 
_entity_src_gen.pdbx_host_org_organelle            ? 
_entity_src_gen.pdbx_host_org_cellular_location    ? 
_entity_src_gen.pdbx_host_org_vector_type          ? 
_entity_src_gen.pdbx_host_org_vector               ? 
_entity_src_gen.host_org_details                   ? 
_entity_src_gen.expression_system_id               ? 
_entity_src_gen.plasmid_name                       ? 
_entity_src_gen.plasmid_details                    ? 
_entity_src_gen.pdbx_description                   ? 
# 
loop_
_chem_comp.id 
_chem_comp.type 
_chem_comp.mon_nstd_flag 
_chem_comp.name 
_chem_comp.pdbx_synonyms 
_chem_comp.formula 
_chem_comp.formula_weight 
ALA 'L-peptide linking' y ALANINE          ? 'C3 H7 N O2'     89.093  
ARG 'L-peptide linking' y ARGININE         ? 'C6 H15 N4 O2 1' 175.209 
ASN 'L-peptide linking' y ASPARAGINE       ? 'C4 H8 N2 O3'    132.118 
ASP 'L-peptide linking' y 'ASPARTIC ACID'  ? 'C4 H7 N O4'     133.103 
CYS 'L-peptide linking' y CYSTEINE         ? 'C3 H7 N O2 S'   121.158 
GLN 'L-peptide linking' y GLUTAMINE        ? 'C5 H10 N2 O3'   146.144 
GLU 'L-peptide linking' y 'GLUTAMIC ACID'  ? 'C5 H9 N O4'     147.129 
GLY 'peptide linking'   y GLYCINE          ? 'C2 H5 N O2'     75.067  
HIS 'L-peptide linking' y HISTIDINE        ? 'C6 H10 N3 O2 1' 156.162 
HOH non-polymer         . WATER            ? 'H2 O'           18.015  
ILE 'L-peptide linking' y ISOLEUCINE       ? 'C6 H13 N O2'    131.173 
LEU 'L-peptide linking' y LEUCINE          ? 'C6 H13 N O2'    131.173 
LYS 'L-peptide linking' y LYSINE           ? 'C6 H15 N2 O2 1' 147.195 
MET 'L-peptide linking' y METHIONINE       ? 'C5 H11 N O2 S'  149.211 
MSE 'L-peptide linking' n SELENOMETHIONINE ? 'C5 H11 N O2 Se' 196.106 
PHE 'L-peptide linking' y PHENYLALANINE    ? 'C9 H11 N O2'    165.189 
PRO 'L-peptide linking' y PROLINE          ? 'C5 H9 N O2'     115.130 
SER 'L-peptide linking' y SERINE           ? 'C3 H7 N O3'     105.093 
THR 'L-peptide linking' y THREONINE        ? 'C4 H9 N O3'     119.119 
TRP 'L-peptide linking' y TRYPTOPHAN       ? 'C11 H12 N2 O2'  204.225 
TYR 'L-peptide linking' y TYROSINE         ? 'C9 H11 N O3'    181.189 
VAL 'L-peptide linking' y VALINE           ? 'C5 H11 N O2'    117.146 
ZN  non-polymer         . 'ZINC ION'       ? 'Zn 2'           65.409  
# 
loop_
_pdbx_poly_seq_scheme.asym_id 
_pdbx_poly_seq_scheme.entity_id 
_pdbx_poly_seq_scheme.seq_id 
_pdbx_poly_seq_scheme.mon_id 
_pdbx_poly_seq_scheme.ndb_seq_num 
_pdbx_poly_seq_scheme.pdb_seq_num 
_pdbx_poly_seq_scheme.auth_seq_num 
_pdbx_poly_seq_scheme.pdb_mon_id 
_pdbx_poly_seq_scheme.auth_mon_id 
_pdbx_poly_seq_scheme.pdb_strand_id 
_pdbx_poly_seq_scheme.pdb_ins_code 
_pdbx_poly_seq_scheme.hetero 
A 1 1   GLU 1   16  ?   ?   ?   A . n 
A 1 2   PRO 2   17  ?   ?   ?   A . n 
A 1 3   ALA 3   18  ?   ?   ?   A . n 
A 1 4   LEU 4   19  19  LEU LEU A . n 
A 1 5   PRO 5   20  20  PRO PRO A . n 
A 1 6   SER 6   21  21  SER SER A . n 
A 1 7   ALA 7   22  22  ALA ALA A . n 
A 1 8   SER 8   23  23  SER SER A . n 
A 1 9   GLU 9   24  24  GLU GLU A . n 
A 1 10  GLU 10  25  25  GLU GLU A . n 
A 1 11  GLN 11  26  26  GLN GLN A . n 
A 1 12  VAL 12  27  27  VAL VAL A . n 
A 1 13  ALA 13  28  28  ALA ALA A . n 
A 1 14  GLN 14  29  29  GLN GLN A . n 
A 1 15  ASP 15  30  30  ASP ASP A . n 
A 1 16  THR 16  31  31  THR THR A . n 
A 1 17  GLU 17  32  32  GLU GLU A . n 
A 1 18  GLU 18  33  33  GLU GLU A . n 
A 1 19  VAL 19  34  34  VAL VAL A . n 
A 1 20  PHE 20  35  35  PHE PHE A . n 
A 1 21  ARG 21  36  36  ARG ARG A . n 
A 1 22  SER 22  37  37  SER SER A . n 
A 1 23  TYR 23  38  38  TYR TYR A . n 
A 1 24  VAL 24  39  39  VAL VAL A . n 
A 1 25  PHE 25  40  40  PHE PHE A . n 
A 1 26  TYR 26  41  41  TYR TYR A . n 
A 1 27  ARG 27  42  42  ARG ARG A . n 
A 1 28  HIS 28  43  43  HIS HIS A . n 
A 1 29  GLN 29  44  44  GLN GLN A . n 
A 1 30  GLN 30  45  45  GLN GLN A . n 
A 1 31  GLU 31  46  46  GLU GLU A . n 
A 1 32  GLN 32  47  47  GLN GLN A . n 
A 1 33  GLU 33  48  48  GLU GLU A . n 
A 1 34  ALA 34  49  49  ALA ALA A . n 
A 1 35  GLU 35  50  50  GLU GLU A . n 
A 1 36  GLY 36  51  51  GLY GLY A . n 
A 1 37  VAL 37  52  52  VAL VAL A . n 
A 1 38  ALA 38  53  53  ALA ALA A . n 
A 1 39  ALA 39  54  54  ALA ALA A . n 
A 1 40  PRO 40  55  55  PRO PRO A . n 
A 1 41  ALA 41  56  56  ALA ALA A . n 
A 1 42  ASP 42  57  57  ASP ASP A . n 
A 1 43  PRO 43  58  58  PRO PRO A . n 
A 1 44  GLU 44  59  59  GLU GLU A . n 
A 1 45  MSE 45  60  60  MSE MSE A . n 
A 1 46  VAL 46  61  61  VAL VAL A . n 
A 1 47  THR 47  62  62  THR THR A . n 
A 1 48  LEU 48  63  63  LEU LEU A . n 
A 1 49  PRO 49  64  64  PRO PRO A . n 
A 1 50  LEU 50  65  65  LEU LEU A . n 
A 1 51  GLN 51  66  66  GLN GLN A . n 
A 1 52  PRO 52  67  67  PRO PRO A . n 
A 1 53  SER 53  68  68  SER SER A . n 
A 1 54  SER 54  69  69  SER SER A . n 
A 1 55  THR 55  70  70  THR THR A . n 
A 1 56  MSE 56  71  71  MSE MSE A . n 
A 1 57  GLY 57  72  72  GLY GLY A . n 
A 1 58  GLN 58  73  73  GLN GLN A . n 
A 1 59  VAL 59  74  74  VAL VAL A . n 
A 1 60  GLY 60  75  75  GLY GLY A . n 
A 1 61  ARG 61  76  76  ARG ARG A . n 
A 1 62  GLN 62  77  77  GLN GLN A . n 
A 1 63  LEU 63  78  78  LEU LEU A . n 
A 1 64  ALA 64  79  79  ALA ALA A . n 
A 1 65  ILE 65  80  80  ILE ILE A . n 
A 1 66  ILE 66  81  81  ILE ILE A . n 
A 1 67  GLY 67  82  82  GLY GLY A . n 
A 1 68  ASP 68  83  83  ASP ASP A . n 
A 1 69  ASP 69  84  84  ASP ASP A . n 
A 1 70  ILE 70  85  85  ILE ILE A . n 
A 1 71  ASN 71  86  86  ASN ASN A . n 
A 1 72  ARG 72  87  87  ARG ARG A . n 
A 1 73  ARG 73  88  88  ARG ARG A . n 
A 1 74  TYR 74  89  89  TYR TYR A . n 
A 1 75  ASP 75  90  90  ASP ASP A . n 
A 1 76  SER 76  91  91  SER SER A . n 
A 1 77  GLU 77  92  92  GLU GLU A . n 
A 1 78  PHE 78  93  93  PHE PHE A . n 
A 1 79  GLN 79  94  94  GLN GLN A . n 
A 1 80  THR 80  95  95  THR THR A . n 
A 1 81  MSE 81  96  96  MSE MSE A . n 
A 1 82  LEU 82  97  97  LEU LEU A . n 
A 1 83  GLN 83  98  98  GLN GLN A . n 
A 1 84  HIS 84  99  99  HIS HIS A . n 
A 1 85  LEU 85  100 100 LEU LEU A . n 
A 1 86  GLN 86  101 101 GLN GLN A . n 
A 1 87  PRO 87  102 102 PRO PRO A . n 
A 1 88  THR 88  103 103 THR THR A . n 
A 1 89  ALA 89  104 104 ALA ALA A . n 
A 1 90  GLU 90  105 105 GLU GLU A . n 
A 1 91  ASN 91  106 106 ASN ASN A . n 
A 1 92  ALA 92  107 107 ALA ALA A . n 
A 1 93  TYR 93  108 108 TYR TYR A . n 
A 1 94  GLU 94  109 109 GLU GLU A . n 
A 1 95  TYR 95  110 110 TYR TYR A . n 
A 1 96  PHE 96  111 111 PHE PHE A . n 
A 1 97  THR 97  112 112 THR THR A . n 
A 1 98  LYS 98  113 113 LYS LYS A . n 
A 1 99  ILE 99  114 114 ILE ILE A . n 
A 1 100 ALA 100 115 115 ALA ALA A . n 
A 1 101 THR 101 116 116 THR THR A . n 
A 1 102 SER 102 117 117 SER SER A . n 
A 1 103 LEU 103 118 118 LEU LEU A . n 
A 1 104 PHE 104 119 119 PHE PHE A . n 
A 1 105 GLU 105 120 120 GLU GLU A . n 
A 1 106 SER 106 121 121 SER SER A . n 
A 1 107 GLY 107 122 122 GLY GLY A . n 
A 1 108 ILE 108 123 123 ILE ILE A . n 
A 1 109 ASN 109 124 124 ASN ASN A . n 
A 1 110 TRP 110 125 125 TRP TRP A . n 
A 1 111 GLY 111 126 126 GLY GLY A . n 
A 1 112 ARG 112 127 127 ARG ARG A . n 
A 1 113 VAL 113 128 128 VAL VAL A . n 
A 1 114 VAL 114 129 129 VAL VAL A . n 
A 1 115 ALA 115 130 130 ALA ALA A . n 
A 1 116 LEU 116 131 131 LEU LEU A . n 
A 1 117 LEU 117 132 132 LEU LEU A . n 
A 1 118 GLY 118 133 133 GLY GLY A . n 
A 1 119 PHE 119 134 134 PHE PHE A . n 
A 1 120 GLY 120 135 135 GLY GLY A . n 
A 1 121 TYR 121 136 136 TYR TYR A . n 
A 1 122 ARG 122 137 137 ARG ARG A . n 
A 1 123 LEU 123 138 138 LEU LEU A . n 
A 1 124 ALA 124 139 139 ALA ALA A . n 
A 1 125 LEU 125 140 140 LEU LEU A . n 
A 1 126 HIS 126 141 141 HIS HIS A . n 
A 1 127 VAL 127 142 142 VAL VAL A . n 
A 1 128 TYR 128 143 143 TYR TYR A . n 
A 1 129 GLN 129 144 144 GLN GLN A . n 
A 1 130 HIS 130 145 145 HIS HIS A . n 
A 1 131 GLY 131 146 146 GLY GLY A . n 
A 1 132 LEU 132 147 147 LEU LEU A . n 
A 1 133 THR 133 148 148 THR THR A . n 
A 1 134 GLY 134 149 149 GLY GLY A . n 
A 1 135 PHE 135 150 150 PHE PHE A . n 
A 1 136 LEU 136 151 151 LEU LEU A . n 
A 1 137 GLY 137 152 152 GLY GLY A . n 
A 1 138 GLN 138 153 153 GLN GLN A . n 
A 1 139 VAL 139 154 154 VAL VAL A . n 
A 1 140 THR 140 155 155 THR THR A . n 
A 1 141 ARG 141 156 156 ARG ARG A . n 
A 1 142 PHE 142 157 157 PHE PHE A . n 
A 1 143 VAL 143 158 158 VAL VAL A . n 
A 1 144 VAL 144 159 159 VAL VAL A . n 
A 1 145 ASP 145 160 160 ASP ASP A . n 
A 1 146 PHE 146 161 161 PHE PHE A . n 
A 1 147 MSE 147 162 162 MSE MSE A . n 
A 1 148 LEU 148 163 163 LEU LEU A . n 
A 1 149 HIS 149 164 164 HIS HIS A . n 
A 1 150 HIS 150 165 165 HIS HIS A . n 
A 1 151 CYS 151 166 166 CYS CYS A . n 
A 1 152 ILE 152 167 167 ILE ILE A . n 
A 1 153 ALA 153 168 168 ALA ALA A . n 
A 1 154 ARG 154 169 169 ARG ARG A . n 
A 1 155 TRP 155 170 170 TRP TRP A . n 
A 1 156 ILE 156 171 171 ILE ILE A . n 
A 1 157 ALA 157 172 172 ALA ALA A . n 
A 1 158 GLN 158 173 173 GLN GLN A . n 
A 1 159 ARG 159 174 174 ARG ARG A . n 
A 1 160 GLY 160 175 175 GLY GLY A . n 
A 1 161 GLY 161 176 176 GLY GLY A . n 
A 1 162 TRP 162 177 177 TRP TRP A . n 
A 1 163 VAL 163 178 178 VAL VAL A . n 
A 1 164 ALA 164 179 179 ALA ALA A . n 
A 1 165 ALA 165 180 180 ALA ALA A . n 
A 1 166 LEU 166 181 181 LEU LEU A . n 
A 1 167 ASN 167 182 ?   ?   ?   A . n 
A 1 168 LEU 168 183 ?   ?   ?   A . n 
A 1 169 GLY 169 184 ?   ?   ?   A . n 
A 1 170 ASN 170 185 ?   ?   ?   A . n 
A 1 171 GLY 171 186 ?   ?   ?   A . n 
# 
loop_
_pdbx_nonpoly_scheme.asym_id 
_pdbx_nonpoly_scheme.entity_id 
_pdbx_nonpoly_scheme.mon_id 
_pdbx_nonpoly_scheme.ndb_seq_num 
_pdbx_nonpoly_scheme.pdb_seq_num 
_pdbx_nonpoly_scheme.auth_seq_num 
_pdbx_nonpoly_scheme.pdb_mon_id 
_pdbx_nonpoly_scheme.auth_mon_id 
_pdbx_nonpoly_scheme.pdb_strand_id 
_pdbx_nonpoly_scheme.pdb_ins_code 
B 2 ZN  1   200 200 ZN  ZN  A . 
C 3 HOH 1   201 1   HOH HOH A . 
C 3 HOH 2   202 2   HOH HOH A . 
C 3 HOH 3   203 3   HOH HOH A . 
C 3 HOH 4   204 4   HOH HOH A . 
C 3 HOH 5   205 5   HOH HOH A . 
C 3 HOH 6   206 6   HOH HOH A . 
C 3 HOH 7   207 7   HOH HOH A . 
C 3 HOH 8   208 8   HOH HOH A . 
C 3 HOH 9   209 9   HOH HOH A . 
C 3 HOH 10  210 10  HOH HOH A . 
C 3 HOH 11  211 11  HOH HOH A . 
C 3 HOH 12  212 12  HOH HOH A . 
C 3 HOH 13  213 13  HOH HOH A . 
C 3 HOH 14  214 14  HOH HOH A . 
C 3 HOH 15  215 15  HOH HOH A . 
C 3 HOH 16  216 16  HOH HOH A . 
C 3 HOH 17  217 17  HOH HOH A . 
C 3 HOH 18  218 18  HOH HOH A . 
C 3 HOH 19  219 19  HOH HOH A . 
C 3 HOH 20  220 20  HOH HOH A . 
C 3 HOH 21  221 21  HOH HOH A . 
C 3 HOH 22  222 22  HOH HOH A . 
C 3 HOH 23  223 23  HOH HOH A . 
C 3 HOH 24  224 24  HOH HOH A . 
C 3 HOH 25  225 25  HOH HOH A . 
C 3 HOH 26  226 26  HOH HOH A . 
C 3 HOH 27  227 27  HOH HOH A . 
C 3 HOH 28  228 28  HOH HOH A . 
C 3 HOH 29  229 29  HOH HOH A . 
C 3 HOH 30  230 30  HOH HOH A . 
C 3 HOH 31  231 31  HOH HOH A . 
C 3 HOH 32  232 32  HOH HOH A . 
C 3 HOH 33  233 33  HOH HOH A . 
C 3 HOH 34  234 34  HOH HOH A . 
C 3 HOH 35  235 35  HOH HOH A . 
C 3 HOH 36  236 36  HOH HOH A . 
C 3 HOH 37  237 37  HOH HOH A . 
C 3 HOH 38  238 38  HOH HOH A . 
C 3 HOH 39  239 39  HOH HOH A . 
C 3 HOH 40  240 40  HOH HOH A . 
C 3 HOH 41  241 41  HOH HOH A . 
C 3 HOH 42  242 42  HOH HOH A . 
C 3 HOH 43  243 43  HOH HOH A . 
C 3 HOH 44  244 44  HOH HOH A . 
C 3 HOH 45  245 45  HOH HOH A . 
C 3 HOH 46  246 46  HOH HOH A . 
C 3 HOH 47  247 47  HOH HOH A . 
C 3 HOH 48  248 48  HOH HOH A . 
C 3 HOH 49  249 50  HOH HOH A . 
C 3 HOH 50  250 51  HOH HOH A . 
C 3 HOH 51  251 52  HOH HOH A . 
C 3 HOH 52  252 53  HOH HOH A . 
C 3 HOH 53  253 54  HOH HOH A . 
C 3 HOH 54  254 55  HOH HOH A . 
C 3 HOH 55  255 56  HOH HOH A . 
C 3 HOH 56  256 57  HOH HOH A . 
C 3 HOH 57  257 58  HOH HOH A . 
C 3 HOH 58  258 59  HOH HOH A . 
C 3 HOH 59  259 60  HOH HOH A . 
C 3 HOH 60  260 61  HOH HOH A . 
C 3 HOH 61  261 62  HOH HOH A . 
C 3 HOH 62  262 63  HOH HOH A . 
C 3 HOH 63  263 64  HOH HOH A . 
C 3 HOH 64  264 65  HOH HOH A . 
C 3 HOH 65  265 66  HOH HOH A . 
C 3 HOH 66  266 67  HOH HOH A . 
C 3 HOH 67  267 68  HOH HOH A . 
C 3 HOH 68  268 69  HOH HOH A . 
C 3 HOH 69  269 70  HOH HOH A . 
C 3 HOH 70  270 71  HOH HOH A . 
C 3 HOH 71  271 72  HOH HOH A . 
C 3 HOH 72  272 73  HOH HOH A . 
C 3 HOH 73  273 74  HOH HOH A . 
C 3 HOH 74  274 75  HOH HOH A . 
C 3 HOH 75  275 77  HOH HOH A . 
C 3 HOH 76  276 78  HOH HOH A . 
C 3 HOH 77  277 79  HOH HOH A . 
C 3 HOH 78  278 80  HOH HOH A . 
C 3 HOH 79  279 81  HOH HOH A . 
C 3 HOH 80  280 82  HOH HOH A . 
C 3 HOH 81  281 83  HOH HOH A . 
C 3 HOH 82  282 84  HOH HOH A . 
C 3 HOH 83  283 85  HOH HOH A . 
C 3 HOH 84  284 86  HOH HOH A . 
C 3 HOH 85  285 87  HOH HOH A . 
C 3 HOH 86  286 88  HOH HOH A . 
C 3 HOH 87  287 89  HOH HOH A . 
C 3 HOH 88  288 90  HOH HOH A . 
C 3 HOH 89  289 91  HOH HOH A . 
C 3 HOH 90  290 92  HOH HOH A . 
C 3 HOH 91  291 93  HOH HOH A . 
C 3 HOH 92  292 94  HOH HOH A . 
C 3 HOH 93  293 95  HOH HOH A . 
C 3 HOH 94  294 96  HOH HOH A . 
C 3 HOH 95  295 97  HOH HOH A . 
C 3 HOH 96  296 98  HOH HOH A . 
C 3 HOH 97  297 99  HOH HOH A . 
C 3 HOH 98  298 100 HOH HOH A . 
C 3 HOH 99  299 101 HOH HOH A . 
C 3 HOH 100 300 102 HOH HOH A . 
C 3 HOH 101 301 103 HOH HOH A . 
C 3 HOH 102 302 104 HOH HOH A . 
C 3 HOH 103 303 105 HOH HOH A . 
C 3 HOH 104 304 106 HOH HOH A . 
C 3 HOH 105 305 107 HOH HOH A . 
C 3 HOH 106 306 108 HOH HOH A . 
C 3 HOH 107 307 109 HOH HOH A . 
C 3 HOH 108 308 110 HOH HOH A . 
C 3 HOH 109 309 111 HOH HOH A . 
C 3 HOH 110 310 112 HOH HOH A . 
C 3 HOH 111 311 113 HOH HOH A . 
C 3 HOH 112 312 114 HOH HOH A . 
C 3 HOH 113 313 115 HOH HOH A . 
C 3 HOH 114 314 116 HOH HOH A . 
C 3 HOH 115 315 117 HOH HOH A . 
C 3 HOH 116 316 118 HOH HOH A . 
C 3 HOH 117 317 119 HOH HOH A . 
C 3 HOH 118 318 120 HOH HOH A . 
C 3 HOH 119 319 121 HOH HOH A . 
C 3 HOH 120 320 122 HOH HOH A . 
C 3 HOH 121 321 123 HOH HOH A . 
C 3 HOH 122 322 124 HOH HOH A . 
C 3 HOH 123 323 125 HOH HOH A . 
C 3 HOH 124 324 126 HOH HOH A . 
C 3 HOH 125 325 127 HOH HOH A . 
C 3 HOH 126 326 128 HOH HOH A . 
C 3 HOH 127 327 129 HOH HOH A . 
C 3 HOH 128 328 130 HOH HOH A . 
C 3 HOH 129 329 131 HOH HOH A . 
C 3 HOH 130 330 132 HOH HOH A . 
C 3 HOH 131 331 133 HOH HOH A . 
C 3 HOH 132 332 134 HOH HOH A . 
C 3 HOH 133 333 135 HOH HOH A . 
C 3 HOH 134 334 136 HOH HOH A . 
C 3 HOH 135 335 137 HOH HOH A . 
C 3 HOH 136 336 138 HOH HOH A . 
C 3 HOH 137 337 139 HOH HOH A . 
C 3 HOH 138 338 140 HOH HOH A . 
C 3 HOH 139 339 141 HOH HOH A . 
C 3 HOH 140 340 142 HOH HOH A . 
C 3 HOH 141 341 143 HOH HOH A . 
C 3 HOH 142 342 144 HOH HOH A . 
C 3 HOH 143 343 145 HOH HOH A . 
C 3 HOH 144 344 146 HOH HOH A . 
C 3 HOH 145 345 147 HOH HOH A . 
C 3 HOH 146 346 148 HOH HOH A . 
C 3 HOH 147 347 149 HOH HOH A . 
C 3 HOH 148 348 150 HOH HOH A . 
C 3 HOH 149 349 151 HOH HOH A . 
C 3 HOH 150 350 152 HOH HOH A . 
C 3 HOH 151 351 153 HOH HOH A . 
C 3 HOH 152 352 154 HOH HOH A . 
# 
loop_
_software.name 
_software.version 
_software.date 
_software.type 
_software.contact_author 
_software.contact_author_email 
_software.classification 
_software.location 
_software.language 
_software.citation_id 
_software.pdbx_ordinal 
DENZO       .       ?                package 'Zbyszek Otwinowski' zbyszek@mix.swmed.edu    'data reduction'  
http://www.lnls.br/infra/linhasluz/denzo-hkl.htm ?          ? 1 
SCALEPACK   .       ?                package 'Zbyszek Otwinowski' zbyszek@mix.swmed.edu    'data scaling'    
http://www.lnls.br/infra/linhasluz/denzo-hkl.htm ?          ? 2 
REFMAC      5.1.24  ?                program 'Murshudov, G.N.'    ccp4@dl.ac.uk            refinement        
http://www.ccp4.ac.uk/main.html                  Fortran_77 ? 3 
PDB_EXTRACT 2.000   'April. 3, 2006' package PDB                  sw-help@rcsb.rutgers.edu 'data extraction' 
http://pdb.rutgers.edu/software/                 C++        ? 4 
ADSC        QUANTUM ?                ?       ?                    ?                        'data collection' ? ?          ? 5 
HKL-2000    .       ?                ?       ?                    ?                        'data reduction'  ? ?          ? 6 
SOLVE       .       ?                ?       ?                    ?                        phasing           ? ?          ? 7 
# 
_cell.entry_id           2IMS 
_cell.length_a           57.527 
_cell.length_b           53.662 
_cell.length_c           58.281 
_cell.angle_alpha        90.00 
_cell.angle_beta         115.05 
_cell.angle_gamma        90.00 
_cell.Z_PDB              4 
_cell.pdbx_unique_axis   ? 
_cell.length_a_esd       ? 
_cell.length_b_esd       ? 
_cell.length_c_esd       ? 
_cell.angle_alpha_esd    ? 
_cell.angle_beta_esd     ? 
_cell.angle_gamma_esd    ? 
# 
_symmetry.entry_id                         2IMS 
_symmetry.space_group_name_H-M             'C 1 2 1' 
_symmetry.pdbx_full_space_group_name_H-M   ? 
_symmetry.cell_setting                     ? 
_symmetry.Int_Tables_number                5 
_symmetry.space_group_name_Hall            ? 
# 
_exptl.entry_id          2IMS 
_exptl.method            'X-RAY DIFFRACTION' 
_exptl.crystals_number   1 
# 
_exptl_crystal.id                    1 
_exptl_crystal.density_meas          ? 
_exptl_crystal.density_Matthews      2.11 
_exptl_crystal.density_percent_sol   41.57 
_exptl_crystal.description           ? 
_exptl_crystal.F_000                 ? 
_exptl_crystal.preparation           ? 
# 
_exptl_crystal_grow.crystal_id      1 
_exptl_crystal_grow.method          'VAPOR DIFFUSION, HANGING DROP' 
_exptl_crystal_grow.temp            298 
_exptl_crystal_grow.temp_details    ? 
_exptl_crystal_grow.pH              4.6 
_exptl_crystal_grow.pdbx_details    
'PEG 3350 15-30% and 1-50 mM zinc acetate, pH 4.6, VAPOR DIFFUSION, HANGING DROP, temperature 298K' 
_exptl_crystal_grow.pdbx_pH_range   . 
# 
_diffrn.id                     1 
_diffrn.ambient_temp           100 
_diffrn.ambient_temp_details   ? 
_diffrn.crystal_id             1 
# 
_diffrn_detector.diffrn_id              1 
_diffrn_detector.detector               CCD 
_diffrn_detector.type                   'ADSC QUANTUM 4' 
_diffrn_detector.pdbx_collection_date   2005-11-01 
_diffrn_detector.details                ? 
# 
_diffrn_radiation.diffrn_id                        1 
_diffrn_radiation.wavelength_id                    1 
_diffrn_radiation.pdbx_monochromatic_or_laue_m_l   M 
_diffrn_radiation.monochromator                    ? 
_diffrn_radiation.pdbx_diffrn_protocol             'SINGLE WAVELENGTH' 
_diffrn_radiation.pdbx_scattering_type             x-ray 
# 
_diffrn_radiation_wavelength.id           1 
_diffrn_radiation_wavelength.wavelength   1.514 
_diffrn_radiation_wavelength.wt           1.0 
# 
_diffrn_source.diffrn_id                   1 
_diffrn_source.source                      SYNCHROTRON 
_diffrn_source.type                        'NSLS BEAMLINE X8C' 
_diffrn_source.pdbx_synchrotron_site       NSLS 
_diffrn_source.pdbx_synchrotron_beamline   X8C 
_diffrn_source.pdbx_wavelength             ? 
_diffrn_source.pdbx_wavelength_list        1.514 
# 
_reflns.entry_id                     2IMS 
_reflns.observed_criterion_sigma_I   1 
_reflns.observed_criterion_sigma_F   2 
_reflns.d_resolution_low             100 
_reflns.d_resolution_high            1.47 
_reflns.number_obs                   27038 
_reflns.number_all                   52701 
_reflns.percent_possible_obs         98.6 
_reflns.pdbx_Rmerge_I_obs            0.04 
_reflns.pdbx_Rsym_value              0.029 
_reflns.pdbx_netI_over_sigmaI        36.5 
_reflns.B_iso_Wilson_estimate        ? 
_reflns.pdbx_redundancy              3.6 
_reflns.R_free_details               ? 
_reflns.limit_h_max                  ? 
_reflns.limit_h_min                  ? 
_reflns.limit_k_max                  ? 
_reflns.limit_k_min                  ? 
_reflns.limit_l_max                  ? 
_reflns.limit_l_min                  ? 
_reflns.observed_criterion_F_max     ? 
_reflns.observed_criterion_F_min     ? 
_reflns.pdbx_chi_squared             ? 
_reflns.pdbx_scaling_rejects         ? 
_reflns.pdbx_ordinal                 1 
_reflns.pdbx_diffrn_id               1 
# 
_reflns_shell.d_res_high             1.47 
_reflns_shell.d_res_low              1.52 
_reflns_shell.percent_possible_all   86.7 
_reflns_shell.Rmerge_I_obs           0.487 
_reflns_shell.pdbx_Rsym_value        0.348 
_reflns_shell.meanI_over_sigI_obs    2.17 
_reflns_shell.pdbx_redundancy        2.4 
_reflns_shell.percent_possible_obs   ? 
_reflns_shell.number_unique_all      ? 
_reflns_shell.number_measured_all    ? 
_reflns_shell.number_measured_obs    ? 
_reflns_shell.number_unique_obs      ? 
_reflns_shell.pdbx_chi_squared       ? 
_reflns_shell.pdbx_ordinal           1 
_reflns_shell.pdbx_diffrn_id         1 
# 
_refine.entry_id                                 2IMS 
_refine.ls_number_reflns_obs                     25678 
_refine.ls_number_reflns_all                     ? 
_refine.pdbx_ls_sigma_I                          ? 
_refine.pdbx_ls_sigma_F                          ? 
_refine.pdbx_data_cutoff_high_absF               ? 
_refine.pdbx_data_cutoff_low_absF                ? 
_refine.pdbx_data_cutoff_high_rms_absF           ? 
_refine.ls_d_res_low                             52.70 
_refine.ls_d_res_high                            1.48 
_refine.ls_percent_reflns_obs                    99.59 
_refine.ls_R_factor_obs                          0.1805 
_refine.ls_R_factor_all                          ? 
_refine.ls_R_factor_R_work                       0.17925 
_refine.ls_R_factor_R_free                       0.20402 
_refine.ls_R_factor_R_free_error                 ? 
_refine.ls_R_factor_R_free_error_details         ? 
_refine.ls_percent_reflns_R_free                 5.0 
_refine.ls_number_reflns_R_free                  1355 
_refine.ls_number_parameters                     ? 
_refine.ls_number_restraints                     ? 
_refine.occupancy_min                            ? 
_refine.occupancy_max                            ? 
_refine.correlation_coeff_Fo_to_Fc               0.965 
_refine.correlation_coeff_Fo_to_Fc_free          0.955 
_refine.B_iso_mean                               19.219 
_refine.aniso_B[1][1]                            0.50 
_refine.aniso_B[2][2]                            0.06 
_refine.aniso_B[3][3]                            -0.66 
_refine.aniso_B[1][2]                            0.00 
_refine.aniso_B[1][3]                            -0.12 
_refine.aniso_B[2][3]                            0.00 
_refine.solvent_model_details                    'BABINET MODEL WITH MASK' 
_refine.solvent_model_param_ksol                 ? 
_refine.solvent_model_param_bsol                 ? 
_refine.pdbx_solvent_vdw_probe_radii             1.40 
_refine.pdbx_solvent_ion_probe_radii             0.80 
_refine.pdbx_solvent_shrinkage_radii             0.80 
_refine.pdbx_ls_cross_valid_method               THROUGHOUT 
_refine.details                                  'HYDROGENS HAVE BEEN ADDED IN THE RIDING POSITIONS' 
_refine.pdbx_starting_model                      ? 
_refine.pdbx_method_to_determine_struct          SAD 
_refine.pdbx_isotropic_thermal_model             ? 
_refine.pdbx_stereochemistry_target_values       'MAXIMUM LIKELIHOOD' 
_refine.pdbx_stereochem_target_val_spec_case     ? 
_refine.pdbx_R_Free_selection_details            RANDOM 
_refine.pdbx_overall_ESU_R                       0.073 
_refine.pdbx_overall_ESU_R_Free                  0.073 
_refine.overall_SU_ML                            0.049 
_refine.overall_SU_B                             1.305 
_refine.ls_redundancy_reflns_obs                 ? 
_refine.B_iso_min                                ? 
_refine.B_iso_max                                ? 
_refine.overall_SU_R_Cruickshank_DPI             ? 
_refine.overall_SU_R_free                        ? 
_refine.ls_wR_factor_R_free                      ? 
_refine.ls_wR_factor_R_work                      ? 
_refine.overall_FOM_free_R_set                   ? 
_refine.overall_FOM_work_R_set                   ? 
_refine.pdbx_refine_id                           'X-RAY DIFFRACTION' 
_refine.pdbx_diffrn_id                           1 
_refine.pdbx_TLS_residual_ADP_flag               ? 
_refine.pdbx_overall_phase_error                 ? 
_refine.pdbx_overall_SU_R_free_Cruickshank_DPI   ? 
_refine.pdbx_overall_SU_R_Blow_DPI               ? 
_refine.pdbx_overall_SU_R_free_Blow_DPI          ? 
# 
_refine_hist.pdbx_refine_id                   'X-RAY DIFFRACTION' 
_refine_hist.cycle_id                         LAST 
_refine_hist.pdbx_number_atoms_protein        1300 
_refine_hist.pdbx_number_atoms_nucleic_acid   0 
_refine_hist.pdbx_number_atoms_ligand         1 
_refine_hist.number_atoms_solvent             152 
_refine_hist.number_atoms_total               1453 
_refine_hist.d_res_high                       1.48 
_refine_hist.d_res_low                        52.70 
# 
loop_
_refine_ls_restr.type 
_refine_ls_restr.dev_ideal 
_refine_ls_restr.dev_ideal_target 
_refine_ls_restr.weight 
_refine_ls_restr.number 
_refine_ls_restr.pdbx_refine_id 
_refine_ls_restr.pdbx_restraint_function 
r_bond_refined_d             0.016 0.021 ? 1336 'X-RAY DIFFRACTION' ? 
r_bond_other_d               0.002 0.020 ? 1180 'X-RAY DIFFRACTION' ? 
r_angle_refined_deg          1.437 1.922 ? 1812 'X-RAY DIFFRACTION' ? 
r_angle_other_deg            0.847 3.000 ? 2724 'X-RAY DIFFRACTION' ? 
r_dihedral_angle_1_deg       4.713 5.000 ? 162  'X-RAY DIFFRACTION' ? 
r_dihedral_angle_2_deg       ?     ?     ? ?    'X-RAY DIFFRACTION' ? 
r_dihedral_angle_3_deg       ?     ?     ? ?    'X-RAY DIFFRACTION' ? 
r_dihedral_angle_4_deg       ?     ?     ? ?    'X-RAY DIFFRACTION' ? 
r_chiral_restr               0.078 0.200 ? 194  'X-RAY DIFFRACTION' ? 
r_gen_planes_refined         0.007 0.020 ? 1519 'X-RAY DIFFRACTION' ? 
r_gen_planes_other           0.003 0.020 ? 296  'X-RAY DIFFRACTION' ? 
r_nbd_refined                0.233 0.200 ? 323  'X-RAY DIFFRACTION' ? 
r_nbd_other                  0.244 0.200 ? 1341 'X-RAY DIFFRACTION' ? 
r_nbtor_refined              ?     ?     ? ?    'X-RAY DIFFRACTION' ? 
r_nbtor_other                0.084 0.200 ? 711  'X-RAY DIFFRACTION' ? 
r_xyhbond_nbd_refined        0.186 0.200 ? 97   'X-RAY DIFFRACTION' ? 
r_xyhbond_nbd_other          ?     ?     ? ?    'X-RAY DIFFRACTION' ? 
r_metal_ion_refined          0.051 0.200 ? 2    'X-RAY DIFFRACTION' ? 
r_metal_ion_other            ?     ?     ? ?    'X-RAY DIFFRACTION' ? 
r_symmetry_vdw_refined       0.196 0.200 ? 7    'X-RAY DIFFRACTION' ? 
r_symmetry_vdw_other         0.258 0.200 ? 53   'X-RAY DIFFRACTION' ? 
r_symmetry_hbond_refined     0.189 0.200 ? 9    'X-RAY DIFFRACTION' ? 
r_symmetry_hbond_other       ?     ?     ? ?    'X-RAY DIFFRACTION' ? 
r_symmetry_metal_ion_refined ?     ?     ? ?    'X-RAY DIFFRACTION' ? 
r_symmetry_metal_ion_other   ?     ?     ? ?    'X-RAY DIFFRACTION' ? 
r_mcbond_it                  0.968 1.500 ? 808  'X-RAY DIFFRACTION' ? 
r_mcbond_other               ?     ?     ? ?    'X-RAY DIFFRACTION' ? 
r_mcangle_it                 1.804 2.000 ? 1294 'X-RAY DIFFRACTION' ? 
r_scbond_it                  2.968 3.000 ? 528  'X-RAY DIFFRACTION' ? 
r_scangle_it                 4.750 4.500 ? 518  'X-RAY DIFFRACTION' ? 
r_rigid_bond_restr           ?     ?     ? ?    'X-RAY DIFFRACTION' ? 
r_sphericity_free            ?     ?     ? ?    'X-RAY DIFFRACTION' ? 
r_sphericity_bonded          ?     ?     ? ?    'X-RAY DIFFRACTION' ? 
# 
_refine_ls_shell.pdbx_total_number_of_bins_used   20 
_refine_ls_shell.d_res_high                       1.48 
_refine_ls_shell.d_res_low                        1.513 
_refine_ls_shell.number_reflns_R_work             1821 
_refine_ls_shell.R_factor_R_work                  0.296 
_refine_ls_shell.percent_reflns_obs               ? 
_refine_ls_shell.R_factor_R_free                  0.289 
_refine_ls_shell.R_factor_R_free_error            ? 
_refine_ls_shell.percent_reflns_R_free            ? 
_refine_ls_shell.number_reflns_R_free             89 
_refine_ls_shell.number_reflns_all                ? 
_refine_ls_shell.R_factor_all                     ? 
_refine_ls_shell.redundancy_reflns_obs            ? 
_refine_ls_shell.number_reflns_obs                ? 
_refine_ls_shell.pdbx_refine_id                   'X-RAY DIFFRACTION' 
# 
_struct.entry_id                  2IMS 
_struct.title                     'The X-ray Structure of a Bak Homodimer Reveals an Inhibitory Zinc Binding Site' 
_struct.pdbx_model_details        ? 
_struct.pdbx_CASP_flag            ? 
_struct.pdbx_model_type_details   ? 
# 
_struct_keywords.entry_id        2IMS 
_struct_keywords.pdbx_keywords   APOPTOSIS 
_struct_keywords.text            'dimer, APOPTOSIS' 
# 
loop_
_struct_asym.id 
_struct_asym.pdbx_blank_PDB_chainid_flag 
_struct_asym.pdbx_modified 
_struct_asym.entity_id 
_struct_asym.details 
A N N 1 ? 
B N N 2 ? 
C N N 3 ? 
# 
_struct_ref.id                         1 
_struct_ref.db_name                    UNP 
_struct_ref.db_code                    BAK_HUMAN 
_struct_ref.pdbx_db_accession          Q16611 
_struct_ref.entity_id                  1 
_struct_ref.pdbx_seq_one_letter_code   
;EPALPSASEEQVAQDTEEVFRSYVFYRHQQEQEAEGVAAPADPEMVTLPLQPSSTMGQVGRQLAIIGDDINRRYDSEFQT
MLQHLQPTAENAYEYFTKIATSLFESGINWGRVVALLGFGYRLALHVYQHGLTGFLGQVTRFVVDFMLHHCIARWIAQRG
GWVAALNLGNG
;
_struct_ref.pdbx_align_begin           16 
_struct_ref.pdbx_db_isoform            ? 
# 
_struct_ref_seq.align_id                      1 
_struct_ref_seq.ref_id                        1 
_struct_ref_seq.pdbx_PDB_id_code              2IMS 
_struct_ref_seq.pdbx_strand_id                A 
_struct_ref_seq.seq_align_beg                 1 
_struct_ref_seq.pdbx_seq_align_beg_ins_code   ? 
_struct_ref_seq.seq_align_end                 171 
_struct_ref_seq.pdbx_seq_align_end_ins_code   ? 
_struct_ref_seq.pdbx_db_accession             Q16611 
_struct_ref_seq.db_align_beg                  16 
_struct_ref_seq.pdbx_db_align_beg_ins_code    ? 
_struct_ref_seq.db_align_end                  186 
_struct_ref_seq.pdbx_db_align_end_ins_code    ? 
_struct_ref_seq.pdbx_auth_seq_align_beg       16 
_struct_ref_seq.pdbx_auth_seq_align_end       186 
# 
loop_
_struct_ref_seq_dif.align_id 
_struct_ref_seq_dif.pdbx_pdb_id_code 
_struct_ref_seq_dif.mon_id 
_struct_ref_seq_dif.pdbx_pdb_strand_id 
_struct_ref_seq_dif.seq_num 
_struct_ref_seq_dif.pdbx_pdb_ins_code 
_struct_ref_seq_dif.pdbx_seq_db_name 
_struct_ref_seq_dif.pdbx_seq_db_accession_code 
_struct_ref_seq_dif.db_mon_id 
_struct_ref_seq_dif.pdbx_seq_db_seq_num 
_struct_ref_seq_dif.details 
_struct_ref_seq_dif.pdbx_auth_seq_num 
_struct_ref_seq_dif.pdbx_ordinal 
1 2IMS MSE A 45  ? UNP Q16611 MET 60  'modified residue' 60  1 
1 2IMS MSE A 56  ? UNP Q16611 MET 71  'modified residue' 71  2 
1 2IMS MSE A 81  ? UNP Q16611 MET 96  'modified residue' 96  3 
1 2IMS MSE A 147 ? UNP Q16611 MET 162 'modified residue' 162 4 
# 
_pdbx_struct_assembly.id                   1 
_pdbx_struct_assembly.details              author_and_software_defined_assembly 
_pdbx_struct_assembly.method_details       PISA 
_pdbx_struct_assembly.oligomeric_details   dimeric 
_pdbx_struct_assembly.oligomeric_count     2 
# 
loop_
_pdbx_struct_assembly_prop.biol_id 
_pdbx_struct_assembly_prop.type 
_pdbx_struct_assembly_prop.value 
_pdbx_struct_assembly_prop.details 
1 'ABSA (A^2)' 1440  ? 
1 MORE         -112  ? 
1 'SSA (A^2)'  15380 ? 
# 
_pdbx_struct_assembly_gen.assembly_id       1 
_pdbx_struct_assembly_gen.oper_expression   1,2 
_pdbx_struct_assembly_gen.asym_id_list      A,B,C 
# 
loop_
_pdbx_struct_oper_list.id 
_pdbx_struct_oper_list.type 
_pdbx_struct_oper_list.name 
_pdbx_struct_oper_list.symmetry_operation 
_pdbx_struct_oper_list.matrix[1][1] 
_pdbx_struct_oper_list.matrix[1][2] 
_pdbx_struct_oper_list.matrix[1][3] 
_pdbx_struct_oper_list.vector[1] 
_pdbx_struct_oper_list.matrix[2][1] 
_pdbx_struct_oper_list.matrix[2][2] 
_pdbx_struct_oper_list.matrix[2][3] 
_pdbx_struct_oper_list.vector[2] 
_pdbx_struct_oper_list.matrix[3][1] 
_pdbx_struct_oper_list.matrix[3][2] 
_pdbx_struct_oper_list.matrix[3][3] 
_pdbx_struct_oper_list.vector[3] 
1 'identity operation'         1_555 x,y,z   1.0000000000 0.0000000000 0.0000000000  0.0000000000  0.0000000000 1.0000000000  0.0000000000  0.0000000000   0.0000000000  0.0000000000  1.0000000000  0.0000000000   
2 'crystal symmetry operation' 2_555 -x,y,-z 0.1723000473 0.9825355819 -0.0702604018 13.2127866035 0.9825355819 -0.1765110205 -0.0588870955 -17.2212082185 -0.0702604018 -0.0588870955 -0.9957890268 -20.3685068605 
# 
_struct_biol.id   1 
# 
loop_
_struct_conf.conf_type_id 
_struct_conf.id 
_struct_conf.pdbx_PDB_helix_id 
_struct_conf.beg_label_comp_id 
_struct_conf.beg_label_asym_id 
_struct_conf.beg_label_seq_id 
_struct_conf.pdbx_beg_PDB_ins_code 
_struct_conf.end_label_comp_id 
_struct_conf.end_label_asym_id 
_struct_conf.end_label_seq_id 
_struct_conf.pdbx_end_PDB_ins_code 
_struct_conf.beg_auth_comp_id 
_struct_conf.beg_auth_asym_id 
_struct_conf.beg_auth_seq_id 
_struct_conf.end_auth_comp_id 
_struct_conf.end_auth_asym_id 
_struct_conf.end_auth_seq_id 
_struct_conf.pdbx_PDB_helix_class 
_struct_conf.details 
_struct_conf.pdbx_PDB_helix_length 
HELX_P HELX_P1  1  SER A 8   ? GLY A 36  ? SER A 23  GLY A 51  1 ? 29 
HELX_P HELX_P2  2  VAL A 37  ? ALA A 39  ? VAL A 52  ALA A 54  5 ? 3  
HELX_P HELX_P3  3  PRO A 43  ? LEU A 48  ? PRO A 58  LEU A 63  1 ? 6  
HELX_P HELX_P4  4  SER A 54  ? ASN A 71  ? SER A 69  ASN A 86  1 ? 18 
HELX_P HELX_P5  5  ASN A 71  ? GLN A 83  ? ASN A 86  GLN A 98  1 ? 13 
HELX_P HELX_P6  6  THR A 88  ? PHE A 104 ? THR A 103 PHE A 119 1 ? 17 
HELX_P HELX_P7  7  ASN A 109 ? HIS A 130 ? ASN A 124 HIS A 145 1 ? 22 
HELX_P HELX_P8  8  PHE A 135 ? HIS A 150 ? PHE A 150 HIS A 165 1 ? 16 
HELX_P HELX_P9  9  CYS A 151 ? ARG A 159 ? CYS A 166 ARG A 174 1 ? 9  
HELX_P HELX_P10 10 GLY A 160 ? LEU A 166 ? GLY A 175 LEU A 181 5 ? 7  
# 
_struct_conf_type.id          HELX_P 
_struct_conf_type.criteria    ? 
_struct_conf_type.reference   ? 
# 
loop_
_struct_conn.id 
_struct_conn.conn_type_id 
_struct_conn.pdbx_leaving_atom_flag 
_struct_conn.pdbx_PDB_id 
_struct_conn.ptnr1_label_asym_id 
_struct_conn.ptnr1_label_comp_id 
_struct_conn.ptnr1_label_seq_id 
_struct_conn.ptnr1_label_atom_id 
_struct_conn.pdbx_ptnr1_label_alt_id 
_struct_conn.pdbx_ptnr1_PDB_ins_code 
_struct_conn.pdbx_ptnr1_standard_comp_id 
_struct_conn.ptnr1_symmetry 
_struct_conn.ptnr2_label_asym_id 
_struct_conn.ptnr2_label_comp_id 
_struct_conn.ptnr2_label_seq_id 
_struct_conn.ptnr2_label_atom_id 
_struct_conn.pdbx_ptnr2_label_alt_id 
_struct_conn.pdbx_ptnr2_PDB_ins_code 
_struct_conn.ptnr1_auth_asym_id 
_struct_conn.ptnr1_auth_comp_id 
_struct_conn.ptnr1_auth_seq_id 
_struct_conn.ptnr2_auth_asym_id 
_struct_conn.ptnr2_auth_comp_id 
_struct_conn.ptnr2_auth_seq_id 
_struct_conn.ptnr2_symmetry 
_struct_conn.pdbx_ptnr3_label_atom_id 
_struct_conn.pdbx_ptnr3_label_seq_id 
_struct_conn.pdbx_ptnr3_label_comp_id 
_struct_conn.pdbx_ptnr3_label_asym_id 
_struct_conn.pdbx_ptnr3_label_alt_id 
_struct_conn.pdbx_ptnr3_PDB_ins_code 
_struct_conn.details 
_struct_conn.pdbx_dist_value 
_struct_conn.pdbx_value_order 
_struct_conn.pdbx_role 
covale1 covale both ? A GLU 44  C   ? ? ? 1_555 A MSE 45  N  ? ? A GLU 59  A MSE 60  1_555 ? ? ? ? ? ? ? 1.336 ? ? 
covale2 covale both ? A MSE 45  C   ? ? ? 1_555 A VAL 46  N  ? ? A MSE 60  A VAL 61  1_555 ? ? ? ? ? ? ? 1.318 ? ? 
covale3 covale both ? A THR 55  C   ? ? ? 1_555 A MSE 56  N  ? ? A THR 70  A MSE 71  1_555 ? ? ? ? ? ? ? 1.323 ? ? 
covale4 covale both ? A MSE 56  C   ? ? ? 1_555 A GLY 57  N  ? ? A MSE 71  A GLY 72  1_555 ? ? ? ? ? ? ? 1.337 ? ? 
covale5 covale both ? A THR 80  C   ? ? ? 1_555 A MSE 81  N  ? ? A THR 95  A MSE 96  1_555 ? ? ? ? ? ? ? 1.335 ? ? 
covale6 covale both ? A MSE 81  C   ? ? ? 1_555 A LEU 82  N  ? ? A MSE 96  A LEU 97  1_555 ? ? ? ? ? ? ? 1.343 ? ? 
covale7 covale both ? A PHE 146 C   ? ? ? 1_555 A MSE 147 N  ? ? A PHE 161 A MSE 162 1_555 ? ? ? ? ? ? ? 1.314 ? ? 
covale8 covale both ? A MSE 147 C   ? ? ? 1_555 A LEU 148 N  ? ? A MSE 162 A LEU 163 1_555 ? ? ? ? ? ? ? 1.322 ? ? 
metalc1 metalc ?    ? A ASP 145 OD1 ? ? ? 1_555 B ZN  .   ZN ? ? A ASP 160 A ZN  200 1_555 ? ? ? ? ? ? ? 1.979 ? ? 
metalc2 metalc ?    ? A ASP 145 OD1 ? ? ? 2_555 B ZN  .   ZN ? ? A ASP 160 A ZN  200 1_555 ? ? ? ? ? ? ? 1.997 ? ? 
metalc3 metalc ?    ? A HIS 149 NE2 ? ? ? 1_555 B ZN  .   ZN ? ? A HIS 164 A ZN  200 1_555 ? ? ? ? ? ? ? 2.061 ? ? 
metalc4 metalc ?    ? A HIS 149 NE2 ? ? ? 2_555 B ZN  .   ZN ? ? A HIS 164 A ZN  200 1_555 ? ? ? ? ? ? ? 1.980 ? ? 
# 
loop_
_struct_conn_type.id 
_struct_conn_type.criteria 
_struct_conn_type.reference 
covale ? ? 
metalc ? ? 
# 
loop_
_pdbx_struct_conn_angle.id 
_pdbx_struct_conn_angle.ptnr1_label_atom_id 
_pdbx_struct_conn_angle.ptnr1_label_alt_id 
_pdbx_struct_conn_angle.ptnr1_label_asym_id 
_pdbx_struct_conn_angle.ptnr1_label_comp_id 
_pdbx_struct_conn_angle.ptnr1_label_seq_id 
_pdbx_struct_conn_angle.ptnr1_auth_atom_id 
_pdbx_struct_conn_angle.ptnr1_auth_asym_id 
_pdbx_struct_conn_angle.ptnr1_auth_comp_id 
_pdbx_struct_conn_angle.ptnr1_auth_seq_id 
_pdbx_struct_conn_angle.ptnr1_PDB_ins_code 
_pdbx_struct_conn_angle.ptnr1_symmetry 
_pdbx_struct_conn_angle.ptnr2_label_atom_id 
_pdbx_struct_conn_angle.ptnr2_label_alt_id 
_pdbx_struct_conn_angle.ptnr2_label_asym_id 
_pdbx_struct_conn_angle.ptnr2_label_comp_id 
_pdbx_struct_conn_angle.ptnr2_label_seq_id 
_pdbx_struct_conn_angle.ptnr2_auth_atom_id 
_pdbx_struct_conn_angle.ptnr2_auth_asym_id 
_pdbx_struct_conn_angle.ptnr2_auth_comp_id 
_pdbx_struct_conn_angle.ptnr2_auth_seq_id 
_pdbx_struct_conn_angle.ptnr2_PDB_ins_code 
_pdbx_struct_conn_angle.ptnr2_symmetry 
_pdbx_struct_conn_angle.ptnr3_label_atom_id 
_pdbx_struct_conn_angle.ptnr3_label_alt_id 
_pdbx_struct_conn_angle.ptnr3_label_asym_id 
_pdbx_struct_conn_angle.ptnr3_label_comp_id 
_pdbx_struct_conn_angle.ptnr3_label_seq_id 
_pdbx_struct_conn_angle.ptnr3_auth_atom_id 
_pdbx_struct_conn_angle.ptnr3_auth_asym_id 
_pdbx_struct_conn_angle.ptnr3_auth_comp_id 
_pdbx_struct_conn_angle.ptnr3_auth_seq_id 
_pdbx_struct_conn_angle.ptnr3_PDB_ins_code 
_pdbx_struct_conn_angle.ptnr3_symmetry 
_pdbx_struct_conn_angle.value 
_pdbx_struct_conn_angle.value_esd 
1 OD1 ? A ASP 145 ? A ASP 160 ? 1_555 ZN ? B ZN . ? A ZN 200 ? 1_555 OD1 ? A ASP 145 ? A ASP 160 ? 2_555 114.6 ? 
2 OD1 ? A ASP 145 ? A ASP 160 ? 1_555 ZN ? B ZN . ? A ZN 200 ? 1_555 NE2 ? A HIS 149 ? A HIS 164 ? 1_555 99.4  ? 
3 OD1 ? A ASP 145 ? A ASP 160 ? 2_555 ZN ? B ZN . ? A ZN 200 ? 1_555 NE2 ? A HIS 149 ? A HIS 164 ? 1_555 116.4 ? 
4 OD1 ? A ASP 145 ? A ASP 160 ? 1_555 ZN ? B ZN . ? A ZN 200 ? 1_555 NE2 ? A HIS 149 ? A HIS 164 ? 2_555 121.2 ? 
5 OD1 ? A ASP 145 ? A ASP 160 ? 2_555 ZN ? B ZN . ? A ZN 200 ? 1_555 NE2 ? A HIS 149 ? A HIS 164 ? 2_555 101.6 ? 
6 NE2 ? A HIS 149 ? A HIS 164 ? 1_555 ZN ? B ZN . ? A ZN 200 ? 1_555 NE2 ? A HIS 149 ? A HIS 164 ? 2_555 104.1 ? 
# 
loop_
_pdbx_modification_feature.ordinal 
_pdbx_modification_feature.label_comp_id 
_pdbx_modification_feature.label_asym_id 
_pdbx_modification_feature.label_seq_id 
_pdbx_modification_feature.label_alt_id 
_pdbx_modification_feature.modified_residue_label_comp_id 
_pdbx_modification_feature.modified_residue_label_asym_id 
_pdbx_modification_feature.modified_residue_label_seq_id 
_pdbx_modification_feature.modified_residue_label_alt_id 
_pdbx_modification_feature.auth_comp_id 
_pdbx_modification_feature.auth_asym_id 
_pdbx_modification_feature.auth_seq_id 
_pdbx_modification_feature.PDB_ins_code 
_pdbx_modification_feature.symmetry 
_pdbx_modification_feature.modified_residue_auth_comp_id 
_pdbx_modification_feature.modified_residue_auth_asym_id 
_pdbx_modification_feature.modified_residue_auth_seq_id 
_pdbx_modification_feature.modified_residue_PDB_ins_code 
_pdbx_modification_feature.modified_residue_symmetry 
_pdbx_modification_feature.comp_id_linking_atom 
_pdbx_modification_feature.modified_residue_id_linking_atom 
_pdbx_modification_feature.modified_residue_id 
_pdbx_modification_feature.ref_pcm_id 
_pdbx_modification_feature.ref_comp_id 
_pdbx_modification_feature.type 
_pdbx_modification_feature.category 
1 MSE A 45  ? . . . . MSE A 60  ? 1_555 . . . . . . . MET 1 MSE Selenomethionine 'Named protein modification' 
2 MSE A 56  ? . . . . MSE A 71  ? 1_555 . . . . . . . MET 1 MSE Selenomethionine 'Named protein modification' 
3 MSE A 81  ? . . . . MSE A 96  ? 1_555 . . . . . . . MET 1 MSE Selenomethionine 'Named protein modification' 
4 MSE A 147 ? . . . . MSE A 162 ? 1_555 . . . . . . . MET 1 MSE Selenomethionine 'Named protein modification' 
# 
_struct_site.id                   AC1 
_struct_site.pdbx_evidence_code   Software 
_struct_site.pdbx_auth_asym_id    A 
_struct_site.pdbx_auth_comp_id    ZN 
_struct_site.pdbx_auth_seq_id     200 
_struct_site.pdbx_auth_ins_code   ? 
_struct_site.pdbx_num_residues    4 
_struct_site.details              'BINDING SITE FOR RESIDUE ZN A 200' 
# 
loop_
_struct_site_gen.id 
_struct_site_gen.site_id 
_struct_site_gen.pdbx_num_res 
_struct_site_gen.label_comp_id 
_struct_site_gen.label_asym_id 
_struct_site_gen.label_seq_id 
_struct_site_gen.pdbx_auth_ins_code 
_struct_site_gen.auth_comp_id 
_struct_site_gen.auth_asym_id 
_struct_site_gen.auth_seq_id 
_struct_site_gen.label_atom_id 
_struct_site_gen.label_alt_id 
_struct_site_gen.symmetry 
_struct_site_gen.details 
1 AC1 4 ASP A 145 ? ASP A 160 . ? 2_555 ? 
2 AC1 4 ASP A 145 ? ASP A 160 . ? 1_555 ? 
3 AC1 4 HIS A 149 ? HIS A 164 . ? 1_555 ? 
4 AC1 4 HIS A 149 ? HIS A 164 . ? 2_555 ? 
# 
_pdbx_entry_details.entry_id                   2IMS 
_pdbx_entry_details.compound_details           ? 
_pdbx_entry_details.source_details             ? 
_pdbx_entry_details.nonpolymer_details         ? 
_pdbx_entry_details.sequence_details           ? 
_pdbx_entry_details.has_ligand_of_interest     ? 
_pdbx_entry_details.has_protein_modification   Y 
# 
_pdbx_validate_close_contact.id               1 
_pdbx_validate_close_contact.PDB_model_num    1 
_pdbx_validate_close_contact.auth_atom_id_1   OD2 
_pdbx_validate_close_contact.auth_asym_id_1   A 
_pdbx_validate_close_contact.auth_comp_id_1   ASP 
_pdbx_validate_close_contact.auth_seq_id_1    30 
_pdbx_validate_close_contact.PDB_ins_code_1   ? 
_pdbx_validate_close_contact.label_alt_id_1   ? 
_pdbx_validate_close_contact.auth_atom_id_2   O 
_pdbx_validate_close_contact.auth_asym_id_2   A 
_pdbx_validate_close_contact.auth_comp_id_2   HOH 
_pdbx_validate_close_contact.auth_seq_id_2    323 
_pdbx_validate_close_contact.PDB_ins_code_2   ? 
_pdbx_validate_close_contact.label_alt_id_2   ? 
_pdbx_validate_close_contact.dist             2.09 
# 
_pdbx_validate_rmsd_angle.id                         1 
_pdbx_validate_rmsd_angle.PDB_model_num              1 
_pdbx_validate_rmsd_angle.auth_atom_id_1             CB 
_pdbx_validate_rmsd_angle.auth_asym_id_1             A 
_pdbx_validate_rmsd_angle.auth_comp_id_1             ASP 
_pdbx_validate_rmsd_angle.auth_seq_id_1              83 
_pdbx_validate_rmsd_angle.PDB_ins_code_1             ? 
_pdbx_validate_rmsd_angle.label_alt_id_1             ? 
_pdbx_validate_rmsd_angle.auth_atom_id_2             CG 
_pdbx_validate_rmsd_angle.auth_asym_id_2             A 
_pdbx_validate_rmsd_angle.auth_comp_id_2             ASP 
_pdbx_validate_rmsd_angle.auth_seq_id_2              83 
_pdbx_validate_rmsd_angle.PDB_ins_code_2             ? 
_pdbx_validate_rmsd_angle.label_alt_id_2             ? 
_pdbx_validate_rmsd_angle.auth_atom_id_3             OD2 
_pdbx_validate_rmsd_angle.auth_asym_id_3             A 
_pdbx_validate_rmsd_angle.auth_comp_id_3             ASP 
_pdbx_validate_rmsd_angle.auth_seq_id_3              83 
_pdbx_validate_rmsd_angle.PDB_ins_code_3             ? 
_pdbx_validate_rmsd_angle.label_alt_id_3             ? 
_pdbx_validate_rmsd_angle.angle_value                123.71 
_pdbx_validate_rmsd_angle.angle_target_value         118.30 
_pdbx_validate_rmsd_angle.angle_deviation            5.41 
_pdbx_validate_rmsd_angle.angle_standard_deviation   0.90 
_pdbx_validate_rmsd_angle.linker_flag                N 
# 
_pdbx_validate_torsion.id              1 
_pdbx_validate_torsion.PDB_model_num   1 
_pdbx_validate_torsion.auth_comp_id    ASP 
_pdbx_validate_torsion.auth_asym_id    A 
_pdbx_validate_torsion.auth_seq_id     57 
_pdbx_validate_torsion.PDB_ins_code    ? 
_pdbx_validate_torsion.label_alt_id    ? 
_pdbx_validate_torsion.phi             -155.51 
_pdbx_validate_torsion.psi             88.84 
# 
loop_
_pdbx_struct_mod_residue.id 
_pdbx_struct_mod_residue.label_asym_id 
_pdbx_struct_mod_residue.label_comp_id 
_pdbx_struct_mod_residue.label_seq_id 
_pdbx_struct_mod_residue.auth_asym_id 
_pdbx_struct_mod_residue.auth_comp_id 
_pdbx_struct_mod_residue.auth_seq_id 
_pdbx_struct_mod_residue.PDB_ins_code 
_pdbx_struct_mod_residue.parent_comp_id 
_pdbx_struct_mod_residue.details 
1 A MSE 45  A MSE 60  ? MET SELENOMETHIONINE 
2 A MSE 56  A MSE 71  ? MET SELENOMETHIONINE 
3 A MSE 81  A MSE 96  ? MET SELENOMETHIONINE 
4 A MSE 147 A MSE 162 ? MET SELENOMETHIONINE 
# 
_pdbx_struct_special_symmetry.id              1 
_pdbx_struct_special_symmetry.PDB_model_num   1 
_pdbx_struct_special_symmetry.auth_asym_id    A 
_pdbx_struct_special_symmetry.auth_comp_id    ZN 
_pdbx_struct_special_symmetry.auth_seq_id     200 
_pdbx_struct_special_symmetry.PDB_ins_code    ? 
_pdbx_struct_special_symmetry.label_asym_id   B 
_pdbx_struct_special_symmetry.label_comp_id   ZN 
_pdbx_struct_special_symmetry.label_seq_id    . 
# 
loop_
_pdbx_unobs_or_zero_occ_residues.id 
_pdbx_unobs_or_zero_occ_residues.PDB_model_num 
_pdbx_unobs_or_zero_occ_residues.polymer_flag 
_pdbx_unobs_or_zero_occ_residues.occupancy_flag 
_pdbx_unobs_or_zero_occ_residues.auth_asym_id 
_pdbx_unobs_or_zero_occ_residues.auth_comp_id 
_pdbx_unobs_or_zero_occ_residues.auth_seq_id 
_pdbx_unobs_or_zero_occ_residues.PDB_ins_code 
_pdbx_unobs_or_zero_occ_residues.label_asym_id 
_pdbx_unobs_or_zero_occ_residues.label_comp_id 
_pdbx_unobs_or_zero_occ_residues.label_seq_id 
1 1 Y 1 A GLU 16  ? A GLU 1   
2 1 Y 1 A PRO 17  ? A PRO 2   
3 1 Y 1 A ALA 18  ? A ALA 3   
4 1 Y 1 A ASN 182 ? A ASN 167 
5 1 Y 1 A LEU 183 ? A LEU 168 
6 1 Y 1 A GLY 184 ? A GLY 169 
7 1 Y 1 A ASN 185 ? A ASN 170 
8 1 Y 1 A GLY 186 ? A GLY 171 
# 
loop_
_chem_comp_atom.comp_id 
_chem_comp_atom.atom_id 
_chem_comp_atom.type_symbol 
_chem_comp_atom.pdbx_aromatic_flag 
_chem_comp_atom.pdbx_stereo_config 
_chem_comp_atom.pdbx_ordinal 
ALA N    N  N N 1   
ALA CA   C  N S 2   
ALA C    C  N N 3   
ALA O    O  N N 4   
ALA CB   C  N N 5   
ALA OXT  O  N N 6   
ALA H    H  N N 7   
ALA H2   H  N N 8   
ALA HA   H  N N 9   
ALA HB1  H  N N 10  
ALA HB2  H  N N 11  
ALA HB3  H  N N 12  
ALA HXT  H  N N 13  
ARG N    N  N N 14  
ARG CA   C  N S 15  
ARG C    C  N N 16  
ARG O    O  N N 17  
ARG CB   C  N N 18  
ARG CG   C  N N 19  
ARG CD   C  N N 20  
ARG NE   N  N N 21  
ARG CZ   C  N N 22  
ARG NH1  N  N N 23  
ARG NH2  N  N N 24  
ARG OXT  O  N N 25  
ARG H    H  N N 26  
ARG H2   H  N N 27  
ARG HA   H  N N 28  
ARG HB2  H  N N 29  
ARG HB3  H  N N 30  
ARG HG2  H  N N 31  
ARG HG3  H  N N 32  
ARG HD2  H  N N 33  
ARG HD3  H  N N 34  
ARG HE   H  N N 35  
ARG HH11 H  N N 36  
ARG HH12 H  N N 37  
ARG HH21 H  N N 38  
ARG HH22 H  N N 39  
ARG HXT  H  N N 40  
ASN N    N  N N 41  
ASN CA   C  N S 42  
ASN C    C  N N 43  
ASN O    O  N N 44  
ASN CB   C  N N 45  
ASN CG   C  N N 46  
ASN OD1  O  N N 47  
ASN ND2  N  N N 48  
ASN OXT  O  N N 49  
ASN H    H  N N 50  
ASN H2   H  N N 51  
ASN HA   H  N N 52  
ASN HB2  H  N N 53  
ASN HB3  H  N N 54  
ASN HD21 H  N N 55  
ASN HD22 H  N N 56  
ASN HXT  H  N N 57  
ASP N    N  N N 58  
ASP CA   C  N S 59  
ASP C    C  N N 60  
ASP O    O  N N 61  
ASP CB   C  N N 62  
ASP CG   C  N N 63  
ASP OD1  O  N N 64  
ASP OD2  O  N N 65  
ASP OXT  O  N N 66  
ASP H    H  N N 67  
ASP H2   H  N N 68  
ASP HA   H  N N 69  
ASP HB2  H  N N 70  
ASP HB3  H  N N 71  
ASP HD2  H  N N 72  
ASP HXT  H  N N 73  
CYS N    N  N N 74  
CYS CA   C  N R 75  
CYS C    C  N N 76  
CYS O    O  N N 77  
CYS CB   C  N N 78  
CYS SG   S  N N 79  
CYS OXT  O  N N 80  
CYS H    H  N N 81  
CYS H2   H  N N 82  
CYS HA   H  N N 83  
CYS HB2  H  N N 84  
CYS HB3  H  N N 85  
CYS HG   H  N N 86  
CYS HXT  H  N N 87  
GLN N    N  N N 88  
GLN CA   C  N S 89  
GLN C    C  N N 90  
GLN O    O  N N 91  
GLN CB   C  N N 92  
GLN CG   C  N N 93  
GLN CD   C  N N 94  
GLN OE1  O  N N 95  
GLN NE2  N  N N 96  
GLN OXT  O  N N 97  
GLN H    H  N N 98  
GLN H2   H  N N 99  
GLN HA   H  N N 100 
GLN HB2  H  N N 101 
GLN HB3  H  N N 102 
GLN HG2  H  N N 103 
GLN HG3  H  N N 104 
GLN HE21 H  N N 105 
GLN HE22 H  N N 106 
GLN HXT  H  N N 107 
GLU N    N  N N 108 
GLU CA   C  N S 109 
GLU C    C  N N 110 
GLU O    O  N N 111 
GLU CB   C  N N 112 
GLU CG   C  N N 113 
GLU CD   C  N N 114 
GLU OE1  O  N N 115 
GLU OE2  O  N N 116 
GLU OXT  O  N N 117 
GLU H    H  N N 118 
GLU H2   H  N N 119 
GLU HA   H  N N 120 
GLU HB2  H  N N 121 
GLU HB3  H  N N 122 
GLU HG2  H  N N 123 
GLU HG3  H  N N 124 
GLU HE2  H  N N 125 
GLU HXT  H  N N 126 
GLY N    N  N N 127 
GLY CA   C  N N 128 
GLY C    C  N N 129 
GLY O    O  N N 130 
GLY OXT  O  N N 131 
GLY H    H  N N 132 
GLY H2   H  N N 133 
GLY HA2  H  N N 134 
GLY HA3  H  N N 135 
GLY HXT  H  N N 136 
HIS N    N  N N 137 
HIS CA   C  N S 138 
HIS C    C  N N 139 
HIS O    O  N N 140 
HIS CB   C  N N 141 
HIS CG   C  Y N 142 
HIS ND1  N  Y N 143 
HIS CD2  C  Y N 144 
HIS CE1  C  Y N 145 
HIS NE2  N  Y N 146 
HIS OXT  O  N N 147 
HIS H    H  N N 148 
HIS H2   H  N N 149 
HIS HA   H  N N 150 
HIS HB2  H  N N 151 
HIS HB3  H  N N 152 
HIS HD1  H  N N 153 
HIS HD2  H  N N 154 
HIS HE1  H  N N 155 
HIS HE2  H  N N 156 
HIS HXT  H  N N 157 
HOH O    O  N N 158 
HOH H1   H  N N 159 
HOH H2   H  N N 160 
ILE N    N  N N 161 
ILE CA   C  N S 162 
ILE C    C  N N 163 
ILE O    O  N N 164 
ILE CB   C  N S 165 
ILE CG1  C  N N 166 
ILE CG2  C  N N 167 
ILE CD1  C  N N 168 
ILE OXT  O  N N 169 
ILE H    H  N N 170 
ILE H2   H  N N 171 
ILE HA   H  N N 172 
ILE HB   H  N N 173 
ILE HG12 H  N N 174 
ILE HG13 H  N N 175 
ILE HG21 H  N N 176 
ILE HG22 H  N N 177 
ILE HG23 H  N N 178 
ILE HD11 H  N N 179 
ILE HD12 H  N N 180 
ILE HD13 H  N N 181 
ILE HXT  H  N N 182 
LEU N    N  N N 183 
LEU CA   C  N S 184 
LEU C    C  N N 185 
LEU O    O  N N 186 
LEU CB   C  N N 187 
LEU CG   C  N N 188 
LEU CD1  C  N N 189 
LEU CD2  C  N N 190 
LEU OXT  O  N N 191 
LEU H    H  N N 192 
LEU H2   H  N N 193 
LEU HA   H  N N 194 
LEU HB2  H  N N 195 
LEU HB3  H  N N 196 
LEU HG   H  N N 197 
LEU HD11 H  N N 198 
LEU HD12 H  N N 199 
LEU HD13 H  N N 200 
LEU HD21 H  N N 201 
LEU HD22 H  N N 202 
LEU HD23 H  N N 203 
LEU HXT  H  N N 204 
LYS N    N  N N 205 
LYS CA   C  N S 206 
LYS C    C  N N 207 
LYS O    O  N N 208 
LYS CB   C  N N 209 
LYS CG   C  N N 210 
LYS CD   C  N N 211 
LYS CE   C  N N 212 
LYS NZ   N  N N 213 
LYS OXT  O  N N 214 
LYS H    H  N N 215 
LYS H2   H  N N 216 
LYS HA   H  N N 217 
LYS HB2  H  N N 218 
LYS HB3  H  N N 219 
LYS HG2  H  N N 220 
LYS HG3  H  N N 221 
LYS HD2  H  N N 222 
LYS HD3  H  N N 223 
LYS HE2  H  N N 224 
LYS HE3  H  N N 225 
LYS HZ1  H  N N 226 
LYS HZ2  H  N N 227 
LYS HZ3  H  N N 228 
LYS HXT  H  N N 229 
MET N    N  N N 230 
MET CA   C  N S 231 
MET C    C  N N 232 
MET O    O  N N 233 
MET CB   C  N N 234 
MET CG   C  N N 235 
MET SD   S  N N 236 
MET CE   C  N N 237 
MET OXT  O  N N 238 
MET H    H  N N 239 
MET H2   H  N N 240 
MET HA   H  N N 241 
MET HB2  H  N N 242 
MET HB3  H  N N 243 
MET HG2  H  N N 244 
MET HG3  H  N N 245 
MET HE1  H  N N 246 
MET HE2  H  N N 247 
MET HE3  H  N N 248 
MET HXT  H  N N 249 
MSE N    N  N N 250 
MSE CA   C  N S 251 
MSE C    C  N N 252 
MSE O    O  N N 253 
MSE OXT  O  N N 254 
MSE CB   C  N N 255 
MSE CG   C  N N 256 
MSE SE   SE N N 257 
MSE CE   C  N N 258 
MSE H    H  N N 259 
MSE H2   H  N N 260 
MSE HA   H  N N 261 
MSE HXT  H  N N 262 
MSE HB2  H  N N 263 
MSE HB3  H  N N 264 
MSE HG2  H  N N 265 
MSE HG3  H  N N 266 
MSE HE1  H  N N 267 
MSE HE2  H  N N 268 
MSE HE3  H  N N 269 
PHE N    N  N N 270 
PHE CA   C  N S 271 
PHE C    C  N N 272 
PHE O    O  N N 273 
PHE CB   C  N N 274 
PHE CG   C  Y N 275 
PHE CD1  C  Y N 276 
PHE CD2  C  Y N 277 
PHE CE1  C  Y N 278 
PHE CE2  C  Y N 279 
PHE CZ   C  Y N 280 
PHE OXT  O  N N 281 
PHE H    H  N N 282 
PHE H2   H  N N 283 
PHE HA   H  N N 284 
PHE HB2  H  N N 285 
PHE HB3  H  N N 286 
PHE HD1  H  N N 287 
PHE HD2  H  N N 288 
PHE HE1  H  N N 289 
PHE HE2  H  N N 290 
PHE HZ   H  N N 291 
PHE HXT  H  N N 292 
PRO N    N  N N 293 
PRO CA   C  N S 294 
PRO C    C  N N 295 
PRO O    O  N N 296 
PRO CB   C  N N 297 
PRO CG   C  N N 298 
PRO CD   C  N N 299 
PRO OXT  O  N N 300 
PRO H    H  N N 301 
PRO HA   H  N N 302 
PRO HB2  H  N N 303 
PRO HB3  H  N N 304 
PRO HG2  H  N N 305 
PRO HG3  H  N N 306 
PRO HD2  H  N N 307 
PRO HD3  H  N N 308 
PRO HXT  H  N N 309 
SER N    N  N N 310 
SER CA   C  N S 311 
SER C    C  N N 312 
SER O    O  N N 313 
SER CB   C  N N 314 
SER OG   O  N N 315 
SER OXT  O  N N 316 
SER H    H  N N 317 
SER H2   H  N N 318 
SER HA   H  N N 319 
SER HB2  H  N N 320 
SER HB3  H  N N 321 
SER HG   H  N N 322 
SER HXT  H  N N 323 
THR N    N  N N 324 
THR CA   C  N S 325 
THR C    C  N N 326 
THR O    O  N N 327 
THR CB   C  N R 328 
THR OG1  O  N N 329 
THR CG2  C  N N 330 
THR OXT  O  N N 331 
THR H    H  N N 332 
THR H2   H  N N 333 
THR HA   H  N N 334 
THR HB   H  N N 335 
THR HG1  H  N N 336 
THR HG21 H  N N 337 
THR HG22 H  N N 338 
THR HG23 H  N N 339 
THR HXT  H  N N 340 
TRP N    N  N N 341 
TRP CA   C  N S 342 
TRP C    C  N N 343 
TRP O    O  N N 344 
TRP CB   C  N N 345 
TRP CG   C  Y N 346 
TRP CD1  C  Y N 347 
TRP CD2  C  Y N 348 
TRP NE1  N  Y N 349 
TRP CE2  C  Y N 350 
TRP CE3  C  Y N 351 
TRP CZ2  C  Y N 352 
TRP CZ3  C  Y N 353 
TRP CH2  C  Y N 354 
TRP OXT  O  N N 355 
TRP H    H  N N 356 
TRP H2   H  N N 357 
TRP HA   H  N N 358 
TRP HB2  H  N N 359 
TRP HB3  H  N N 360 
TRP HD1  H  N N 361 
TRP HE1  H  N N 362 
TRP HE3  H  N N 363 
TRP HZ2  H  N N 364 
TRP HZ3  H  N N 365 
TRP HH2  H  N N 366 
TRP HXT  H  N N 367 
TYR N    N  N N 368 
TYR CA   C  N S 369 
TYR C    C  N N 370 
TYR O    O  N N 371 
TYR CB   C  N N 372 
TYR CG   C  Y N 373 
TYR CD1  C  Y N 374 
TYR CD2  C  Y N 375 
TYR CE1  C  Y N 376 
TYR CE2  C  Y N 377 
TYR CZ   C  Y N 378 
TYR OH   O  N N 379 
TYR OXT  O  N N 380 
TYR H    H  N N 381 
TYR H2   H  N N 382 
TYR HA   H  N N 383 
TYR HB2  H  N N 384 
TYR HB3  H  N N 385 
TYR HD1  H  N N 386 
TYR HD2  H  N N 387 
TYR HE1  H  N N 388 
TYR HE2  H  N N 389 
TYR HH   H  N N 390 
TYR HXT  H  N N 391 
VAL N    N  N N 392 
VAL CA   C  N S 393 
VAL C    C  N N 394 
VAL O    O  N N 395 
VAL CB   C  N N 396 
VAL CG1  C  N N 397 
VAL CG2  C  N N 398 
VAL OXT  O  N N 399 
VAL H    H  N N 400 
VAL H2   H  N N 401 
VAL HA   H  N N 402 
VAL HB   H  N N 403 
VAL HG11 H  N N 404 
VAL HG12 H  N N 405 
VAL HG13 H  N N 406 
VAL HG21 H  N N 407 
VAL HG22 H  N N 408 
VAL HG23 H  N N 409 
VAL HXT  H  N N 410 
ZN  ZN   ZN N N 411 
# 
loop_
_chem_comp_bond.comp_id 
_chem_comp_bond.atom_id_1 
_chem_comp_bond.atom_id_2 
_chem_comp_bond.value_order 
_chem_comp_bond.pdbx_aromatic_flag 
_chem_comp_bond.pdbx_stereo_config 
_chem_comp_bond.pdbx_ordinal 
ALA N   CA   sing N N 1   
ALA N   H    sing N N 2   
ALA N   H2   sing N N 3   
ALA CA  C    sing N N 4   
ALA CA  CB   sing N N 5   
ALA CA  HA   sing N N 6   
ALA C   O    doub N N 7   
ALA C   OXT  sing N N 8   
ALA CB  HB1  sing N N 9   
ALA CB  HB2  sing N N 10  
ALA CB  HB3  sing N N 11  
ALA OXT HXT  sing N N 12  
ARG N   CA   sing N N 13  
ARG N   H    sing N N 14  
ARG N   H2   sing N N 15  
ARG CA  C    sing N N 16  
ARG CA  CB   sing N N 17  
ARG CA  HA   sing N N 18  
ARG C   O    doub N N 19  
ARG C   OXT  sing N N 20  
ARG CB  CG   sing N N 21  
ARG CB  HB2  sing N N 22  
ARG CB  HB3  sing N N 23  
ARG CG  CD   sing N N 24  
ARG CG  HG2  sing N N 25  
ARG CG  HG3  sing N N 26  
ARG CD  NE   sing N N 27  
ARG CD  HD2  sing N N 28  
ARG CD  HD3  sing N N 29  
ARG NE  CZ   sing N N 30  
ARG NE  HE   sing N N 31  
ARG CZ  NH1  sing N N 32  
ARG CZ  NH2  doub N N 33  
ARG NH1 HH11 sing N N 34  
ARG NH1 HH12 sing N N 35  
ARG NH2 HH21 sing N N 36  
ARG NH2 HH22 sing N N 37  
ARG OXT HXT  sing N N 38  
ASN N   CA   sing N N 39  
ASN N   H    sing N N 40  
ASN N   H2   sing N N 41  
ASN CA  C    sing N N 42  
ASN CA  CB   sing N N 43  
ASN CA  HA   sing N N 44  
ASN C   O    doub N N 45  
ASN C   OXT  sing N N 46  
ASN CB  CG   sing N N 47  
ASN CB  HB2  sing N N 48  
ASN CB  HB3  sing N N 49  
ASN CG  OD1  doub N N 50  
ASN CG  ND2  sing N N 51  
ASN ND2 HD21 sing N N 52  
ASN ND2 HD22 sing N N 53  
ASN OXT HXT  sing N N 54  
ASP N   CA   sing N N 55  
ASP N   H    sing N N 56  
ASP N   H2   sing N N 57  
ASP CA  C    sing N N 58  
ASP CA  CB   sing N N 59  
ASP CA  HA   sing N N 60  
ASP C   O    doub N N 61  
ASP C   OXT  sing N N 62  
ASP CB  CG   sing N N 63  
ASP CB  HB2  sing N N 64  
ASP CB  HB3  sing N N 65  
ASP CG  OD1  doub N N 66  
ASP CG  OD2  sing N N 67  
ASP OD2 HD2  sing N N 68  
ASP OXT HXT  sing N N 69  
CYS N   CA   sing N N 70  
CYS N   H    sing N N 71  
CYS N   H2   sing N N 72  
CYS CA  C    sing N N 73  
CYS CA  CB   sing N N 74  
CYS CA  HA   sing N N 75  
CYS C   O    doub N N 76  
CYS C   OXT  sing N N 77  
CYS CB  SG   sing N N 78  
CYS CB  HB2  sing N N 79  
CYS CB  HB3  sing N N 80  
CYS SG  HG   sing N N 81  
CYS OXT HXT  sing N N 82  
GLN N   CA   sing N N 83  
GLN N   H    sing N N 84  
GLN N   H2   sing N N 85  
GLN CA  C    sing N N 86  
GLN CA  CB   sing N N 87  
GLN CA  HA   sing N N 88  
GLN C   O    doub N N 89  
GLN C   OXT  sing N N 90  
GLN CB  CG   sing N N 91  
GLN CB  HB2  sing N N 92  
GLN CB  HB3  sing N N 93  
GLN CG  CD   sing N N 94  
GLN CG  HG2  sing N N 95  
GLN CG  HG3  sing N N 96  
GLN CD  OE1  doub N N 97  
GLN CD  NE2  sing N N 98  
GLN NE2 HE21 sing N N 99  
GLN NE2 HE22 sing N N 100 
GLN OXT HXT  sing N N 101 
GLU N   CA   sing N N 102 
GLU N   H    sing N N 103 
GLU N   H2   sing N N 104 
GLU CA  C    sing N N 105 
GLU CA  CB   sing N N 106 
GLU CA  HA   sing N N 107 
GLU C   O    doub N N 108 
GLU C   OXT  sing N N 109 
GLU CB  CG   sing N N 110 
GLU CB  HB2  sing N N 111 
GLU CB  HB3  sing N N 112 
GLU CG  CD   sing N N 113 
GLU CG  HG2  sing N N 114 
GLU CG  HG3  sing N N 115 
GLU CD  OE1  doub N N 116 
GLU CD  OE2  sing N N 117 
GLU OE2 HE2  sing N N 118 
GLU OXT HXT  sing N N 119 
GLY N   CA   sing N N 120 
GLY N   H    sing N N 121 
GLY N   H2   sing N N 122 
GLY CA  C    sing N N 123 
GLY CA  HA2  sing N N 124 
GLY CA  HA3  sing N N 125 
GLY C   O    doub N N 126 
GLY C   OXT  sing N N 127 
GLY OXT HXT  sing N N 128 
HIS N   CA   sing N N 129 
HIS N   H    sing N N 130 
HIS N   H2   sing N N 131 
HIS CA  C    sing N N 132 
HIS CA  CB   sing N N 133 
HIS CA  HA   sing N N 134 
HIS C   O    doub N N 135 
HIS C   OXT  sing N N 136 
HIS CB  CG   sing N N 137 
HIS CB  HB2  sing N N 138 
HIS CB  HB3  sing N N 139 
HIS CG  ND1  sing Y N 140 
HIS CG  CD2  doub Y N 141 
HIS ND1 CE1  doub Y N 142 
HIS ND1 HD1  sing N N 143 
HIS CD2 NE2  sing Y N 144 
HIS CD2 HD2  sing N N 145 
HIS CE1 NE2  sing Y N 146 
HIS CE1 HE1  sing N N 147 
HIS NE2 HE2  sing N N 148 
HIS OXT HXT  sing N N 149 
HOH O   H1   sing N N 150 
HOH O   H2   sing N N 151 
ILE N   CA   sing N N 152 
ILE N   H    sing N N 153 
ILE N   H2   sing N N 154 
ILE CA  C    sing N N 155 
ILE CA  CB   sing N N 156 
ILE CA  HA   sing N N 157 
ILE C   O    doub N N 158 
ILE C   OXT  sing N N 159 
ILE CB  CG1  sing N N 160 
ILE CB  CG2  sing N N 161 
ILE CB  HB   sing N N 162 
ILE CG1 CD1  sing N N 163 
ILE CG1 HG12 sing N N 164 
ILE CG1 HG13 sing N N 165 
ILE CG2 HG21 sing N N 166 
ILE CG2 HG22 sing N N 167 
ILE CG2 HG23 sing N N 168 
ILE CD1 HD11 sing N N 169 
ILE CD1 HD12 sing N N 170 
ILE CD1 HD13 sing N N 171 
ILE OXT HXT  sing N N 172 
LEU N   CA   sing N N 173 
LEU N   H    sing N N 174 
LEU N   H2   sing N N 175 
LEU CA  C    sing N N 176 
LEU CA  CB   sing N N 177 
LEU CA  HA   sing N N 178 
LEU C   O    doub N N 179 
LEU C   OXT  sing N N 180 
LEU CB  CG   sing N N 181 
LEU CB  HB2  sing N N 182 
LEU CB  HB3  sing N N 183 
LEU CG  CD1  sing N N 184 
LEU CG  CD2  sing N N 185 
LEU CG  HG   sing N N 186 
LEU CD1 HD11 sing N N 187 
LEU CD1 HD12 sing N N 188 
LEU CD1 HD13 sing N N 189 
LEU CD2 HD21 sing N N 190 
LEU CD2 HD22 sing N N 191 
LEU CD2 HD23 sing N N 192 
LEU OXT HXT  sing N N 193 
LYS N   CA   sing N N 194 
LYS N   H    sing N N 195 
LYS N   H2   sing N N 196 
LYS CA  C    sing N N 197 
LYS CA  CB   sing N N 198 
LYS CA  HA   sing N N 199 
LYS C   O    doub N N 200 
LYS C   OXT  sing N N 201 
LYS CB  CG   sing N N 202 
LYS CB  HB2  sing N N 203 
LYS CB  HB3  sing N N 204 
LYS CG  CD   sing N N 205 
LYS CG  HG2  sing N N 206 
LYS CG  HG3  sing N N 207 
LYS CD  CE   sing N N 208 
LYS CD  HD2  sing N N 209 
LYS CD  HD3  sing N N 210 
LYS CE  NZ   sing N N 211 
LYS CE  HE2  sing N N 212 
LYS CE  HE3  sing N N 213 
LYS NZ  HZ1  sing N N 214 
LYS NZ  HZ2  sing N N 215 
LYS NZ  HZ3  sing N N 216 
LYS OXT HXT  sing N N 217 
MET N   CA   sing N N 218 
MET N   H    sing N N 219 
MET N   H2   sing N N 220 
MET CA  C    sing N N 221 
MET CA  CB   sing N N 222 
MET CA  HA   sing N N 223 
MET C   O    doub N N 224 
MET C   OXT  sing N N 225 
MET CB  CG   sing N N 226 
MET CB  HB2  sing N N 227 
MET CB  HB3  sing N N 228 
MET CG  SD   sing N N 229 
MET CG  HG2  sing N N 230 
MET CG  HG3  sing N N 231 
MET SD  CE   sing N N 232 
MET CE  HE1  sing N N 233 
MET CE  HE2  sing N N 234 
MET CE  HE3  sing N N 235 
MET OXT HXT  sing N N 236 
MSE N   CA   sing N N 237 
MSE N   H    sing N N 238 
MSE N   H2   sing N N 239 
MSE CA  C    sing N N 240 
MSE CA  CB   sing N N 241 
MSE CA  HA   sing N N 242 
MSE C   O    doub N N 243 
MSE C   OXT  sing N N 244 
MSE OXT HXT  sing N N 245 
MSE CB  CG   sing N N 246 
MSE CB  HB2  sing N N 247 
MSE CB  HB3  sing N N 248 
MSE CG  SE   sing N N 249 
MSE CG  HG2  sing N N 250 
MSE CG  HG3  sing N N 251 
MSE SE  CE   sing N N 252 
MSE CE  HE1  sing N N 253 
MSE CE  HE2  sing N N 254 
MSE CE  HE3  sing N N 255 
PHE N   CA   sing N N 256 
PHE N   H    sing N N 257 
PHE N   H2   sing N N 258 
PHE CA  C    sing N N 259 
PHE CA  CB   sing N N 260 
PHE CA  HA   sing N N 261 
PHE C   O    doub N N 262 
PHE C   OXT  sing N N 263 
PHE CB  CG   sing N N 264 
PHE CB  HB2  sing N N 265 
PHE CB  HB3  sing N N 266 
PHE CG  CD1  doub Y N 267 
PHE CG  CD2  sing Y N 268 
PHE CD1 CE1  sing Y N 269 
PHE CD1 HD1  sing N N 270 
PHE CD2 CE2  doub Y N 271 
PHE CD2 HD2  sing N N 272 
PHE CE1 CZ   doub Y N 273 
PHE CE1 HE1  sing N N 274 
PHE CE2 CZ   sing Y N 275 
PHE CE2 HE2  sing N N 276 
PHE CZ  HZ   sing N N 277 
PHE OXT HXT  sing N N 278 
PRO N   CA   sing N N 279 
PRO N   CD   sing N N 280 
PRO N   H    sing N N 281 
PRO CA  C    sing N N 282 
PRO CA  CB   sing N N 283 
PRO CA  HA   sing N N 284 
PRO C   O    doub N N 285 
PRO C   OXT  sing N N 286 
PRO CB  CG   sing N N 287 
PRO CB  HB2  sing N N 288 
PRO CB  HB3  sing N N 289 
PRO CG  CD   sing N N 290 
PRO CG  HG2  sing N N 291 
PRO CG  HG3  sing N N 292 
PRO CD  HD2  sing N N 293 
PRO CD  HD3  sing N N 294 
PRO OXT HXT  sing N N 295 
SER N   CA   sing N N 296 
SER N   H    sing N N 297 
SER N   H2   sing N N 298 
SER CA  C    sing N N 299 
SER CA  CB   sing N N 300 
SER CA  HA   sing N N 301 
SER C   O    doub N N 302 
SER C   OXT  sing N N 303 
SER CB  OG   sing N N 304 
SER CB  HB2  sing N N 305 
SER CB  HB3  sing N N 306 
SER OG  HG   sing N N 307 
SER OXT HXT  sing N N 308 
THR N   CA   sing N N 309 
THR N   H    sing N N 310 
THR N   H2   sing N N 311 
THR CA  C    sing N N 312 
THR CA  CB   sing N N 313 
THR CA  HA   sing N N 314 
THR C   O    doub N N 315 
THR C   OXT  sing N N 316 
THR CB  OG1  sing N N 317 
THR CB  CG2  sing N N 318 
THR CB  HB   sing N N 319 
THR OG1 HG1  sing N N 320 
THR CG2 HG21 sing N N 321 
THR CG2 HG22 sing N N 322 
THR CG2 HG23 sing N N 323 
THR OXT HXT  sing N N 324 
TRP N   CA   sing N N 325 
TRP N   H    sing N N 326 
TRP N   H2   sing N N 327 
TRP CA  C    sing N N 328 
TRP CA  CB   sing N N 329 
TRP CA  HA   sing N N 330 
TRP C   O    doub N N 331 
TRP C   OXT  sing N N 332 
TRP CB  CG   sing N N 333 
TRP CB  HB2  sing N N 334 
TRP CB  HB3  sing N N 335 
TRP CG  CD1  doub Y N 336 
TRP CG  CD2  sing Y N 337 
TRP CD1 NE1  sing Y N 338 
TRP CD1 HD1  sing N N 339 
TRP CD2 CE2  doub Y N 340 
TRP CD2 CE3  sing Y N 341 
TRP NE1 CE2  sing Y N 342 
TRP NE1 HE1  sing N N 343 
TRP CE2 CZ2  sing Y N 344 
TRP CE3 CZ3  doub Y N 345 
TRP CE3 HE3  sing N N 346 
TRP CZ2 CH2  doub Y N 347 
TRP CZ2 HZ2  sing N N 348 
TRP CZ3 CH2  sing Y N 349 
TRP CZ3 HZ3  sing N N 350 
TRP CH2 HH2  sing N N 351 
TRP OXT HXT  sing N N 352 
TYR N   CA   sing N N 353 
TYR N   H    sing N N 354 
TYR N   H2   sing N N 355 
TYR CA  C    sing N N 356 
TYR CA  CB   sing N N 357 
TYR CA  HA   sing N N 358 
TYR C   O    doub N N 359 
TYR C   OXT  sing N N 360 
TYR CB  CG   sing N N 361 
TYR CB  HB2  sing N N 362 
TYR CB  HB3  sing N N 363 
TYR CG  CD1  doub Y N 364 
TYR CG  CD2  sing Y N 365 
TYR CD1 CE1  sing Y N 366 
TYR CD1 HD1  sing N N 367 
TYR CD2 CE2  doub Y N 368 
TYR CD2 HD2  sing N N 369 
TYR CE1 CZ   doub Y N 370 
TYR CE1 HE1  sing N N 371 
TYR CE2 CZ   sing Y N 372 
TYR CE2 HE2  sing N N 373 
TYR CZ  OH   sing N N 374 
TYR OH  HH   sing N N 375 
TYR OXT HXT  sing N N 376 
VAL N   CA   sing N N 377 
VAL N   H    sing N N 378 
VAL N   H2   sing N N 379 
VAL CA  C    sing N N 380 
VAL CA  CB   sing N N 381 
VAL CA  HA   sing N N 382 
VAL C   O    doub N N 383 
VAL C   OXT  sing N N 384 
VAL CB  CG1  sing N N 385 
VAL CB  CG2  sing N N 386 
VAL CB  HB   sing N N 387 
VAL CG1 HG11 sing N N 388 
VAL CG1 HG12 sing N N 389 
VAL CG1 HG13 sing N N 390 
VAL CG2 HG21 sing N N 391 
VAL CG2 HG22 sing N N 392 
VAL CG2 HG23 sing N N 393 
VAL OXT HXT  sing N N 394 
# 
_atom_sites.entry_id                    2IMS 
_atom_sites.fract_transf_matrix[1][1]   -0.01162255 
_atom_sites.fract_transf_matrix[1][2]   0.01333582 
_atom_sites.fract_transf_matrix[1][3]   -0.00743238 
_atom_sites.fract_transf_matrix[2][1]   -0.01426704 
_atom_sites.fract_transf_matrix[2][2]   -0.01195758 
_atom_sites.fract_transf_matrix[2][3]   0.00085508 
_atom_sites.fract_transf_matrix[3][1]   -0.00857502 
_atom_sites.fract_transf_matrix[3][2]   0.01113886 
_atom_sites.fract_transf_matrix[3][3]   0.01269324 
_atom_sites.fract_transf_vector[1]      0.115919 
_atom_sites.fract_transf_vector[2]      -0.007885 
_atom_sites.fract_transf_vector[3]      0.281833 
# 
loop_
_atom_type.symbol 
C  
N  
O  
S  
SE 
ZN 
# 
loop_
_atom_site.group_PDB 
_atom_site.id 
_atom_site.type_symbol 
_atom_site.label_atom_id 
_atom_site.label_alt_id 
_atom_site.label_comp_id 
_atom_site.label_asym_id 
_atom_site.label_entity_id 
_atom_site.label_seq_id 
_atom_site.pdbx_PDB_ins_code 
_atom_site.Cartn_x 
_atom_site.Cartn_y 
_atom_site.Cartn_z 
_atom_site.occupancy 
_atom_site.B_iso_or_equiv 
_atom_site.pdbx_formal_charge 
_atom_site.auth_seq_id 
_atom_site.auth_comp_id 
_atom_site.auth_asym_id 
_atom_site.auth_atom_id 
_atom_site.pdbx_PDB_model_num 
ATOM   1    N  N   . LEU A 1 4   ? 25.016  13.815  8.906   1.00 40.52 ? 19  LEU A N   1 
ATOM   2    C  CA  . LEU A 1 4   ? 25.156  12.360  8.578   1.00 40.04 ? 19  LEU A CA  1 
ATOM   3    C  C   . LEU A 1 4   ? 24.173  11.985  7.491   1.00 39.59 ? 19  LEU A C   1 
ATOM   4    O  O   . LEU A 1 4   ? 23.076  12.536  7.444   1.00 39.52 ? 19  LEU A O   1 
ATOM   5    C  CB  . LEU A 1 4   ? 24.892  11.489  9.806   1.00 40.11 ? 19  LEU A CB  1 
ATOM   6    C  CG  . LEU A 1 4   ? 26.037  11.449  10.831  1.00 40.28 ? 19  LEU A CG  1 
ATOM   7    C  CD1 . LEU A 1 4   ? 25.577  10.728  12.063  1.00 40.35 ? 19  LEU A CD1 1 
ATOM   8    C  CD2 . LEU A 1 4   ? 27.295  10.797  10.253  1.00 41.41 ? 19  LEU A CD2 1 
ATOM   9    N  N   . PRO A 1 5   ? 24.550  11.043  6.627   1.00 39.17 ? 20  PRO A N   1 
ATOM   10   C  CA  . PRO A 1 5   ? 23.674  10.661  5.509   1.00 38.50 ? 20  PRO A CA  1 
ATOM   11   C  C   . PRO A 1 5   ? 22.381  10.010  6.024   1.00 37.91 ? 20  PRO A C   1 
ATOM   12   O  O   . PRO A 1 5   ? 22.419  9.183   6.945   1.00 36.85 ? 20  PRO A O   1 
ATOM   13   C  CB  . PRO A 1 5   ? 24.531  9.678   4.693   1.00 38.62 ? 20  PRO A CB  1 
ATOM   14   C  CG  . PRO A 1 5   ? 25.622  9.207   5.605   1.00 39.55 ? 20  PRO A CG  1 
ATOM   15   C  CD  . PRO A 1 5   ? 25.805  10.269  6.646   1.00 39.05 ? 20  PRO A CD  1 
ATOM   16   N  N   . SER A 1 6   ? 21.244  10.434  5.468   1.00 36.96 ? 21  SER A N   1 
ATOM   17   C  CA  . SER A 1 6   ? 19.978  9.754   5.717   1.00 36.72 ? 21  SER A CA  1 
ATOM   18   C  C   . SER A 1 6   ? 19.842  8.672   4.640   1.00 35.83 ? 21  SER A C   1 
ATOM   19   O  O   . SER A 1 6   ? 20.738  8.492   3.818   1.00 36.53 ? 21  SER A O   1 
ATOM   20   C  CB  . SER A 1 6   ? 18.806  10.746  5.718   1.00 36.21 ? 21  SER A CB  1 
ATOM   21   O  OG  . SER A 1 6   ? 18.710  11.449  4.495   1.00 37.05 ? 21  SER A OG  1 
ATOM   22   N  N   . ALA A 1 7   ? 18.718  7.962   4.633   1.00 34.73 ? 22  ALA A N   1 
ATOM   23   C  CA  . ALA A 1 7   ? 18.524  6.831   3.735   1.00 33.31 ? 22  ALA A CA  1 
ATOM   24   C  C   . ALA A 1 7   ? 18.713  7.169   2.240   1.00 32.36 ? 22  ALA A C   1 
ATOM   25   O  O   . ALA A 1 7   ? 18.196  8.170   1.731   1.00 32.04 ? 22  ALA A O   1 
ATOM   26   C  CB  . ALA A 1 7   ? 17.131  6.232   3.959   1.00 33.76 ? 22  ALA A CB  1 
ATOM   27   N  N   . SER A 1 8   ? 19.427  6.297   1.549   1.00 30.77 ? 23  SER A N   1 
ATOM   28   C  CA  . SER A 1 8   ? 19.575  6.378   0.108   1.00 29.94 ? 23  SER A CA  1 
ATOM   29   C  C   . SER A 1 8   ? 18.283  5.981   -0.620  1.00 28.75 ? 23  SER A C   1 
ATOM   30   O  O   . SER A 1 8   ? 17.390  5.386   -0.022  1.00 28.09 ? 23  SER A O   1 
ATOM   31   C  CB  . SER A 1 8   ? 20.710  5.462   -0.339  1.00 30.28 ? 23  SER A CB  1 
ATOM   32   O  OG  . SER A 1 8   ? 20.371  4.096   -0.236  1.00 30.55 ? 23  SER A OG  1 
ATOM   33   N  N   . GLU A 1 9   ? 18.196  6.296   -1.905  1.00 27.78 ? 24  GLU A N   1 
ATOM   34   C  CA  . GLU A 1 9   ? 17.144  5.790   -2.757  1.00 26.47 ? 24  GLU A CA  1 
ATOM   35   C  C   . GLU A 1 9   ? 17.041  4.282   -2.655  1.00 26.53 ? 24  GLU A C   1 
ATOM   36   O  O   . GLU A 1 9   ? 15.954  3.712   -2.626  1.00 24.03 ? 24  GLU A O   1 
ATOM   37   C  CB  . GLU A 1 9   ? 17.419  6.164   -4.211  1.00 26.62 ? 24  GLU A CB  1 
ATOM   38   C  CG  . GLU A 1 9   ? 16.396  5.634   -5.204  1.00 25.31 ? 24  GLU A CG  1 
ATOM   39   C  CD  . GLU A 1 9   ? 16.585  6.170   -6.613  1.00 26.50 ? 24  GLU A CD  1 
ATOM   40   O  OE1 . GLU A 1 9   ? 15.792  5.854   -7.518  1.00 23.19 ? 24  GLU A OE1 1 
ATOM   41   O  OE2 . GLU A 1 9   ? 17.536  6.963   -6.810  1.00 30.37 ? 24  GLU A OE2 1 
ATOM   42   N  N   . GLU A 1 10  ? 18.180  3.609   -2.667  1.00 26.45 ? 25  GLU A N   1 
ATOM   43   C  CA  . GLU A 1 10  ? 18.149  2.167   -2.620  1.00 27.44 ? 25  GLU A CA  1 
ATOM   44   C  C   . GLU A 1 10  ? 17.626  1.647   -1.275  1.00 26.10 ? 25  GLU A C   1 
ATOM   45   O  O   . GLU A 1 10  ? 16.836  0.725   -1.239  1.00 25.66 ? 25  GLU A O   1 
ATOM   46   C  CB  . GLU A 1 10  ? 19.525  1.575   -2.915  1.00 28.62 ? 25  GLU A CB  1 
ATOM   47   C  CG  . GLU A 1 10  ? 19.492  0.074   -3.181  1.00 32.66 ? 25  GLU A CG  1 
ATOM   48   C  CD  . GLU A 1 10  ? 18.750  -0.295  -4.463  1.00 40.37 ? 25  GLU A CD  1 
ATOM   49   O  OE1 . GLU A 1 10  ? 18.455  -1.504  -4.650  1.00 47.24 ? 25  GLU A OE1 1 
ATOM   50   O  OE2 . GLU A 1 10  ? 18.467  0.599   -5.302  1.00 43.05 ? 25  GLU A OE2 1 
ATOM   51   N  N   . GLN A 1 11  ? 18.069  2.229   -0.172  1.00 25.84 ? 26  GLN A N   1 
ATOM   52   C  CA  . GLN A 1 11  ? 17.584  1.821   1.125   1.00 24.84 ? 26  GLN A CA  1 
ATOM   53   C  C   . GLN A 1 11  ? 16.035  2.049   1.202   1.00 22.97 ? 26  GLN A C   1 
ATOM   54   O  O   . GLN A 1 11  ? 15.296  1.156   1.644   1.00 21.77 ? 26  GLN A O   1 
ATOM   55   C  CB  . GLN A 1 11  ? 18.338  2.524   2.249   1.00 25.80 ? 26  GLN A CB  1 
ATOM   56   C  CG  . GLN A 1 11  ? 19.841  2.075   2.399   1.00 30.04 ? 26  GLN A CG  1 
ATOM   57   C  CD  . GLN A 1 11  ? 20.704  3.026   3.250   1.00 33.56 ? 26  GLN A CD  1 
ATOM   58   O  OE1 . GLN A 1 11  ? 20.618  4.244   3.127   1.00 34.97 ? 26  GLN A OE1 1 
ATOM   59   N  NE2 . GLN A 1 11  ? 21.563  2.451   4.089   1.00 35.89 ? 26  GLN A NE2 1 
ATOM   60   N  N   . VAL A 1 12  ? 15.568  3.203   0.736   1.00 20.06 ? 27  VAL A N   1 
ATOM   61   C  CA  . VAL A 1 12  ? 14.124  3.513   0.795   1.00 18.69 ? 27  VAL A CA  1 
ATOM   62   C  C   . VAL A 1 12  ? 13.339  2.507   0.003   1.00 19.27 ? 27  VAL A C   1 
ATOM   63   O  O   . VAL A 1 12  ? 12.275  2.041   0.427   1.00 16.26 ? 27  VAL A O   1 
ATOM   64   C  CB  . VAL A 1 12  ? 13.822  4.936   0.262   1.00 17.65 ? 27  VAL A CB  1 
ATOM   65   C  CG1 . VAL A 1 12  ? 12.320  5.125   0.065   1.00 16.29 ? 27  VAL A CG1 1 
ATOM   66   C  CG2 . VAL A 1 12  ? 14.350  5.984   1.206   1.00 18.76 ? 27  VAL A CG2 1 
ATOM   67   N  N   . ALA A 1 13  ? 13.845  2.122   -1.154  1.00 19.15 ? 28  ALA A N   1 
ATOM   68   C  CA  . ALA A 1 13  ? 13.159  1.214   -2.035  1.00 19.56 ? 28  ALA A CA  1 
ATOM   69   C  C   . ALA A 1 13  ? 13.014  -0.161  -1.392  1.00 20.41 ? 28  ALA A C   1 
ATOM   70   O  O   . ALA A 1 13  ? 11.991  -0.810  -1.492  1.00 20.29 ? 28  ALA A O   1 
ATOM   71   C  CB  . ALA A 1 13  ? 13.917  1.098   -3.366  1.00 19.87 ? 28  ALA A CB  1 
ATOM   72   N  N   . GLN A 1 14  ? 14.053  -0.568  -0.684  1.00 21.72 ? 29  GLN A N   1 
ATOM   73   C  CA  . GLN A 1 14  ? 14.012  -1.835  0.047   1.00 23.38 ? 29  GLN A CA  1 
ATOM   74   C  C   . GLN A 1 14  ? 13.028  -1.775  1.211   1.00 21.95 ? 29  GLN A C   1 
ATOM   75   O  O   . GLN A 1 14  ? 12.237  -2.729  1.417   1.00 24.09 ? 29  GLN A O   1 
ATOM   76   C  CB  . GLN A 1 14  ? 15.416  -2.208  0.523   1.00 24.62 ? 29  GLN A CB  1 
ATOM   77   C  CG  . GLN A 1 14  ? 16.348  -2.574  -0.649  1.00 28.63 ? 29  GLN A CG  1 
ATOM   78   C  CD  . GLN A 1 14  ? 17.800  -2.851  -0.257  1.00 33.86 ? 29  GLN A CD  1 
ATOM   79   O  OE1 . GLN A 1 14  ? 18.414  -2.115  0.536   1.00 37.18 ? 29  GLN A OE1 1 
ATOM   80   N  NE2 . GLN A 1 14  ? 18.356  -3.909  -0.835  1.00 38.41 ? 29  GLN A NE2 1 
ATOM   81   N  N   . ASP A 1 15  ? 13.038  -0.657  1.927   1.00 19.50 ? 30  ASP A N   1 
ATOM   82   C  CA  . ASP A 1 15  ? 12.150  -0.406  3.071   1.00 18.70 ? 30  ASP A CA  1 
ATOM   83   C  C   . ASP A 1 15  ? 10.653  -0.466  2.701   1.00 16.96 ? 30  ASP A C   1 
ATOM   84   O  O   . ASP A 1 15  ? 9.816   -0.672  3.596   1.00 16.23 ? 30  ASP A O   1 
ATOM   85   C  CB  . ASP A 1 15  ? 12.392  0.979   3.696   1.00 19.95 ? 30  ASP A CB  1 
ATOM   86   C  CG  . ASP A 1 15  ? 13.660  1.075   4.509   1.00 23.52 ? 30  ASP A CG  1 
ATOM   87   O  OD1 . ASP A 1 15  ? 14.141  0.033   4.947   1.00 24.16 ? 30  ASP A OD1 1 
ATOM   88   O  OD2 . ASP A 1 15  ? 14.183  2.181   4.731   1.00 25.89 ? 30  ASP A OD2 1 
ATOM   89   N  N   . THR A 1 16  ? 10.321  -0.206  1.447   1.00 15.14 ? 31  THR A N   1 
ATOM   90   C  CA  . THR A 1 16  ? 8.919   -0.177  1.037   1.00 14.11 ? 31  THR A CA  1 
ATOM   91   C  C   . THR A 1 16  ? 8.199   -1.504  1.361   1.00 14.31 ? 31  THR A C   1 
ATOM   92   O  O   . THR A 1 16  ? 7.016   -1.502  1.682   1.00 12.39 ? 31  THR A O   1 
ATOM   93   C  CB  . THR A 1 16  ? 8.837   0.152   -0.443  1.00 13.56 ? 31  THR A CB  1 
ATOM   94   O  OG1 . THR A 1 16  ? 9.383   1.466   -0.651  1.00 15.96 ? 31  THR A OG1 1 
ATOM   95   C  CG2 . THR A 1 16  ? 7.367   0.239   -0.901  1.00 14.41 ? 31  THR A CG2 1 
ATOM   96   N  N   . GLU A 1 17  ? 8.858   -2.646  1.246   1.00 14.68 ? 32  GLU A N   1 
ATOM   97   C  CA  . GLU A 1 17  ? 8.240   -3.927  1.522   1.00 14.69 ? 32  GLU A CA  1 
ATOM   98   C  C   . GLU A 1 17  ? 7.656   -3.925  2.914   1.00 13.76 ? 32  GLU A C   1 
ATOM   99   O  O   . GLU A 1 17  ? 6.482   -4.233  3.106   1.00 12.82 ? 32  GLU A O   1 
ATOM   100  C  CB  . GLU A 1 17  ? 9.261   -5.079  1.354   1.00 16.53 ? 32  GLU A CB  1 
ATOM   101  C  CG  . GLU A 1 17  ? 8.738   -6.457  1.653   1.00 16.82 ? 32  GLU A CG  1 
ATOM   102  C  CD  . GLU A 1 17  ? 9.774   -7.562  1.476   1.00 22.46 ? 32  GLU A CD  1 
ATOM   103  O  OE1 . GLU A 1 17  ? 10.673  -7.699  2.322   1.00 28.84 ? 32  GLU A OE1 1 
ATOM   104  O  OE2 . GLU A 1 17  ? 9.676   -8.271  0.489   1.00 29.60 ? 32  GLU A OE2 1 
ATOM   105  N  N   . GLU A 1 18  ? 8.474   -3.569  3.883   1.00 13.42 ? 33  GLU A N   1 
ATOM   106  C  CA  . GLU A 1 18  ? 8.031   -3.565  5.271   1.00 14.03 ? 33  GLU A CA  1 
ATOM   107  C  C   . GLU A 1 18  ? 7.017   -2.456  5.520   1.00 13.40 ? 33  GLU A C   1 
ATOM   108  O  O   . GLU A 1 18  ? 6.038   -2.671  6.259   1.00 12.54 ? 33  GLU A O   1 
ATOM   109  C  CB  . GLU A 1 18  ? 9.203   -3.395  6.266   1.00 14.61 ? 33  GLU A CB  1 
ATOM   110  C  CG  . GLU A 1 18  ? 8.707   -3.379  7.676   1.00 17.51 ? 33  GLU A CG  1 
ATOM   111  C  CD  . GLU A 1 18  ? 9.799   -3.602  8.691   1.00 21.99 ? 33  GLU A CD  1 
ATOM   112  O  OE1 . GLU A 1 18  ? 9.427   -3.890  9.846   1.00 22.57 ? 33  GLU A OE1 1 
ATOM   113  O  OE2 . GLU A 1 18  ? 10.990  -3.494  8.315   1.00 24.81 ? 33  GLU A OE2 1 
ATOM   114  N  N   . VAL A 1 19  ? 7.172   -1.282  4.924   1.00 11.37 ? 34  VAL A N   1 
ATOM   115  C  CA  . VAL A 1 19  ? 6.167   -0.228  5.097   1.00 11.75 ? 34  VAL A CA  1 
ATOM   116  C  C   . VAL A 1 19  ? 4.808   -0.699  4.591   1.00 11.81 ? 34  VAL A C   1 
ATOM   117  O  O   . VAL A 1 19  ? 3.802   -0.466  5.250   1.00 11.47 ? 34  VAL A O   1 
ATOM   118  C  CB  . VAL A 1 19  ? 6.615   1.072   4.389   1.00 12.07 ? 34  VAL A CB  1 
ATOM   119  C  CG1 . VAL A 1 19  ? 5.515   2.124   4.404   1.00 13.10 ? 34  VAL A CG1 1 
ATOM   120  C  CG2 . VAL A 1 19  ? 7.887   1.583   5.065   1.00 13.16 ? 34  VAL A CG2 1 
ATOM   121  N  N   . PHE A 1 20  ? 4.764   -1.320  3.427   1.00 10.83 ? 35  PHE A N   1 
ATOM   122  C  CA  . PHE A 1 20  ? 3.498   -1.737  2.837   1.00 9.82  ? 35  PHE A CA  1 
ATOM   123  C  C   . PHE A 1 20  ? 2.893   -2.880  3.622   1.00 10.85 ? 35  PHE A C   1 
ATOM   124  O  O   . PHE A 1 20  ? 1.704   -2.869  3.928   1.00 9.94  ? 35  PHE A O   1 
ATOM   125  C  CB  . PHE A 1 20  ? 3.666   -2.153  1.363   1.00 9.32  ? 35  PHE A CB  1 
ATOM   126  C  CG  . PHE A 1 20  ? 2.338   -2.597  0.708   1.00 8.72  ? 35  PHE A CG  1 
ATOM   127  C  CD1 . PHE A 1 20  ? 1.308   -1.683  0.416   1.00 10.50 ? 35  PHE A CD1 1 
ATOM   128  C  CD2 . PHE A 1 20  ? 2.139   -3.919  0.391   1.00 9.50  ? 35  PHE A CD2 1 
ATOM   129  C  CE1 . PHE A 1 20  ? 0.121   -2.095  -0.138  1.00 10.69 ? 35  PHE A CE1 1 
ATOM   130  C  CE2 . PHE A 1 20  ? 1.003   -4.338  -0.197  1.00 10.53 ? 35  PHE A CE2 1 
ATOM   131  C  CZ  . PHE A 1 20  ? -0.040  -3.442  -0.467  1.00 10.24 ? 35  PHE A CZ  1 
ATOM   132  N  N   . ARG A 1 21  ? 3.672   -3.862  4.043   1.00 10.64 ? 36  ARG A N   1 
ATOM   133  C  CA  . ARG A 1 21  ? 3.135   -4.933  4.849   1.00 11.32 ? 36  ARG A CA  1 
ATOM   134  C  C   . ARG A 1 21  ? 2.554   -4.369  6.122   1.00 10.84 ? 36  ARG A C   1 
ATOM   135  O  O   . ARG A 1 21  ? 1.494   -4.830  6.575   1.00 11.05 ? 36  ARG A O   1 
ATOM   136  C  CB  . ARG A 1 21  ? 4.229   -5.967  5.201   1.00 12.02 ? 36  ARG A CB  1 
ATOM   137  C  CG  . ARG A 1 21  ? 4.681   -6.822  4.053   1.00 13.98 ? 36  ARG A CG  1 
ATOM   138  C  CD  . ARG A 1 21  ? 5.838   -7.720  4.460   1.00 16.41 ? 36  ARG A CD  1 
ATOM   139  N  NE  . ARG A 1 21  ? 6.089   -8.704  3.425   1.00 19.11 ? 36  ARG A NE  1 
ATOM   140  C  CZ  . ARG A 1 21  ? 7.141   -9.525  3.450   1.00 23.96 ? 36  ARG A CZ  1 
ATOM   141  N  NH1 . ARG A 1 21  ? 8.025   -9.451  4.413   1.00 26.89 ? 36  ARG A NH1 1 
ATOM   142  N  NH2 . ARG A 1 21  ? 7.298   -10.427 2.492   1.00 26.74 ? 36  ARG A NH2 1 
ATOM   143  N  N   . SER A 1 22  ? 3.234   -3.425  6.743   1.00 10.31 ? 37  SER A N   1 
ATOM   144  C  CA  . SER A 1 22  ? 2.789   -2.874  8.018   1.00 11.16 ? 37  SER A CA  1 
ATOM   145  C  C   . SER A 1 22  ? 1.523   -2.047  7.776   1.00 12.12 ? 37  SER A C   1 
ATOM   146  O  O   . SER A 1 22  ? 0.550   -2.142  8.531   1.00 11.50 ? 37  SER A O   1 
ATOM   147  C  CB  . SER A 1 22  ? 3.902   -2.049  8.629   1.00 11.82 ? 37  SER A CB  1 
ATOM   148  O  OG  . SER A 1 22  ? 5.046   -2.853  8.843   1.00 19.54 ? 37  SER A OG  1 
ATOM   149  N  N   . TYR A 1 23  ? 1.502   -1.216  6.741   1.00 11.58 ? 38  TYR A N   1 
ATOM   150  C  CA  . TYR A 1 23  ? 0.303   -0.498  6.347   1.00 11.28 ? 38  TYR A CA  1 
ATOM   151  C  C   . TYR A 1 23  ? -0.864  -1.457  6.181   1.00 11.65 ? 38  TYR A C   1 
ATOM   152  O  O   . TYR A 1 23  ? -1.931  -1.207  6.712   1.00 13.12 ? 38  TYR A O   1 
ATOM   153  C  CB  . TYR A 1 23  ? 0.554   0.290   5.071   1.00 11.24 ? 38  TYR A CB  1 
ATOM   154  C  CG  . TYR A 1 23  ? -0.675  0.987   4.524   1.00 12.54 ? 38  TYR A CG  1 
ATOM   155  C  CD1 . TYR A 1 23  ? -1.067  2.241   4.994   1.00 13.13 ? 38  TYR A CD1 1 
ATOM   156  C  CD2 . TYR A 1 23  ? -1.457  0.363   3.593   1.00 12.64 ? 38  TYR A CD2 1 
ATOM   157  C  CE1 . TYR A 1 23  ? -2.209  2.837   4.494   1.00 14.04 ? 38  TYR A CE1 1 
ATOM   158  C  CE2 . TYR A 1 23  ? -2.578  0.940   3.097   1.00 13.77 ? 38  TYR A CE2 1 
ATOM   159  C  CZ  . TYR A 1 23  ? -2.958  2.158   3.543   1.00 13.87 ? 38  TYR A CZ  1 
ATOM   160  O  OH  . TYR A 1 23  ? -4.132  2.759   3.051   1.00 16.50 ? 38  TYR A OH  1 
ATOM   161  N  N   . VAL A 1 24  ? -0.678  -2.524  5.436   1.00 10.64 ? 39  VAL A N   1 
ATOM   162  C  CA  . VAL A 1 24  ? -1.774  -3.465  5.207   1.00 10.37 ? 39  VAL A CA  1 
ATOM   163  C  C   . VAL A 1 24  ? -2.262  -4.056  6.527   1.00 12.03 ? 39  VAL A C   1 
ATOM   164  O  O   . VAL A 1 24  ? -3.465  -4.166  6.782   1.00 11.28 ? 39  VAL A O   1 
ATOM   165  C  CB  . VAL A 1 24  ? -1.307  -4.593  4.224   1.00 9.65  ? 39  VAL A CB  1 
ATOM   166  C  CG1 . VAL A 1 24  ? -2.257  -5.772  4.241   1.00 11.97 ? 39  VAL A CG1 1 
ATOM   167  C  CG2 . VAL A 1 24  ? -1.192  -4.024  2.845   1.00 11.28 ? 39  VAL A CG2 1 
ATOM   168  N  N   . PHE A 1 25  ? -1.347  -4.481  7.361   1.00 10.84 ? 40  PHE A N   1 
ATOM   169  C  CA  . PHE A 1 25  ? -1.732  -5.109  8.624   1.00 11.84 ? 40  PHE A CA  1 
ATOM   170  C  C   . PHE A 1 25  ? -2.571  -4.120  9.454   1.00 12.26 ? 40  PHE A C   1 
ATOM   171  O  O   . PHE A 1 25  ? -3.644  -4.462  9.973   1.00 12.21 ? 40  PHE A O   1 
ATOM   172  C  CB  . PHE A 1 25  ? -0.517  -5.574  9.449   1.00 11.76 ? 40  PHE A CB  1 
ATOM   173  C  CG  . PHE A 1 25  ? -0.901  -6.178  10.758  1.00 14.85 ? 40  PHE A CG  1 
ATOM   174  C  CD1 . PHE A 1 25  ? -1.250  -7.492  10.861  1.00 13.48 ? 40  PHE A CD1 1 
ATOM   175  C  CD2 . PHE A 1 25  ? -0.931  -5.395  11.876  1.00 15.37 ? 40  PHE A CD2 1 
ATOM   176  C  CE1 . PHE A 1 25  ? -1.693  -8.039  12.062  1.00 16.95 ? 40  PHE A CE1 1 
ATOM   177  C  CE2 . PHE A 1 25  ? -1.337  -5.946  13.117  1.00 17.76 ? 40  PHE A CE2 1 
ATOM   178  C  CZ  . PHE A 1 25  ? -1.711  -7.251  13.197  1.00 14.98 ? 40  PHE A CZ  1 
ATOM   179  N  N   . TYR A 1 26  ? -2.042  -2.936  9.663   1.00 12.23 ? 41  TYR A N   1 
ATOM   180  C  CA  . TYR A 1 26  ? -2.710  -1.989  10.567  1.00 12.75 ? 41  TYR A CA  1 
ATOM   181  C  C   . TYR A 1 26  ? -3.941  -1.425  9.893   1.00 13.62 ? 41  TYR A C   1 
ATOM   182  O  O   . TYR A 1 26  ? -4.967  -1.180  10.594  1.00 14.86 ? 41  TYR A O   1 
ATOM   183  C  CB  . TYR A 1 26  ? -1.747  -0.912  11.028  1.00 13.18 ? 41  TYR A CB  1 
ATOM   184  C  CG  . TYR A 1 26  ? -0.741  -1.498  11.976  1.00 14.54 ? 41  TYR A CG  1 
ATOM   185  C  CD1 . TYR A 1 26  ? -1.133  -2.038  13.231  1.00 16.26 ? 41  TYR A CD1 1 
ATOM   186  C  CD2 . TYR A 1 26  ? 0.600   -1.630  11.630  1.00 16.85 ? 41  TYR A CD2 1 
ATOM   187  C  CE1 . TYR A 1 26  ? -0.215  -2.620  14.088  1.00 17.02 ? 41  TYR A CE1 1 
ATOM   188  C  CE2 . TYR A 1 26  ? 1.517   -2.211  12.485  1.00 18.79 ? 41  TYR A CE2 1 
ATOM   189  C  CZ  . TYR A 1 26  ? 1.123   -2.723  13.709  1.00 18.69 ? 41  TYR A CZ  1 
ATOM   190  O  OH  . TYR A 1 26  ? 2.076   -3.290  14.553  1.00 20.03 ? 41  TYR A OH  1 
ATOM   191  N  N   . ARG A 1 27  ? -3.932  -1.242  8.593   1.00 14.17 ? 42  ARG A N   1 
ATOM   192  C  CA  . ARG A 1 27  ? -5.148  -0.796  7.970   1.00 12.87 ? 42  ARG A CA  1 
ATOM   193  C  C   . ARG A 1 27  ? -6.222  -1.862  8.126   1.00 14.64 ? 42  ARG A C   1 
ATOM   194  O  O   . ARG A 1 27  ? -7.395  -1.533  8.358   1.00 14.46 ? 42  ARG A O   1 
ATOM   195  C  CB  . ARG A 1 27  ? -4.978  -0.451  6.515   1.00 14.40 ? 42  ARG A CB  1 
ATOM   196  C  CG  . ARG A 1 27  ? -6.302  -0.137  5.902   1.00 17.34 ? 42  ARG A CG  1 
ATOM   197  C  CD  . ARG A 1 27  ? -6.177  0.470   4.607   1.00 17.64 ? 42  ARG A CD  1 
ATOM   198  N  NE  . ARG A 1 27  ? -7.503  0.554   4.026   1.00 20.68 ? 42  ARG A NE  1 
ATOM   199  C  CZ  . ARG A 1 27  ? -7.773  1.057   2.857   1.00 21.51 ? 42  ARG A CZ  1 
ATOM   200  N  NH1 . ARG A 1 27  ? -9.029  1.028   2.415   1.00 23.22 ? 42  ARG A NH1 1 
ATOM   201  N  NH2 . ARG A 1 27  ? -6.831  1.610   2.127   1.00 19.69 ? 42  ARG A NH2 1 
ATOM   202  N  N   . HIS A 1 28  ? -5.898  -3.130  7.961   1.00 13.16 ? 43  HIS A N   1 
ATOM   203  C  CA  . HIS A 1 28  ? -6.877  -4.198  8.074   1.00 13.63 ? 43  HIS A CA  1 
ATOM   204  C  C   . HIS A 1 28  ? -7.400  -4.255  9.516   1.00 13.56 ? 43  HIS A C   1 
ATOM   205  O  O   . HIS A 1 28  ? -8.611  -4.493  9.747   1.00 14.10 ? 43  HIS A O   1 
ATOM   206  C  CB  . HIS A 1 28  ? -6.250  -5.532  7.642   1.00 12.50 ? 43  HIS A CB  1 
ATOM   207  C  CG  . HIS A 1 28  ? -7.245  -6.627  7.480   1.00 12.39 ? 43  HIS A CG  1 
ATOM   208  N  ND1 . HIS A 1 28  ? -8.250  -6.560  6.543   1.00 16.72 ? 43  HIS A ND1 1 
ATOM   209  C  CD2 . HIS A 1 28  ? -7.372  -7.831  8.086   1.00 13.66 ? 43  HIS A CD2 1 
ATOM   210  C  CE1 . HIS A 1 28  ? -8.962  -7.673  6.589   1.00 16.81 ? 43  HIS A CE1 1 
ATOM   211  N  NE2 . HIS A 1 28  ? -8.467  -8.454  7.527   1.00 14.49 ? 43  HIS A NE2 1 
ATOM   212  N  N   . GLN A 1 29  ? -6.507  -4.091  10.488  1.00 13.46 ? 44  GLN A N   1 
ATOM   213  C  CA  . GLN A 1 29  ? -6.909  -4.067  11.881  1.00 14.31 ? 44  GLN A CA  1 
ATOM   214  C  C   . GLN A 1 29  ? -7.890  -2.902  12.116  1.00 15.64 ? 44  GLN A C   1 
ATOM   215  O  O   . GLN A 1 29  ? -8.938  -3.054  12.802  1.00 16.35 ? 44  GLN A O   1 
ATOM   216  C  CB  . GLN A 1 29  ? -5.696  -3.947  12.789  1.00 15.21 ? 44  GLN A CB  1 
ATOM   217  C  CG  . GLN A 1 29  ? -5.916  -4.130  14.259  1.00 17.55 ? 44  GLN A CG  1 
ATOM   218  C  CD  . GLN A 1 29  ? -4.611  -3.941  15.008  1.00 19.68 ? 44  GLN A CD  1 
ATOM   219  O  OE1 . GLN A 1 29  ? -4.010  -2.867  14.920  1.00 20.63 ? 44  GLN A OE1 1 
ATOM   220  N  NE2 . GLN A 1 29  ? -4.147  -4.965  15.696  1.00 24.35 ? 44  GLN A NE2 1 
ATOM   221  N  N   . GLN A 1 30  ? -7.597  -1.730  11.575  1.00 15.72 ? 45  GLN A N   1 
ATOM   222  C  CA  . GLN A 1 30  ? -8.486  -0.587  11.716  1.00 16.54 ? 45  GLN A CA  1 
ATOM   223  C  C   . GLN A 1 30  ? -9.825  -0.838  11.068  1.00 17.49 ? 45  GLN A C   1 
ATOM   224  O  O   . GLN A 1 30  ? -10.865 -0.411  11.598  1.00 16.64 ? 45  GLN A O   1 
ATOM   225  C  CB  . GLN A 1 30  ? -7.875  0.650   11.076  1.00 16.58 ? 45  GLN A CB  1 
ATOM   226  C  CG  . GLN A 1 30  ? -6.759  1.219   11.874  1.00 20.09 ? 45  GLN A CG  1 
ATOM   227  C  CD  . GLN A 1 30  ? -5.929  2.194   11.075  1.00 23.75 ? 45  GLN A CD  1 
ATOM   228  O  OE1 . GLN A 1 30  ? -6.383  2.774   10.058  1.00 26.31 ? 45  GLN A OE1 1 
ATOM   229  N  NE2 . GLN A 1 30  ? -4.711  2.389   11.525  1.00 25.42 ? 45  GLN A NE2 1 
ATOM   230  N  N   . GLU A 1 31  ? -9.849  -1.507  9.939   1.00 16.92 ? 46  GLU A N   1 
ATOM   231  C  CA  . GLU A 1 31  ? -11.103 -1.819  9.247   1.00 17.55 ? 46  GLU A CA  1 
ATOM   232  C  C   . GLU A 1 31  ? -11.952 -2.777  10.097  1.00 17.67 ? 46  GLU A C   1 
ATOM   233  O  O   . GLU A 1 31  ? -13.183 -2.613  10.197  1.00 17.20 ? 46  GLU A O   1 
ATOM   234  C  CB  . GLU A 1 31  ? -10.862 -2.407  7.862   1.00 19.71 ? 46  GLU A CB  1 
ATOM   235  C  CG  . GLU A 1 31  ? -11.144 -1.386  6.800   1.00 26.96 ? 46  GLU A CG  1 
ATOM   236  C  CD  . GLU A 1 31  ? -10.689 -1.760  5.418   1.00 28.53 ? 46  GLU A CD  1 
ATOM   237  O  OE1 . GLU A 1 31  ? -10.933 -2.933  4.982   1.00 25.25 ? 46  GLU A OE1 1 
ATOM   238  O  OE2 . GLU A 1 31  ? -10.133 -0.819  4.779   1.00 30.47 ? 46  GLU A OE2 1 
ATOM   239  N  N   . GLN A 1 32  ? -11.312 -3.725  10.754  1.00 15.98 ? 47  GLN A N   1 
ATOM   240  C  CA  . GLN A 1 32  ? -11.998 -4.643  11.688  1.00 18.29 ? 47  GLN A CA  1 
ATOM   241  C  C   . GLN A 1 32  ? -12.565 -3.843  12.866  1.00 18.45 ? 47  GLN A C   1 
ATOM   242  O  O   . GLN A 1 32  ? -13.684 -4.114  13.327  1.00 19.73 ? 47  GLN A O   1 
ATOM   243  C  CB  . GLN A 1 32  ? -11.050 -5.794  12.125  1.00 18.50 ? 47  GLN A CB  1 
ATOM   244  C  CG  . GLN A 1 32  ? -10.619 -6.740  10.980  1.00 24.50 ? 47  GLN A CG  1 
ATOM   245  C  CD  . GLN A 1 32  ? -9.581  -7.833  11.399  1.00 30.25 ? 47  GLN A CD  1 
ATOM   246  O  OE1 . GLN A 1 32  ? -9.713  -9.011  11.011  1.00 31.74 ? 47  GLN A OE1 1 
ATOM   247  N  NE2 . GLN A 1 32  ? -8.544  -7.436  12.132  1.00 33.75 ? 47  GLN A NE2 1 
ATOM   248  N  N   . GLU A 1 33  ? -11.855 -2.829  13.328  1.00 17.94 ? 48  GLU A N   1 
ATOM   249  C  CA  . GLU A 1 33  ? -12.282 -2.062  14.497  1.00 19.01 ? 48  GLU A CA  1 
ATOM   250  C  C   . GLU A 1 33  ? -13.467 -1.198  14.118  1.00 18.71 ? 48  GLU A C   1 
ATOM   251  O  O   . GLU A 1 33  ? -14.394 -0.990  14.933  1.00 20.01 ? 48  GLU A O   1 
ATOM   252  C  CB  . GLU A 1 33  ? -11.126 -1.215  15.014  1.00 20.71 ? 48  GLU A CB  1 
ATOM   253  C  CG  . GLU A 1 33  ? -10.120 -2.048  15.770  1.00 25.10 ? 48  GLU A CG  1 
ATOM   254  C  CD  . GLU A 1 33  ? -8.936  -1.232  16.244  1.00 33.06 ? 48  GLU A CD  1 
ATOM   255  O  OE1 . GLU A 1 33  ? -9.082  -0.423  17.205  1.00 37.87 ? 48  GLU A OE1 1 
ATOM   256  O  OE2 . GLU A 1 33  ? -7.863  -1.381  15.637  1.00 38.34 ? 48  GLU A OE2 1 
ATOM   257  N  N   . ALA A 1 34  ? -13.461 -0.692  12.905  1.00 17.62 ? 49  ALA A N   1 
ATOM   258  C  CA  . ALA A 1 34  ? -14.495 0.236   12.460  1.00 17.90 ? 49  ALA A CA  1 
ATOM   259  C  C   . ALA A 1 34  ? -15.724 -0.458  11.961  1.00 18.04 ? 49  ALA A C   1 
ATOM   260  O  O   . ALA A 1 34  ? -16.814 0.113   12.091  1.00 17.27 ? 49  ALA A O   1 
ATOM   261  C  CB  . ALA A 1 34  ? -13.978 1.187   11.377  1.00 19.87 ? 49  ALA A CB  1 
ATOM   262  N  N   . GLU A 1 35  ? -15.577 -1.622  11.345  1.00 16.95 ? 50  GLU A N   1 
ATOM   263  C  CA  . GLU A 1 35  ? -16.678 -2.328  10.672  1.00 16.44 ? 50  GLU A CA  1 
ATOM   264  C  C   . GLU A 1 35  ? -17.129 -3.583  11.422  1.00 16.19 ? 50  GLU A C   1 
ATOM   265  O  O   . GLU A 1 35  ? -18.229 -4.095  11.158  1.00 15.92 ? 50  GLU A O   1 
ATOM   266  C  CB  . GLU A 1 35  ? -16.290 -2.686  9.240   1.00 16.48 ? 50  GLU A CB  1 
ATOM   267  C  CG  . GLU A 1 35  ? -15.951 -1.447  8.444   1.00 20.02 ? 50  GLU A CG  1 
ATOM   268  C  CD  . GLU A 1 35  ? -15.514 -1.683  7.022   1.00 23.05 ? 50  GLU A CD  1 
ATOM   269  O  OE1 . GLU A 1 35  ? -15.542 -2.818  6.515   1.00 28.34 ? 50  GLU A OE1 1 
ATOM   270  O  OE2 . GLU A 1 35  ? -15.180 -0.646  6.397   1.00 29.21 ? 50  GLU A OE2 1 
ATOM   271  N  N   . GLY A 1 36  ? -16.313 -4.113  12.331  1.00 16.66 ? 51  GLY A N   1 
ATOM   272  C  CA  . GLY A 1 36  ? -16.683 -5.313  13.063  1.00 17.57 ? 51  GLY A CA  1 
ATOM   273  C  C   . GLY A 1 36  ? -17.000 -6.451  12.103  1.00 19.83 ? 51  GLY A C   1 
ATOM   274  O  O   . GLY A 1 36  ? -16.258 -6.679  11.145  1.00 19.75 ? 51  GLY A O   1 
ATOM   275  N  N   . VAL A 1 37  ? -18.128 -7.150  12.282  1.00 19.13 ? 52  VAL A N   1 
ATOM   276  C  CA  . VAL A 1 37  ? -18.406 -8.288  11.434  1.00 21.34 ? 52  VAL A CA  1 
ATOM   277  C  C   . VAL A 1 37  ? -18.761 -7.905  9.992   1.00 20.03 ? 52  VAL A C   1 
ATOM   278  O  O   . VAL A 1 37  ? -18.868 -8.766  9.128   1.00 21.68 ? 52  VAL A O   1 
ATOM   279  C  CB  . VAL A 1 37  ? -19.508 -9.186  12.014  1.00 22.94 ? 52  VAL A CB  1 
ATOM   280  C  CG1 . VAL A 1 37  ? -19.062 -9.764  13.318  1.00 24.41 ? 52  VAL A CG1 1 
ATOM   281  C  CG2 . VAL A 1 37  ? -20.828 -8.413  12.140  1.00 24.67 ? 52  VAL A CG2 1 
ATOM   282  N  N   . ALA A 1 38  ? -18.951 -6.618  9.715   1.00 20.29 ? 53  ALA A N   1 
ATOM   283  C  CA  . ALA A 1 38  ? -19.087 -6.171  8.349   1.00 20.09 ? 53  ALA A CA  1 
ATOM   284  C  C   . ALA A 1 38  ? -17.770 -6.057  7.567   1.00 20.60 ? 53  ALA A C   1 
ATOM   285  O  O   . ALA A 1 38  ? -17.805 -5.856  6.347   1.00 21.66 ? 53  ALA A O   1 
ATOM   286  C  CB  . ALA A 1 38  ? -19.816 -4.810  8.269   1.00 19.66 ? 53  ALA A CB  1 
ATOM   287  N  N   . ALA A 1 39  ? -16.636 -6.152  8.270   1.00 19.36 ? 54  ALA A N   1 
ATOM   288  C  CA  . ALA A 1 39  ? -15.326 -5.965  7.626   1.00 19.15 ? 54  ALA A CA  1 
ATOM   289  C  C   . ALA A 1 39  ? -15.105 -7.110  6.666   1.00 18.59 ? 54  ALA A C   1 
ATOM   290  O  O   . ALA A 1 39  ? -15.403 -8.224  6.981   1.00 19.43 ? 54  ALA A O   1 
ATOM   291  C  CB  . ALA A 1 39  ? -14.246 -5.965  8.657   1.00 18.28 ? 54  ALA A CB  1 
ATOM   292  N  N   . PRO A 1 40  ? -14.581 -6.846  5.491   1.00 20.16 ? 55  PRO A N   1 
ATOM   293  C  CA  . PRO A 1 40  ? -14.273 -7.914  4.516   1.00 20.88 ? 55  PRO A CA  1 
ATOM   294  C  C   . PRO A 1 40  ? -13.154 -8.830  5.066   1.00 19.05 ? 55  PRO A C   1 
ATOM   295  O  O   . PRO A 1 40  ? -12.192 -8.334  5.630   1.00 19.91 ? 55  PRO A O   1 
ATOM   296  C  CB  . PRO A 1 40  ? -13.815 -7.127  3.273   1.00 20.64 ? 55  PRO A CB  1 
ATOM   297  C  CG  . PRO A 1 40  ? -13.349 -5.852  3.800   1.00 23.06 ? 55  PRO A CG  1 
ATOM   298  C  CD  . PRO A 1 40  ? -14.236 -5.517  4.988   1.00 19.76 ? 55  PRO A CD  1 
ATOM   299  N  N   . ALA A 1 41  ? -13.309 -10.135 4.920   1.00 18.43 ? 56  ALA A N   1 
ATOM   300  C  CA  . ALA A 1 41  ? -12.359 -11.082 5.441   1.00 17.76 ? 56  ALA A CA  1 
ATOM   301  C  C   . ALA A 1 41  ? -11.144 -11.276 4.497   1.00 16.26 ? 56  ALA A C   1 
ATOM   302  O  O   . ALA A 1 41  ? -11.311 -11.380 3.294   1.00 16.47 ? 56  ALA A O   1 
ATOM   303  C  CB  . ALA A 1 41  ? -13.035 -12.431 5.704   1.00 19.59 ? 56  ALA A CB  1 
ATOM   304  N  N   . ASP A 1 42  ? -9.949  -11.231 5.070   1.00 15.02 ? 57  ASP A N   1 
ATOM   305  C  CA  . ASP A 1 42  ? -8.717  -11.590 4.348   1.00 13.64 ? 57  ASP A CA  1 
ATOM   306  C  C   . ASP A 1 42  ? -7.693  -12.014 5.371   1.00 13.46 ? 57  ASP A C   1 
ATOM   307  O  O   . ASP A 1 42  ? -6.918  -11.225 5.882   1.00 13.41 ? 57  ASP A O   1 
ATOM   308  C  CB  . ASP A 1 42  ? -8.192  -10.428 3.527   1.00 12.60 ? 57  ASP A CB  1 
ATOM   309  C  CG  . ASP A 1 42  ? -7.112  -10.841 2.634   1.00 12.49 ? 57  ASP A CG  1 
ATOM   310  O  OD1 . ASP A 1 42  ? -6.510  -11.914 2.863   1.00 12.22 ? 57  ASP A OD1 1 
ATOM   311  O  OD2 . ASP A 1 42  ? -6.844  -10.164 1.616   1.00 11.77 ? 57  ASP A OD2 1 
ATOM   312  N  N   . PRO A 1 43  ? -7.691  -13.316 5.703   1.00 14.14 ? 58  PRO A N   1 
ATOM   313  C  CA  . PRO A 1 43  ? -6.721  -13.833 6.665   1.00 14.29 ? 58  PRO A CA  1 
ATOM   314  C  C   . PRO A 1 43  ? -5.279  -13.584 6.284   1.00 14.28 ? 58  PRO A C   1 
ATOM   315  O  O   . PRO A 1 43  ? -4.447  -13.530 7.167   1.00 14.76 ? 58  PRO A O   1 
ATOM   316  C  CB  . PRO A 1 43  ? -7.029  -15.351 6.711   1.00 15.37 ? 58  PRO A CB  1 
ATOM   317  C  CG  . PRO A 1 43  ? -8.478  -15.436 6.282   1.00 17.93 ? 58  PRO A CG  1 
ATOM   318  C  CD  . PRO A 1 43  ? -8.618  -14.361 5.222   1.00 16.23 ? 58  PRO A CD  1 
ATOM   319  N  N   . GLU A 1 44  ? -4.987  -13.447 4.993   1.00 12.85 ? 59  GLU A N   1 
ATOM   320  C  CA  . GLU A 1 44  ? -3.618  -13.163 4.529   1.00 12.78 ? 59  GLU A CA  1 
ATOM   321  C  C   . GLU A 1 44  ? -3.090  -11.880 5.089   1.00 12.88 ? 59  GLU A C   1 
ATOM   322  O  O   . GLU A 1 44  ? -1.884  -11.772 5.305   1.00 13.77 ? 59  GLU A O   1 
ATOM   323  C  CB  . GLU A 1 44  ? -3.516  -13.180 2.988   1.00 13.17 ? 59  GLU A CB  1 
ATOM   324  C  CG  . GLU A 1 44  ? -4.046  -14.464 2.379   1.00 15.06 ? 59  GLU A CG  1 
ATOM   325  C  CD  . GLU A 1 44  ? -3.908  -14.559 0.897   1.00 15.00 ? 59  GLU A CD  1 
ATOM   326  O  OE1 . GLU A 1 44  ? -3.810  -13.479 0.270   1.00 13.05 ? 59  GLU A OE1 1 
ATOM   327  O  OE2 . GLU A 1 44  ? -3.917  -15.715 0.376   1.00 15.77 ? 59  GLU A OE2 1 
HETATM 328  N  N   . MSE A 1 45  ? -3.975  -10.914 5.350   1.00 12.45 ? 60  MSE A N   1 
HETATM 329  C  CA  . MSE A 1 45  ? -3.582  -9.638  5.898   1.00 13.16 ? 60  MSE A CA  1 
HETATM 330  C  C   . MSE A 1 45  ? -3.417  -9.630  7.415   1.00 15.21 ? 60  MSE A C   1 
HETATM 331  O  O   . MSE A 1 45  ? -2.996  -8.620  7.998   1.00 15.03 ? 60  MSE A O   1 
HETATM 332  C  CB  . MSE A 1 45  ? -4.596  -8.540  5.532   1.00 12.71 ? 60  MSE A CB  1 
HETATM 333  C  CG  . MSE A 1 45  ? -4.749  -8.345  4.025   1.00 13.16 ? 60  MSE A CG  1 
HETATM 334  SE SE  . MSE A 1 45  ? -6.056  -7.019  3.687   1.00 20.41 ? 60  MSE A SE  1 
HETATM 335  C  CE  . MSE A 1 45  ? -5.559  -6.639  1.852   1.00 16.18 ? 60  MSE A CE  1 
ATOM   336  N  N   . VAL A 1 46  ? -3.739  -10.736 8.056   1.00 15.64 ? 61  VAL A N   1 
ATOM   337  C  CA  . VAL A 1 46  ? -3.534  -10.868 9.494   1.00 17.10 ? 61  VAL A CA  1 
ATOM   338  C  C   . VAL A 1 46  ? -2.223  -11.592 9.763   1.00 18.48 ? 61  VAL A C   1 
ATOM   339  O  O   . VAL A 1 46  ? -1.533  -11.270 10.731  1.00 19.38 ? 61  VAL A O   1 
ATOM   340  C  CB  . VAL A 1 46  ? -4.727  -11.602 10.152  1.00 17.46 ? 61  VAL A CB  1 
ATOM   341  C  CG1 . VAL A 1 46  ? -4.541  -11.668 11.671  1.00 18.53 ? 61  VAL A CG1 1 
ATOM   342  C  CG2 . VAL A 1 46  ? -6.056  -10.952 9.845   1.00 18.22 ? 61  VAL A CG2 1 
ATOM   343  N  N   . THR A 1 47  ? -1.857  -12.530 8.893   1.00 19.09 ? 62  THR A N   1 
ATOM   344  C  CA  . THR A 1 47  ? -0.714  -13.426 9.129   1.00 20.12 ? 62  THR A CA  1 
ATOM   345  C  C   . THR A 1 47  ? 0.590   -13.045 8.439   1.00 21.01 ? 62  THR A C   1 
ATOM   346  O  O   . THR A 1 47  ? 1.589   -13.755 8.568   1.00 22.06 ? 62  THR A O   1 
ATOM   347  C  CB  . THR A 1 47  ? -1.076  -14.863 8.699   1.00 19.81 ? 62  THR A CB  1 
ATOM   348  O  OG1 . THR A 1 47  ? -1.417  -14.856 7.319   1.00 20.10 ? 62  THR A OG1 1 
ATOM   349  C  CG2 . THR A 1 47  ? -2.294  -15.329 9.441   1.00 20.66 ? 62  THR A CG2 1 
ATOM   350  N  N   . LEU A 1 48  ? 0.616   -11.946 7.699   1.00 21.62 ? 63  LEU A N   1 
ATOM   351  C  CA  . LEU A 1 48  ? 1.834   -11.582 6.981   1.00 21.79 ? 63  LEU A CA  1 
ATOM   352  C  C   . LEU A 1 48  ? 2.976   -11.207 7.971   1.00 22.87 ? 63  LEU A C   1 
ATOM   353  O  O   . LEU A 1 48  ? 2.732   -10.904 9.137   1.00 21.74 ? 63  LEU A O   1 
ATOM   354  C  CB  . LEU A 1 48  ? 1.511   -10.480 5.968   1.00 22.78 ? 63  LEU A CB  1 
ATOM   355  C  CG  . LEU A 1 48  ? 1.366   -9.098  6.583   1.00 22.65 ? 63  LEU A CG  1 
ATOM   356  C  CD1 . LEU A 1 48  ? 0.923   -8.071  5.463   1.00 21.60 ? 63  LEU A CD1 1 
ATOM   357  C  CD2 . LEU A 1 48  ? 0.376   -9.037  7.739   1.00 24.04 ? 63  LEU A CD2 1 
ATOM   358  N  N   . PRO A 1 49  ? 4.219   -11.204 7.483   1.00 23.40 ? 64  PRO A N   1 
ATOM   359  C  CA  . PRO A 1 49  ? 5.373   -10.864 8.336   1.00 23.96 ? 64  PRO A CA  1 
ATOM   360  C  C   . PRO A 1 49  ? 5.267   -9.450  8.887   1.00 22.80 ? 64  PRO A C   1 
ATOM   361  O  O   . PRO A 1 49  ? 4.951   -8.536  8.129   1.00 22.56 ? 64  PRO A O   1 
ATOM   362  C  CB  . PRO A 1 49  ? 6.557   -10.977 7.370   1.00 24.09 ? 64  PRO A CB  1 
ATOM   363  C  CG  . PRO A 1 49  ? 6.082   -11.807 6.281   1.00 24.67 ? 64  PRO A CG  1 
ATOM   364  C  CD  . PRO A 1 49  ? 4.639   -11.508 6.113   1.00 24.37 ? 64  PRO A CD  1 
ATOM   365  N  N   . LEU A 1 50  ? 5.521   -9.283  10.186  1.00 22.75 ? 65  LEU A N   1 
ATOM   366  C  CA  . LEU A 1 50  ? 5.374   -7.997  10.864  1.00 23.33 ? 65  LEU A CA  1 
ATOM   367  C  C   . LEU A 1 50  ? 6.420   -7.799  11.960  1.00 23.53 ? 65  LEU A C   1 
ATOM   368  O  O   . LEU A 1 50  ? 6.737   -8.731  12.699  1.00 24.35 ? 65  LEU A O   1 
ATOM   369  C  CB  . LEU A 1 50  ? 3.999   -7.947  11.509  1.00 23.80 ? 65  LEU A CB  1 
ATOM   370  C  CG  . LEU A 1 50  ? 3.421   -6.599  11.869  1.00 24.56 ? 65  LEU A CG  1 
ATOM   371  C  CD1 . LEU A 1 50  ? 3.123   -5.798  10.608  1.00 25.13 ? 65  LEU A CD1 1 
ATOM   372  C  CD2 . LEU A 1 50  ? 2.156   -6.841  12.668  1.00 26.15 ? 65  LEU A CD2 1 
ATOM   373  N  N   . GLN A 1 51  ? 6.952   -6.602  12.082  1.00 24.58 ? 66  GLN A N   1 
ATOM   374  C  CA  . GLN A 1 51  ? 7.858   -6.256  13.182  1.00 25.53 ? 66  GLN A CA  1 
ATOM   375  C  C   . GLN A 1 51  ? 7.382   -4.938  13.763  1.00 24.45 ? 66  GLN A C   1 
ATOM   376  O  O   . GLN A 1 51  ? 7.793   -3.862  13.344  1.00 23.31 ? 66  GLN A O   1 
ATOM   377  C  CB  . GLN A 1 51  ? 9.285   -6.194  12.687  1.00 26.83 ? 66  GLN A CB  1 
ATOM   378  C  CG  . GLN A 1 51  ? 10.327  -6.265  13.783  1.00 31.51 ? 66  GLN A CG  1 
ATOM   379  C  CD  . GLN A 1 51  ? 11.702  -5.971  13.248  1.00 37.99 ? 66  GLN A CD  1 
ATOM   380  O  OE1 . GLN A 1 51  ? 12.046  -6.405  12.133  1.00 41.32 ? 66  GLN A OE1 1 
ATOM   381  N  NE2 . GLN A 1 51  ? 12.502  -5.233  14.027  1.00 40.17 ? 66  GLN A NE2 1 
ATOM   382  N  N   . PRO A 1 52  ? 6.433   -5.031  14.682  1.00 23.95 ? 67  PRO A N   1 
ATOM   383  C  CA  . PRO A 1 52  ? 5.709   -3.856  15.161  1.00 23.35 ? 67  PRO A CA  1 
ATOM   384  C  C   . PRO A 1 52  ? 6.572   -2.734  15.707  1.00 23.03 ? 67  PRO A C   1 
ATOM   385  O  O   . PRO A 1 52  ? 6.157   -1.572  15.600  1.00 22.46 ? 67  PRO A O   1 
ATOM   386  C  CB  . PRO A 1 52  ? 4.802   -4.438  16.267  1.00 23.18 ? 67  PRO A CB  1 
ATOM   387  C  CG  . PRO A 1 52  ? 4.653   -5.816  15.894  1.00 24.59 ? 67  PRO A CG  1 
ATOM   388  C  CD  . PRO A 1 52  ? 5.922   -6.262  15.303  1.00 24.46 ? 67  PRO A CD  1 
ATOM   389  N  N   . SER A 1 53  ? 7.742   -3.043  16.265  1.00 23.10 ? 68  SER A N   1 
ATOM   390  C  CA  . SER A 1 53  ? 8.526   -2.007  16.924  1.00 22.68 ? 68  SER A CA  1 
ATOM   391  C  C   . SER A 1 53  ? 9.570   -1.375  16.042  1.00 21.93 ? 68  SER A C   1 
ATOM   392  O  O   . SER A 1 53  ? 10.183  -0.391  16.439  1.00 22.83 ? 68  SER A O   1 
ATOM   393  C  CB  . SER A 1 53  ? 9.174   -2.526  18.228  1.00 22.00 ? 68  SER A CB  1 
ATOM   394  O  OG  . SER A 1 53  ? 10.264  -3.367  17.959  1.00 26.73 ? 68  SER A OG  1 
ATOM   395  N  N   . SER A 1 54  ? 9.779   -1.914  14.838  1.00 21.58 ? 69  SER A N   1 
ATOM   396  C  CA  . SER A 1 54  ? 10.763  -1.373  13.933  1.00 20.51 ? 69  SER A CA  1 
ATOM   397  C  C   . SER A 1 54  ? 10.314  -0.015  13.405  1.00 20.66 ? 69  SER A C   1 
ATOM   398  O  O   . SER A 1 54  ? 9.146   0.319   13.448  1.00 19.56 ? 69  SER A O   1 
ATOM   399  C  CB  . SER A 1 54  ? 11.009  -2.317  12.770  1.00 21.41 ? 69  SER A CB  1 
ATOM   400  O  OG  . SER A 1 54  ? 9.948   -2.210  11.818  1.00 21.16 ? 69  SER A OG  1 
ATOM   401  N  N   . THR A 1 55  ? 11.254  0.754   12.881  1.00 19.85 ? 70  THR A N   1 
ATOM   402  C  CA  . THR A 1 55  ? 10.928  2.071   12.381  1.00 19.86 ? 70  THR A CA  1 
ATOM   403  C  C   . THR A 1 55  ? 9.956   1.945   11.205  1.00 18.66 ? 70  THR A C   1 
ATOM   404  O  O   . THR A 1 55  ? 9.019   2.692   11.123  1.00 18.88 ? 70  THR A O   1 
ATOM   405  C  CB  . THR A 1 55  ? 12.195  2.835   11.945  1.00 20.12 ? 70  THR A CB  1 
ATOM   406  O  OG1 . THR A 1 55  ? 13.078  2.912   13.074  1.00 23.25 ? 70  THR A OG1 1 
ATOM   407  C  CG2 . THR A 1 55  ? 11.886  4.246   11.662  1.00 23.18 ? 70  THR A CG2 1 
HETATM 408  N  N   . MSE A 1 56  ? 10.217  1.004   10.312  1.00 19.14 ? 71  MSE A N   1 
HETATM 409  C  CA  . MSE A 1 56  ? 9.347   0.848   9.157   1.00 19.39 ? 71  MSE A CA  1 
HETATM 410  C  C   . MSE A 1 56  ? 7.972   0.310   9.585   1.00 18.63 ? 71  MSE A C   1 
HETATM 411  O  O   . MSE A 1 56  ? 6.937   0.651   8.999   1.00 17.54 ? 71  MSE A O   1 
HETATM 412  C  CB  . MSE A 1 56  ? 10.022  -0.034  8.102   1.00 18.49 ? 71  MSE A CB  1 
HETATM 413  C  CG  . MSE A 1 56  ? 11.247  0.658   7.456   1.00 20.74 ? 71  MSE A CG  1 
HETATM 414  SE SE  . MSE A 1 56  ? 10.971  2.419   6.828   1.00 25.56 ? 71  MSE A SE  1 
HETATM 415  C  CE  . MSE A 1 56  ? 12.339  3.382   7.809   1.00 21.90 ? 71  MSE A CE  1 
ATOM   416  N  N   . GLY A 1 57  ? 7.936   -0.553  10.606  1.00 18.47 ? 72  GLY A N   1 
ATOM   417  C  CA  . GLY A 1 57  ? 6.665   -0.998  11.169  1.00 18.07 ? 72  GLY A CA  1 
ATOM   418  C  C   . GLY A 1 57  ? 5.869   0.186   11.749  1.00 16.96 ? 72  GLY A C   1 
ATOM   419  O  O   . GLY A 1 57  ? 4.649   0.353   11.537  1.00 16.89 ? 72  GLY A O   1 
ATOM   420  N  N   . GLN A 1 58  ? 6.568   1.108   12.417  1.00 17.07 ? 73  GLN A N   1 
ATOM   421  C  CA  . GLN A 1 58  ? 5.944   2.272   13.002  1.00 16.25 ? 73  GLN A CA  1 
ATOM   422  C  C   . GLN A 1 58  ? 5.433   3.205   11.882  1.00 15.79 ? 73  GLN A C   1 
ATOM   423  O  O   . GLN A 1 58  ? 4.407   3.842   11.997  1.00 15.93 ? 73  GLN A O   1 
ATOM   424  C  CB  . GLN A 1 58  ? 6.924   3.057   13.872  1.00 17.22 ? 73  GLN A CB  1 
ATOM   425  C  CG  . GLN A 1 58  ? 7.276   2.333   15.178  1.00 18.08 ? 73  GLN A CG  1 
ATOM   426  C  CD  . GLN A 1 58  ? 8.254   3.107   16.011  1.00 17.98 ? 73  GLN A CD  1 
ATOM   427  O  OE1 . GLN A 1 58  ? 8.052   4.296   16.310  1.00 20.25 ? 73  GLN A OE1 1 
ATOM   428  N  NE2 . GLN A 1 58  ? 9.310   2.436   16.423  1.00 21.05 ? 73  GLN A NE2 1 
ATOM   429  N  N   . VAL A 1 59  ? 6.221   3.331   10.808  1.00 16.12 ? 74  VAL A N   1 
ATOM   430  C  CA  . VAL A 1 59  ? 5.873   4.239   9.712   1.00 15.68 ? 74  VAL A CA  1 
ATOM   431  C  C   . VAL A 1 59  ? 4.622   3.718   9.014   1.00 14.78 ? 74  VAL A C   1 
ATOM   432  O  O   . VAL A 1 59  ? 3.681   4.463   8.756   1.00 14.76 ? 74  VAL A O   1 
ATOM   433  C  CB  . VAL A 1 59  ? 7.003   4.355   8.673   1.00 16.02 ? 74  VAL A CB  1 
ATOM   434  C  CG1 . VAL A 1 59  ? 6.496   5.059   7.368   1.00 17.24 ? 74  VAL A CG1 1 
ATOM   435  C  CG2 . VAL A 1 59  ? 8.218   5.151   9.250   1.00 16.60 ? 74  VAL A CG2 1 
ATOM   436  N  N   . GLY A 1 60  ? 4.613   2.441   8.682   1.00 14.95 ? 75  GLY A N   1 
ATOM   437  C  CA  . GLY A 1 60  ? 3.450   1.925   7.972   1.00 14.66 ? 75  GLY A CA  1 
ATOM   438  C  C   . GLY A 1 60  ? 2.190   2.032   8.826   1.00 15.39 ? 75  GLY A C   1 
ATOM   439  O  O   . GLY A 1 60  ? 1.098   2.326   8.317   1.00 14.16 ? 75  GLY A O   1 
ATOM   440  N  N   . ARG A 1 61  ? 2.308   1.793   10.117  1.00 15.77 ? 76  ARG A N   1 
ATOM   441  C  CA  . ARG A 1 61  ? 1.208   2.006   11.055  1.00 16.67 ? 76  ARG A CA  1 
ATOM   442  C  C   . ARG A 1 61  ? 0.701   3.453   11.044  1.00 16.69 ? 76  ARG A C   1 
ATOM   443  O  O   . ARG A 1 61  ? -0.485  3.696   10.987  1.00 16.63 ? 76  ARG A O   1 
ATOM   444  C  CB  . ARG A 1 61  ? 1.615   1.641   12.469  1.00 17.40 ? 76  ARG A CB  1 
ATOM   445  C  CG  . ARG A 1 61  ? 0.466   1.648   13.455  1.00 20.75 ? 76  ARG A CG  1 
ATOM   446  C  CD  . ARG A 1 61  ? 0.837   1.791   14.898  1.00 30.01 ? 76  ARG A CD  1 
ATOM   447  N  NE  . ARG A 1 61  ? -0.190  2.533   15.648  1.00 35.37 ? 76  ARG A NE  1 
ATOM   448  C  CZ  . ARG A 1 61  ? 0.028   3.531   16.508  1.00 37.64 ? 76  ARG A CZ  1 
ATOM   449  N  NH1 . ARG A 1 61  ? -1.010  4.072   17.138  1.00 39.08 ? 76  ARG A NH1 1 
ATOM   450  N  NH2 . ARG A 1 61  ? 1.256   3.995   16.757  1.00 38.21 ? 76  ARG A NH2 1 
ATOM   451  N  N   . GLN A 1 62  ? 1.616   4.434   11.134  1.00 17.51 ? 77  GLN A N   1 
ATOM   452  C  CA  . GLN A 1 62  ? 1.201   5.812   11.120  1.00 17.67 ? 77  GLN A CA  1 
ATOM   453  C  C   . GLN A 1 62  ? 0.501   6.187   9.801   1.00 16.56 ? 77  GLN A C   1 
ATOM   454  O  O   . GLN A 1 62  ? -0.477  6.942   9.795   1.00 17.09 ? 77  GLN A O   1 
ATOM   455  C  CB  . GLN A 1 62  ? 2.402   6.741   11.369  1.00 18.77 ? 77  GLN A CB  1 
ATOM   456  C  CG  . GLN A 1 62  ? 2.830   6.787   12.843  1.00 22.30 ? 77  GLN A CG  1 
ATOM   457  C  CD  . GLN A 1 62  ? 1.695   7.170   13.766  1.00 23.09 ? 77  GLN A CD  1 
ATOM   458  O  OE1 . GLN A 1 62  ? 1.076   8.202   13.588  1.00 28.29 ? 77  GLN A OE1 1 
ATOM   459  N  NE2 . GLN A 1 62  ? 1.358   6.286   14.696  1.00 26.12 ? 77  GLN A NE2 1 
ATOM   460  N  N   . LEU A 1 63  ? 0.996   5.650   8.666   1.00 15.14 ? 78  LEU A N   1 
ATOM   461  C  CA  . LEU A 1 63  ? 0.378   5.908   7.390   1.00 15.73 ? 78  LEU A CA  1 
ATOM   462  C  C   . LEU A 1 63  ? -1.011  5.280   7.338   1.00 14.65 ? 78  LEU A C   1 
ATOM   463  O  O   . LEU A 1 63  ? -1.913  5.881   6.736   1.00 14.77 ? 78  LEU A O   1 
ATOM   464  C  CB  . LEU A 1 63  ? 1.261   5.437   6.246   1.00 15.54 ? 78  LEU A CB  1 
ATOM   465  C  CG  . LEU A 1 63  ? 2.565   6.237   6.147   1.00 16.05 ? 78  LEU A CG  1 
ATOM   466  C  CD1 . LEU A 1 63  ? 3.379   5.779   5.015   1.00 17.26 ? 78  LEU A CD1 1 
ATOM   467  C  CD2 . LEU A 1 63  ? 2.295   7.726   6.056   1.00 19.59 ? 78  LEU A CD2 1 
ATOM   468  N  N   . ALA A 1 64  ? -1.177  4.111   7.968   1.00 15.24 ? 79  ALA A N   1 
ATOM   469  C  CA  . ALA A 1 64  ? -2.519  3.514   8.051   1.00 15.71 ? 79  ALA A CA  1 
ATOM   470  C  C   . ALA A 1 64  ? -3.462  4.421   8.864   1.00 17.20 ? 79  ALA A C   1 
ATOM   471  O  O   . ALA A 1 64  ? -4.623  4.568   8.503   1.00 18.35 ? 79  ALA A O   1 
ATOM   472  C  CB  . ALA A 1 64  ? -2.468  2.122   8.643   1.00 15.97 ? 79  ALA A CB  1 
ATOM   473  N  N   . ILE A 1 65  ? -2.955  5.015   9.936   1.00 18.73 ? 80  ILE A N   1 
ATOM   474  C  CA  . ILE A 1 65  ? -3.796  5.856   10.808  1.00 20.87 ? 80  ILE A CA  1 
ATOM   475  C  C   . ILE A 1 65  ? -4.189  7.127   10.109  1.00 22.79 ? 80  ILE A C   1 
ATOM   476  O  O   . ILE A 1 65  ? -5.372  7.476   10.053  1.00 23.65 ? 80  ILE A O   1 
ATOM   477  C  CB  . ILE A 1 65  ? -3.058  6.156   12.100  1.00 21.71 ? 80  ILE A CB  1 
ATOM   478  C  CG1 . ILE A 1 65  ? -2.945  4.893   12.946  1.00 22.55 ? 80  ILE A CG1 1 
ATOM   479  C  CG2 . ILE A 1 65  ? -3.753  7.271   12.876  1.00 22.95 ? 80  ILE A CG2 1 
ATOM   480  C  CD1 . ILE A 1 65  ? -2.108  5.038   14.139  1.00 24.57 ? 80  ILE A CD1 1 
ATOM   481  N  N   . ILE A 1 66  ? -3.224  7.829   9.532   1.00 22.89 ? 81  ILE A N   1 
ATOM   482  C  CA  . ILE A 1 66  ? -3.562  9.090   8.893   1.00 24.54 ? 81  ILE A CA  1 
ATOM   483  C  C   . ILE A 1 66  ? -4.346  8.825   7.611   1.00 24.29 ? 81  ILE A C   1 
ATOM   484  O  O   . ILE A 1 66  ? -5.191  9.613   7.222   1.00 24.81 ? 81  ILE A O   1 
ATOM   485  C  CB  . ILE A 1 66  ? -2.323  9.973   8.642   1.00 25.58 ? 81  ILE A CB  1 
ATOM   486  C  CG1 . ILE A 1 66  ? -1.441  9.376   7.566   1.00 26.76 ? 81  ILE A CG1 1 
ATOM   487  C  CG2 . ILE A 1 66  ? -1.584  10.228  9.955   1.00 26.30 ? 81  ILE A CG2 1 
ATOM   488  C  CD1 . ILE A 1 66  ? -0.346  10.275  7.124   1.00 29.73 ? 81  ILE A CD1 1 
ATOM   489  N  N   . GLY A 1 67  ? -4.089  7.691   6.973   1.00 23.02 ? 82  GLY A N   1 
ATOM   490  C  CA  . GLY A 1 67  ? -4.811  7.275   5.798   1.00 24.13 ? 82  GLY A CA  1 
ATOM   491  C  C   . GLY A 1 67  ? -6.311  7.122   6.025   1.00 25.05 ? 82  GLY A C   1 
ATOM   492  O  O   . GLY A 1 67  ? -7.120  7.399   5.130   1.00 24.79 ? 82  GLY A O   1 
ATOM   493  N  N   . ASP A 1 68  ? -6.682  6.702   7.232   1.00 26.11 ? 83  ASP A N   1 
ATOM   494  C  CA  . ASP A 1 68  ? -8.076  6.539   7.572   1.00 27.94 ? 83  ASP A CA  1 
ATOM   495  C  C   . ASP A 1 68  ? -8.879  7.820   7.327   1.00 28.96 ? 83  ASP A C   1 
ATOM   496  O  O   . ASP A 1 68  ? -10.026 7.732   6.918   1.00 29.51 ? 83  ASP A O   1 
ATOM   497  C  CB  . ASP A 1 68  ? -8.237  6.103   9.020   1.00 28.08 ? 83  ASP A CB  1 
ATOM   498  C  CG  . ASP A 1 68  ? -9.650  5.807   9.339   1.00 30.59 ? 83  ASP A CG  1 
ATOM   499  O  OD1 . ASP A 1 68  ? -10.106 4.766   8.844   1.00 30.38 ? 83  ASP A OD1 1 
ATOM   500  O  OD2 . ASP A 1 68  ? -10.387 6.571   10.002  1.00 35.04 ? 83  ASP A OD2 1 
ATOM   501  N  N   . ASP A 1 69  ? -8.274  8.980   7.597   1.00 30.03 ? 84  ASP A N   1 
ATOM   502  C  CA  . ASP A 1 69  ? -8.935  10.284  7.469   1.00 31.75 ? 84  ASP A CA  1 
ATOM   503  C  C   . ASP A 1 69  ? -8.725  11.003  6.115   1.00 32.03 ? 84  ASP A C   1 
ATOM   504  O  O   . ASP A 1 69  ? -9.571  11.807  5.704   1.00 33.43 ? 84  ASP A O   1 
ATOM   505  C  CB  . ASP A 1 69  ? -8.502  11.194  8.623   1.00 32.46 ? 84  ASP A CB  1 
ATOM   506  C  CG  . ASP A 1 69  ? -8.960  12.626  8.443   1.00 36.57 ? 84  ASP A CG  1 
ATOM   507  O  OD1 . ASP A 1 69  ? -10.190 12.874  8.369   1.00 42.25 ? 84  ASP A OD1 1 
ATOM   508  O  OD2 . ASP A 1 69  ? -8.149  13.577  8.358   1.00 43.67 ? 84  ASP A OD2 1 
ATOM   509  N  N   . ILE A 1 70  ? -7.606  10.748  5.441   1.00 31.43 ? 85  ILE A N   1 
ATOM   510  C  CA  . ILE A 1 70  ? -7.251  11.513  4.232   1.00 30.87 ? 85  ILE A CA  1 
ATOM   511  C  C   . ILE A 1 70  ? -7.471  10.746  2.937   1.00 30.85 ? 85  ILE A C   1 
ATOM   512  O  O   . ILE A 1 70  ? -7.392  11.336  1.861   1.00 31.44 ? 85  ILE A O   1 
ATOM   513  C  CB  . ILE A 1 70  ? -5.780  12.034  4.283   1.00 30.80 ? 85  ILE A CB  1 
ATOM   514  C  CG1 . ILE A 1 70  ? -4.776  10.853  4.119   1.00 29.55 ? 85  ILE A CG1 1 
ATOM   515  C  CG2 . ILE A 1 70  ? -5.529  12.838  5.563   1.00 31.53 ? 85  ILE A CG2 1 
ATOM   516  C  CD1 . ILE A 1 70  ? -3.310  11.254  4.174   1.00 30.90 ? 85  ILE A CD1 1 
ATOM   517  N  N   . ASN A 1 71  ? -7.734  9.444   3.028   1.00 30.27 ? 86  ASN A N   1 
ATOM   518  C  CA  . ASN A 1 71  ? -7.748  8.577   1.866   1.00 30.54 ? 86  ASN A CA  1 
ATOM   519  C  C   . ASN A 1 71  ? -9.187  8.192   1.501   1.00 31.59 ? 86  ASN A C   1 
ATOM   520  O  O   . ASN A 1 71  ? -9.428  7.514   0.506   1.00 31.10 ? 86  ASN A O   1 
ATOM   521  C  CB  . ASN A 1 71  ? -6.848  7.335   2.132   1.00 30.57 ? 86  ASN A CB  1 
ATOM   522  C  CG  . ASN A 1 71  ? -6.433  6.612   0.850   1.00 30.08 ? 86  ASN A CG  1 
ATOM   523  O  OD1 . ASN A 1 71  ? -5.782  7.204   -0.022  1.00 27.83 ? 86  ASN A OD1 1 
ATOM   524  N  ND2 . ASN A 1 71  ? -6.798  5.318   0.742   1.00 28.75 ? 86  ASN A ND2 1 
ATOM   525  N  N   . ARG A 1 72  ? -10.169 8.684   2.253   1.00 32.81 ? 87  ARG A N   1 
ATOM   526  C  CA  . ARG A 1 72  ? -11.573 8.312   1.985   1.00 33.56 ? 87  ARG A CA  1 
ATOM   527  C  C   . ARG A 1 72  ? -12.036 8.566   0.560   1.00 34.69 ? 87  ARG A C   1 
ATOM   528  O  O   . ARG A 1 72  ? -12.816 7.778   0.006   1.00 35.32 ? 87  ARG A O   1 
ATOM   529  C  CB  . ARG A 1 72  ? -12.497 9.043   2.949   1.00 33.48 ? 87  ARG A CB  1 
ATOM   530  C  CG  . ARG A 1 72  ? -12.416 8.472   4.341   1.00 33.45 ? 87  ARG A CG  1 
ATOM   531  C  CD  . ARG A 1 72  ? -13.164 9.262   5.383   1.00 34.01 ? 87  ARG A CD  1 
ATOM   532  N  NE  . ARG A 1 72  ? -12.740 8.867   6.719   1.00 33.56 ? 87  ARG A NE  1 
ATOM   533  C  CZ  . ARG A 1 72  ? -13.316 9.285   7.837   1.00 33.27 ? 87  ARG A CZ  1 
ATOM   534  N  NH1 . ARG A 1 72  ? -14.328 10.133  7.779   1.00 32.37 ? 87  ARG A NH1 1 
ATOM   535  N  NH2 . ARG A 1 72  ? -12.850 8.869   9.009   1.00 34.09 ? 87  ARG A NH2 1 
ATOM   536  N  N   . ARG A 1 73  ? -11.557 9.659   -0.036  1.00 35.55 ? 88  ARG A N   1 
ATOM   537  C  CA  . ARG A 1 73  ? -11.879 9.987   -1.437  1.00 36.83 ? 88  ARG A CA  1 
ATOM   538  C  C   . ARG A 1 73  ? -11.281 8.960   -2.404  1.00 36.67 ? 88  ARG A C   1 
ATOM   539  O  O   . ARG A 1 73  ? -11.999 8.339   -3.171  1.00 36.86 ? 88  ARG A O   1 
ATOM   540  C  CB  . ARG A 1 73  ? -11.356 11.387  -1.818  1.00 37.44 ? 88  ARG A CB  1 
ATOM   541  C  CG  . ARG A 1 73  ? -9.980  11.759  -1.218  1.00 39.54 ? 88  ARG A CG  1 
ATOM   542  C  CD  . ARG A 1 73  ? -9.169  12.833  -1.974  1.00 42.30 ? 88  ARG A CD  1 
ATOM   543  N  NE  . ARG A 1 73  ? -9.133  12.581  -3.410  1.00 46.82 ? 88  ARG A NE  1 
ATOM   544  C  CZ  . ARG A 1 73  ? -8.859  13.498  -4.345  1.00 48.49 ? 88  ARG A CZ  1 
ATOM   545  N  NH1 . ARG A 1 73  ? -8.572  14.756  -4.016  1.00 49.23 ? 88  ARG A NH1 1 
ATOM   546  N  NH2 . ARG A 1 73  ? -8.875  13.148  -5.627  1.00 49.62 ? 88  ARG A NH2 1 
ATOM   547  N  N   . TYR A 1 74  ? -9.962  8.794   -2.347  1.00 36.72 ? 89  TYR A N   1 
ATOM   548  C  CA  . TYR A 1 74  ? -9.281  7.838   -3.211  1.00 36.33 ? 89  TYR A CA  1 
ATOM   549  C  C   . TYR A 1 74  ? -9.923  6.443   -3.000  1.00 36.18 ? 89  TYR A C   1 
ATOM   550  O  O   . TYR A 1 74  ? -10.173 5.714   -3.958  1.00 37.10 ? 89  TYR A O   1 
ATOM   551  C  CB  . TYR A 1 74  ? -7.793  7.791   -2.874  1.00 36.88 ? 89  TYR A CB  1 
ATOM   552  C  CG  . TYR A 1 74  ? -6.933  8.989   -3.256  1.00 36.90 ? 89  TYR A CG  1 
ATOM   553  C  CD1 . TYR A 1 74  ? -6.660  9.303   -4.585  1.00 37.87 ? 89  TYR A CD1 1 
ATOM   554  C  CD2 . TYR A 1 74  ? -6.327  9.759   -2.270  1.00 37.20 ? 89  TYR A CD2 1 
ATOM   555  C  CE1 . TYR A 1 74  ? -5.827  10.378  -4.917  1.00 38.32 ? 89  TYR A CE1 1 
ATOM   556  C  CE2 . TYR A 1 74  ? -5.498  10.822  -2.584  1.00 39.39 ? 89  TYR A CE2 1 
ATOM   557  C  CZ  . TYR A 1 74  ? -5.248  11.138  -3.899  1.00 40.34 ? 89  TYR A CZ  1 
ATOM   558  O  OH  . TYR A 1 74  ? -4.408  12.212  -4.166  1.00 42.03 ? 89  TYR A OH  1 
ATOM   559  N  N   . ASP A 1 75  ? -10.250 6.108   -1.754  1.00 35.10 ? 90  ASP A N   1 
ATOM   560  C  CA  . ASP A 1 75  ? -10.704 4.759   -1.401  1.00 34.51 ? 90  ASP A CA  1 
ATOM   561  C  C   . ASP A 1 75  ? -12.074 4.354   -1.945  1.00 35.32 ? 90  ASP A C   1 
ATOM   562  O  O   . ASP A 1 75  ? -12.248 3.264   -2.520  1.00 34.69 ? 90  ASP A O   1 
ATOM   563  C  CB  . ASP A 1 75  ? -10.759 4.602   0.108   1.00 33.61 ? 90  ASP A CB  1 
ATOM   564  C  CG  . ASP A 1 75  ? -10.938 3.184   0.503   1.00 33.27 ? 90  ASP A CG  1 
ATOM   565  O  OD1 . ASP A 1 75  ? -11.927 2.831   1.187   1.00 30.75 ? 90  ASP A OD1 1 
ATOM   566  O  OD2 . ASP A 1 75  ? -10.127 2.331   0.116   1.00 28.67 ? 90  ASP A OD2 1 
ATOM   567  N  N   . SER A 1 76  ? -13.064 5.199   -1.693  1.00 35.87 ? 91  SER A N   1 
ATOM   568  C  CA  . SER A 1 76  ? -14.430 4.897   -2.091  1.00 37.20 ? 91  SER A CA  1 
ATOM   569  C  C   . SER A 1 76  ? -14.489 4.548   -3.572  1.00 37.10 ? 91  SER A C   1 
ATOM   570  O  O   . SER A 1 76  ? -15.183 3.598   -3.982  1.00 37.95 ? 91  SER A O   1 
ATOM   571  C  CB  . SER A 1 76  ? -15.335 6.093   -1.812  1.00 37.46 ? 91  SER A CB  1 
ATOM   572  O  OG  . SER A 1 76  ? -16.678 5.706   -1.964  1.00 39.79 ? 91  SER A OG  1 
ATOM   573  N  N   . GLU A 1 77  ? -13.743 5.308   -4.363  1.00 36.75 ? 92  GLU A N   1 
ATOM   574  C  CA  . GLU A 1 77  ? -13.666 5.091   -5.801  1.00 37.03 ? 92  GLU A CA  1 
ATOM   575  C  C   . GLU A 1 77  ? -12.959 3.789   -6.150  1.00 36.39 ? 92  GLU A C   1 
ATOM   576  O  O   . GLU A 1 77  ? -13.407 3.051   -7.032  1.00 35.90 ? 92  GLU A O   1 
ATOM   577  C  CB  . GLU A 1 77  ? -12.917 6.253   -6.461  1.00 37.62 ? 92  GLU A CB  1 
ATOM   578  C  CG  . GLU A 1 77  ? -13.844 7.346   -6.996  1.00 40.26 ? 92  GLU A CG  1 
ATOM   579  C  CD  . GLU A 1 77  ? -13.204 8.721   -7.005  1.00 43.54 ? 92  GLU A CD  1 
ATOM   580  O  OE1 . GLU A 1 77  ? -13.969 9.717   -6.965  1.00 47.16 ? 92  GLU A OE1 1 
ATOM   581  O  OE2 . GLU A 1 77  ? -11.953 8.816   -7.050  1.00 44.19 ? 92  GLU A OE2 1 
ATOM   582  N  N   . PHE A 1 78  ? -11.843 3.533   -5.463  1.00 35.84 ? 93  PHE A N   1 
ATOM   583  C  CA  . PHE A 1 78  ? -11.045 2.318   -5.661  1.00 35.20 ? 93  PHE A CA  1 
ATOM   584  C  C   . PHE A 1 78  ? -11.977 1.107   -5.546  1.00 35.87 ? 93  PHE A C   1 
ATOM   585  O  O   . PHE A 1 78  ? -11.928 0.201   -6.363  1.00 35.26 ? 93  PHE A O   1 
ATOM   586  C  CB  . PHE A 1 78  ? -9.915  2.186   -4.598  1.00 34.27 ? 93  PHE A CB  1 
ATOM   587  C  CG  . PHE A 1 78  ? -8.719  3.129   -4.769  1.00 30.75 ? 93  PHE A CG  1 
ATOM   588  C  CD1 . PHE A 1 78  ? -8.360  3.699   -5.989  1.00 30.75 ? 93  PHE A CD1 1 
ATOM   589  C  CD2 . PHE A 1 78  ? -7.928  3.431   -3.658  1.00 27.22 ? 93  PHE A CD2 1 
ATOM   590  C  CE1 . PHE A 1 78  ? -7.234  4.538   -6.094  1.00 28.88 ? 93  PHE A CE1 1 
ATOM   591  C  CE2 . PHE A 1 78  ? -6.839  4.246   -3.759  1.00 28.04 ? 93  PHE A CE2 1 
ATOM   592  C  CZ  . PHE A 1 78  ? -6.492  4.827   -4.972  1.00 29.61 ? 93  PHE A CZ  1 
ATOM   593  N  N   . GLN A 1 79  ? -12.824 1.103   -4.520  1.00 37.23 ? 94  GLN A N   1 
ATOM   594  C  CA  . GLN A 1 79  ? -13.721 -0.023  -4.242  1.00 38.98 ? 94  GLN A CA  1 
ATOM   595  C  C   . GLN A 1 79  ? -14.681 -0.264  -5.389  1.00 39.42 ? 94  GLN A C   1 
ATOM   596  O  O   . GLN A 1 79  ? -14.910 -1.404  -5.795  1.00 39.29 ? 94  GLN A O   1 
ATOM   597  C  CB  . GLN A 1 79  ? -14.558 0.258   -3.001  1.00 39.46 ? 94  GLN A CB  1 
ATOM   598  C  CG  . GLN A 1 79  ? -13.981 -0.196  -1.713  1.00 41.60 ? 94  GLN A CG  1 
ATOM   599  C  CD  . GLN A 1 79  ? -14.967 0.052   -0.603  1.00 44.34 ? 94  GLN A CD  1 
ATOM   600  O  OE1 . GLN A 1 79  ? -15.893 -0.738  -0.409  1.00 46.88 ? 94  GLN A OE1 1 
ATOM   601  N  NE2 . GLN A 1 79  ? -14.817 1.184   0.087   1.00 46.69 ? 94  GLN A NE2 1 
ATOM   602  N  N   . THR A 1 80  ? -15.263 0.819   -5.890  1.00 40.29 ? 95  THR A N   1 
ATOM   603  C  CA  . THR A 1 80  ? -16.192 0.731   -7.006  1.00 41.09 ? 95  THR A CA  1 
ATOM   604  C  C   . THR A 1 80  ? -15.483 0.369   -8.313  1.00 41.31 ? 95  THR A C   1 
ATOM   605  O  O   . THR A 1 80  ? -15.986 -0.455  -9.083  1.00 40.85 ? 95  THR A O   1 
ATOM   606  C  CB  . THR A 1 80  ? -16.964 2.072   -7.160  1.00 41.10 ? 95  THR A CB  1 
ATOM   607  O  OG1 . THR A 1 80  ? -17.629 2.393   -5.931  1.00 42.39 ? 95  THR A OG1 1 
ATOM   608  C  CG2 . THR A 1 80  ? -18.103 1.945   -8.158  1.00 42.02 ? 95  THR A CG2 1 
HETATM 609  N  N   . MSE A 1 81  ? -14.318 0.975   -8.552  1.00 41.85 ? 96  MSE A N   1 
HETATM 610  C  CA  . MSE A 1 81  ? -13.605 0.803   -9.819  1.00 42.36 ? 96  MSE A CA  1 
HETATM 611  C  C   . MSE A 1 81  ? -12.786 -0.508  -9.875  1.00 41.43 ? 96  MSE A C   1 
HETATM 612  O  O   . MSE A 1 81  ? -12.214 -0.833  -10.929 1.00 42.97 ? 96  MSE A O   1 
HETATM 613  C  CB  . MSE A 1 81  ? -12.750 2.054   -10.164 1.00 43.10 ? 96  MSE A CB  1 
HETATM 614  C  CG  . MSE A 1 81  ? -11.558 2.395   -9.249  1.00 46.79 ? 96  MSE A CG  1 
HETATM 615  SE SE  . MSE A 1 81  ? -11.173 4.375   -8.912  1.00 54.78 ? 96  MSE A SE  1 
HETATM 616  C  CE  . MSE A 1 81  ? -9.629  4.567   -10.159 1.00 51.57 ? 96  MSE A CE  1 
ATOM   617  N  N   . LEU A 1 82  ? -12.744 -1.259  -8.763  1.00 39.40 ? 97  LEU A N   1 
ATOM   618  C  CA  . LEU A 1 82  ? -12.121 -2.591  -8.734  1.00 37.33 ? 97  LEU A CA  1 
ATOM   619  C  C   . LEU A 1 82  ? -13.137 -3.721  -8.892  1.00 37.01 ? 97  LEU A C   1 
ATOM   620  O  O   . LEU A 1 82  ? -12.760 -4.822  -9.284  1.00 35.59 ? 97  LEU A O   1 
ATOM   621  C  CB  . LEU A 1 82  ? -11.307 -2.810  -7.447  1.00 36.42 ? 97  LEU A CB  1 
ATOM   622  C  CG  . LEU A 1 82  ? -9.918  -2.160  -7.418  1.00 34.44 ? 97  LEU A CG  1 
ATOM   623  C  CD1 . LEU A 1 82  ? -9.450  -2.002  -5.987  1.00 33.89 ? 97  LEU A CD1 1 
ATOM   624  C  CD2 . LEU A 1 82  ? -8.885  -2.951  -8.216  1.00 33.09 ? 97  LEU A CD2 1 
ATOM   625  N  N   . GLN A 1 83  ? -14.423 -3.464  -8.619  1.00 36.28 ? 98  GLN A N   1 
ATOM   626  C  CA  . GLN A 1 83  ? -15.447 -4.507  -8.771  1.00 36.52 ? 98  GLN A CA  1 
ATOM   627  C  C   . GLN A 1 83  ? -15.357 -5.229  -10.115 1.00 36.63 ? 98  GLN A C   1 
ATOM   628  O  O   . GLN A 1 83  ? -15.691 -6.409  -10.200 1.00 37.40 ? 98  GLN A O   1 
ATOM   629  C  CB  . GLN A 1 83  ? -16.854 -3.938  -8.550  1.00 36.16 ? 98  GLN A CB  1 
ATOM   630  C  CG  . GLN A 1 83  ? -17.152 -3.700  -7.078  1.00 36.24 ? 98  GLN A CG  1 
ATOM   631  C  CD  . GLN A 1 83  ? -18.560 -3.184  -6.812  1.00 35.54 ? 98  GLN A CD  1 
ATOM   632  O  OE1 . GLN A 1 83  ? -19.507 -3.599  -7.471  1.00 33.66 ? 98  GLN A OE1 1 
ATOM   633  N  NE2 . GLN A 1 83  ? -18.695 -2.277  -5.841  1.00 37.61 ? 98  GLN A NE2 1 
ATOM   634  N  N   . HIS A 1 84  ? -14.863 -4.530  -11.138 1.00 36.55 ? 99  HIS A N   1 
ATOM   635  C  CA  . HIS A 1 84  ? -14.751 -5.062  -12.499 1.00 37.20 ? 99  HIS A CA  1 
ATOM   636  C  C   . HIS A 1 84  ? -13.446 -5.816  -12.867 1.00 36.27 ? 99  HIS A C   1 
ATOM   637  O  O   . HIS A 1 84  ? -13.328 -6.296  -13.993 1.00 37.31 ? 99  HIS A O   1 
ATOM   638  C  CB  . HIS A 1 84  ? -14.925 -3.902  -13.480 1.00 38.27 ? 99  HIS A CB  1 
ATOM   639  C  CG  . HIS A 1 84  ? -15.419 -4.311  -14.836 1.00 41.61 ? 99  HIS A CG  1 
ATOM   640  N  ND1 . HIS A 1 84  ? -15.753 -3.393  -15.810 1.00 43.92 ? 99  HIS A ND1 1 
ATOM   641  C  CD2 . HIS A 1 84  ? -15.650 -5.533  -15.375 1.00 44.98 ? 99  HIS A CD2 1 
ATOM   642  C  CE1 . HIS A 1 84  ? -16.141 -4.036  -16.895 1.00 45.16 ? 99  HIS A CE1 1 
ATOM   643  N  NE2 . HIS A 1 84  ? -16.086 -5.333  -16.661 1.00 45.03 ? 99  HIS A NE2 1 
ATOM   644  N  N   . LEU A 1 85  ? -12.466 -5.907  -11.959 1.00 34.26 ? 100 LEU A N   1 
ATOM   645  C  CA  . LEU A 1 85  ? -11.171 -6.565  -12.249 1.00 32.95 ? 100 LEU A CA  1 
ATOM   646  C  C   . LEU A 1 85  ? -11.251 -8.109  -12.145 1.00 32.83 ? 100 LEU A C   1 
ATOM   647  O  O   . LEU A 1 85  ? -11.766 -8.631  -11.160 1.00 32.36 ? 100 LEU A O   1 
ATOM   648  C  CB  . LEU A 1 85  ? -10.092 -6.040  -11.268 1.00 32.16 ? 100 LEU A CB  1 
ATOM   649  C  CG  . LEU A 1 85  ? -8.808  -6.870  -11.012 1.00 30.90 ? 100 LEU A CG  1 
ATOM   650  C  CD1 . LEU A 1 85  ? -7.940  -7.057  -12.259 1.00 32.25 ? 100 LEU A CD1 1 
ATOM   651  C  CD2 . LEU A 1 85  ? -7.968  -6.244  -9.910  1.00 28.68 ? 100 LEU A CD2 1 
ATOM   652  N  N   . GLN A 1 86  ? -10.691 -8.829  -13.123 1.00 32.86 ? 101 GLN A N   1 
ATOM   653  C  CA  . GLN A 1 86  ? -10.635 -10.310 -13.081 1.00 31.51 ? 101 GLN A CA  1 
ATOM   654  C  C   . GLN A 1 86  ? -9.442  -10.852 -12.275 1.00 30.36 ? 101 GLN A C   1 
ATOM   655  O  O   . GLN A 1 86  ? -8.345  -10.300 -12.349 1.00 29.86 ? 101 GLN A O   1 
ATOM   656  C  CB  . GLN A 1 86  ? -10.541 -10.871 -14.495 1.00 32.02 ? 101 GLN A CB  1 
ATOM   657  C  CG  . GLN A 1 86  ? -11.721 -10.509 -15.374 1.00 34.74 ? 101 GLN A CG  1 
ATOM   658  C  CD  . GLN A 1 86  ? -12.986 -11.153 -14.879 1.00 36.85 ? 101 GLN A CD  1 
ATOM   659  O  OE1 . GLN A 1 86  ? -13.030 -12.371 -14.677 1.00 39.52 ? 101 GLN A OE1 1 
ATOM   660  N  NE2 . GLN A 1 86  ? -14.018 -10.348 -14.649 1.00 42.02 ? 101 GLN A NE2 1 
ATOM   661  N  N   . PRO A 1 87  ? -9.628  -11.946 -11.531 1.00 27.53 ? 102 PRO A N   1 
ATOM   662  C  CA  . PRO A 1 87  ? -8.549  -12.508 -10.699 1.00 26.04 ? 102 PRO A CA  1 
ATOM   663  C  C   . PRO A 1 87  ? -7.435  -13.296 -11.416 1.00 24.27 ? 102 PRO A C   1 
ATOM   664  O  O   . PRO A 1 87  ? -7.237  -14.481 -11.122 1.00 23.34 ? 102 PRO A O   1 
ATOM   665  C  CB  . PRO A 1 87  ? -9.317  -13.424 -9.730  1.00 26.49 ? 102 PRO A CB  1 
ATOM   666  C  CG  . PRO A 1 87  ? -10.479 -13.902 -10.534 1.00 26.74 ? 102 PRO A CG  1 
ATOM   667  C  CD  . PRO A 1 87  ? -10.892 -12.691 -11.340 1.00 28.14 ? 102 PRO A CD  1 
ATOM   668  N  N   . THR A 1 88  ? -6.711  -12.649 -12.323 1.00 21.49 ? 103 THR A N   1 
ATOM   669  C  CA  . THR A 1 88  ? -5.468  -13.208 -12.822 1.00 20.77 ? 103 THR A CA  1 
ATOM   670  C  C   . THR A 1 88  ? -4.365  -12.226 -12.552 1.00 18.72 ? 103 THR A C   1 
ATOM   671  O  O   . THR A 1 88  ? -4.611  -11.006 -12.411 1.00 17.59 ? 103 THR A O   1 
ATOM   672  C  CB  . THR A 1 88  ? -5.457  -13.510 -14.352 1.00 20.63 ? 103 THR A CB  1 
ATOM   673  O  OG1 . THR A 1 88  ? -5.493  -12.281 -15.092 1.00 20.78 ? 103 THR A OG1 1 
ATOM   674  C  CG2 . THR A 1 88  ? -6.679  -14.267 -14.813 1.00 22.76 ? 103 THR A CG2 1 
ATOM   675  N  N   . ALA A 1 89  ? -3.150  -12.737 -12.569 1.00 17.05 ? 104 ALA A N   1 
ATOM   676  C  CA  . ALA A 1 89  ? -1.979  -11.938 -12.330 1.00 16.03 ? 104 ALA A CA  1 
ATOM   677  C  C   . ALA A 1 89  ? -1.884  -10.837 -13.390 1.00 16.66 ? 104 ALA A C   1 
ATOM   678  O  O   . ALA A 1 89  ? -1.542  -9.706  -13.087 1.00 16.02 ? 104 ALA A O   1 
ATOM   679  C  CB  . ALA A 1 89  ? -0.716  -12.776 -12.274 1.00 17.55 ? 104 ALA A CB  1 
ATOM   680  N  N   . GLU A 1 90  ? -2.185  -11.150 -14.655 1.00 13.90 ? 105 GLU A N   1 
ATOM   681  C  CA  . GLU A 1 90  ? -2.033  -10.157 -15.685 1.00 13.24 ? 105 GLU A CA  1 
ATOM   682  C  C   . GLU A 1 90  ? -2.985  -9.029  -15.561 1.00 15.45 ? 105 GLU A C   1 
ATOM   683  O  O   . GLU A 1 90  ? -2.582  -7.882  -15.776 1.00 14.73 ? 105 GLU A O   1 
ATOM   684  C  CB  . GLU A 1 90  ? -2.153  -10.787 -17.109 1.00 14.06 ? 105 GLU A CB  1 
ATOM   685  C  CG  . GLU A 1 90  ? -1.656  -9.867  -18.225 1.00 15.24 ? 105 GLU A CG  1 
ATOM   686  C  CD  . GLU A 1 90  ? -0.198  -9.451  -18.107 1.00 18.16 ? 105 GLU A CD  1 
ATOM   687  O  OE1 . GLU A 1 90  ? 0.598   -10.119 -17.427 1.00 14.53 ? 105 GLU A OE1 1 
ATOM   688  O  OE2 . GLU A 1 90  ? 0.145   -8.390  -18.681 1.00 22.96 ? 105 GLU A OE2 1 
ATOM   689  N  N   . ASN A 1 91  ? -4.247  -9.335  -15.332 1.00 14.49 ? 106 ASN A N   1 
ATOM   690  C  CA  . ASN A 1 91  ? -5.240  -8.278  -15.186 1.00 16.21 ? 106 ASN A CA  1 
ATOM   691  C  C   . ASN A 1 91  ? -4.881  -7.421  -13.957 1.00 14.35 ? 106 ASN A C   1 
ATOM   692  O  O   . ASN A 1 91  ? -4.986  -6.188  -14.027 1.00 14.72 ? 106 ASN A O   1 
ATOM   693  C  CB  . ASN A 1 91  ? -6.640  -8.854  -15.065 1.00 17.18 ? 106 ASN A CB  1 
ATOM   694  C  CG  . ASN A 1 91  ? -7.150  -9.471  -16.341 1.00 24.41 ? 106 ASN A CG  1 
ATOM   695  O  OD1 . ASN A 1 91  ? -7.039  -8.875  -17.416 1.00 30.28 ? 106 ASN A OD1 1 
ATOM   696  N  ND2 . ASN A 1 91  ? -7.738  -10.666 -16.227 1.00 28.91 ? 106 ASN A ND2 1 
ATOM   697  N  N   . ALA A 1 92  ? -4.476  -8.058  -12.868 1.00 13.60 ? 107 ALA A N   1 
ATOM   698  C  CA  . ALA A 1 92  ? -4.085  -7.323  -11.657 1.00 13.75 ? 107 ALA A CA  1 
ATOM   699  C  C   . ALA A 1 92  ? -2.943  -6.371  -11.985 1.00 13.24 ? 107 ALA A C   1 
ATOM   700  O  O   . ALA A 1 92  ? -2.964  -5.204  -11.549 1.00 13.93 ? 107 ALA A O   1 
ATOM   701  C  CB  . ALA A 1 92  ? -3.680  -8.245  -10.534 1.00 13.36 ? 107 ALA A CB  1 
ATOM   702  N  N   . TYR A 1 93  ? -1.943  -6.817  -12.732 1.00 12.73 ? 108 TYR A N   1 
ATOM   703  C  CA  . TYR A 1 93  ? -0.786  -5.991  -13.062 1.00 11.99 ? 108 TYR A CA  1 
ATOM   704  C  C   . TYR A 1 93  ? -1.198  -4.840  -13.921 1.00 13.67 ? 108 TYR A C   1 
ATOM   705  O  O   . TYR A 1 93  ? -0.776  -3.704  -13.731 1.00 14.01 ? 108 TYR A O   1 
ATOM   706  C  CB  . TYR A 1 93  ? 0.315   -6.787  -13.762 1.00 13.11 ? 108 TYR A CB  1 
ATOM   707  C  CG  . TYR A 1 93  ? 1.458   -5.915  -14.216 1.00 14.01 ? 108 TYR A CG  1 
ATOM   708  C  CD1 . TYR A 1 93  ? 2.385   -5.434  -13.304 1.00 12.72 ? 108 TYR A CD1 1 
ATOM   709  C  CD2 . TYR A 1 93  ? 1.579   -5.519  -15.519 1.00 15.95 ? 108 TYR A CD2 1 
ATOM   710  C  CE1 . TYR A 1 93  ? 3.413   -4.612  -13.660 1.00 16.31 ? 108 TYR A CE1 1 
ATOM   711  C  CE2 . TYR A 1 93  ? 2.628   -4.671  -15.880 1.00 15.36 ? 108 TYR A CE2 1 
ATOM   712  C  CZ  . TYR A 1 93  ? 3.513   -4.241  -14.948 1.00 16.99 ? 108 TYR A CZ  1 
ATOM   713  O  OH  . TYR A 1 93  ? 4.575   -3.430  -15.305 1.00 22.24 ? 108 TYR A OH  1 
ATOM   714  N  N   . GLU A 1 94  ? -2.019  -5.106  -14.922 1.00 14.23 ? 109 GLU A N   1 
ATOM   715  C  CA  . GLU A 1 94  ? -2.411  -4.062  -15.860 1.00 15.77 ? 109 GLU A CA  1 
ATOM   716  C  C   . GLU A 1 94  ? -3.205  -2.959  -15.168 1.00 15.67 ? 109 GLU A C   1 
ATOM   717  O  O   . GLU A 1 94  ? -2.946  -1.768  -15.407 1.00 16.81 ? 109 GLU A O   1 
ATOM   718  C  CB  . GLU A 1 94  ? -3.248  -4.661  -17.017 1.00 16.40 ? 109 GLU A CB  1 
ATOM   719  C  CG  . GLU A 1 94  ? -2.510  -5.603  -17.945 1.00 20.64 ? 109 GLU A CG  1 
ATOM   720  C  CD  . GLU A 1 94  ? -3.484  -6.191  -18.978 1.00 31.74 ? 109 GLU A CD  1 
ATOM   721  O  OE1 . GLU A 1 94  ? -4.492  -6.887  -18.619 1.00 37.18 ? 109 GLU A OE1 1 
ATOM   722  O  OE2 . GLU A 1 94  ? -3.249  -5.929  -20.161 1.00 37.43 ? 109 GLU A OE2 1 
ATOM   723  N  N   . TYR A 1 95  ? -4.163  -3.340  -14.342 1.00 15.70 ? 110 TYR A N   1 
ATOM   724  C  CA  . TYR A 1 95  ? -4.950  -2.421  -13.530 1.00 17.98 ? 110 TYR A CA  1 
ATOM   725  C  C   . TYR A 1 95  ? -4.072  -1.629  -12.554 1.00 17.09 ? 110 TYR A C   1 
ATOM   726  O  O   . TYR A 1 95  ? -4.199  -0.384  -12.405 1.00 16.55 ? 110 TYR A O   1 
ATOM   727  C  CB  . TYR A 1 95  ? -5.987  -3.197  -12.719 1.00 19.55 ? 110 TYR A CB  1 
ATOM   728  C  CG  . TYR A 1 95  ? -7.297  -3.318  -13.382 1.00 27.01 ? 110 TYR A CG  1 
ATOM   729  C  CD1 . TYR A 1 95  ? -7.503  -4.238  -14.411 1.00 30.44 ? 110 TYR A CD1 1 
ATOM   730  C  CD2 . TYR A 1 95  ? -8.347  -2.488  -13.025 1.00 31.02 ? 110 TYR A CD2 1 
ATOM   731  C  CE1 . TYR A 1 95  ? -8.740  -4.343  -15.051 1.00 34.17 ? 110 TYR A CE1 1 
ATOM   732  C  CE2 . TYR A 1 95  ? -9.590  -2.582  -13.663 1.00 33.79 ? 110 TYR A CE2 1 
ATOM   733  C  CZ  . TYR A 1 95  ? -9.772  -3.513  -14.670 1.00 35.48 ? 110 TYR A CZ  1 
ATOM   734  O  OH  . TYR A 1 95  ? -10.995 -3.604  -15.304 1.00 37.74 ? 110 TYR A OH  1 
ATOM   735  N  N   . PHE A 1 96  ? -3.206  -2.363  -11.851 1.00 15.43 ? 111 PHE A N   1 
ATOM   736  C  CA  . PHE A 1 96  ? -2.312  -1.733  -10.888 1.00 14.12 ? 111 PHE A CA  1 
ATOM   737  C  C   . PHE A 1 96  ? -1.509  -0.645  -11.591 1.00 14.13 ? 111 PHE A C   1 
ATOM   738  O  O   . PHE A 1 96  ? -1.441  0.488   -11.079 1.00 14.46 ? 111 PHE A O   1 
ATOM   739  C  CB  . PHE A 1 96  ? -1.347  -2.730  -10.234 1.00 13.96 ? 111 PHE A CB  1 
ATOM   740  C  CG  . PHE A 1 96  ? -0.337  -2.051  -9.358  1.00 15.17 ? 111 PHE A CG  1 
ATOM   741  C  CD1 . PHE A 1 96  ? -0.624  -1.786  -8.040  1.00 14.05 ? 111 PHE A CD1 1 
ATOM   742  C  CD2 . PHE A 1 96  ? 0.891   -1.651  -9.895  1.00 14.60 ? 111 PHE A CD2 1 
ATOM   743  C  CE1 . PHE A 1 96  ? 0.302   -1.094  -7.235  1.00 14.87 ? 111 PHE A CE1 1 
ATOM   744  C  CE2 . PHE A 1 96  ? 1.835   -0.968  -9.095  1.00 15.37 ? 111 PHE A CE2 1 
ATOM   745  C  CZ  . PHE A 1 96  ? 1.482   -0.682  -7.761  1.00 14.65 ? 111 PHE A CZ  1 
ATOM   746  N  N   . THR A 1 97  ? -0.953  -0.952  -12.741 1.00 13.61 ? 112 THR A N   1 
ATOM   747  C  CA  . THR A 1 97  ? -0.021  -0.106  -13.414 1.00 15.51 ? 112 THR A CA  1 
ATOM   748  C  C   . THR A 1 97  ? -0.775  1.094   -13.945 1.00 15.88 ? 112 THR A C   1 
ATOM   749  O  O   . THR A 1 97  ? -0.287  2.210   -13.817 1.00 16.55 ? 112 THR A O   1 
ATOM   750  C  CB  . THR A 1 97  ? 0.695   -0.874  -14.544 1.00 15.35 ? 112 THR A CB  1 
ATOM   751  O  OG1 . THR A 1 97  ? 1.507   -1.899  -13.968 1.00 14.73 ? 112 THR A OG1 1 
ATOM   752  C  CG2 . THR A 1 97  ? 1.665   0.033   -15.213 1.00 17.96 ? 112 THR A CG2 1 
ATOM   753  N  N   . LYS A 1 98  ? -1.974  0.920   -14.471 1.00 17.22 ? 113 LYS A N   1 
ATOM   754  C  CA  . LYS A 1 98  ? -2.725  2.067   -15.006 1.00 18.92 ? 113 LYS A CA  1 
ATOM   755  C  C   . LYS A 1 98  ? -3.088  3.050   -13.925 1.00 18.43 ? 113 LYS A C   1 
ATOM   756  O  O   . LYS A 1 98  ? -2.869  4.264   -14.071 1.00 18.10 ? 113 LYS A O   1 
ATOM   757  C  CB  . LYS A 1 98  ? -3.956  1.629   -15.810 1.00 20.09 ? 113 LYS A CB  1 
ATOM   758  C  CG  . LYS A 1 98  ? -5.164  1.137   -15.095 1.00 26.08 ? 113 LYS A CG  1 
ATOM   759  C  CD  . LYS A 1 98  ? -6.181  0.621   -16.178 1.00 33.30 ? 113 LYS A CD  1 
ATOM   760  C  CE  . LYS A 1 98  ? -7.589  0.291   -15.658 1.00 35.94 ? 113 LYS A CE  1 
ATOM   761  N  NZ  . LYS A 1 98  ? -8.447  -0.385  -16.736 1.00 37.48 ? 113 LYS A NZ  1 
ATOM   762  N  N   . ILE A 1 99  ? -3.583  2.566   -12.802 1.00 17.50 ? 114 ILE A N   1 
ATOM   763  C  CA  . ILE A 1 99  ? -4.011  3.405   -11.713 1.00 16.38 ? 114 ILE A CA  1 
ATOM   764  C  C   . ILE A 1 99  ? -2.816  4.059   -11.007 1.00 15.86 ? 114 ILE A C   1 
ATOM   765  O  O   . ILE A 1 99  ? -2.868  5.260   -10.664 1.00 16.75 ? 114 ILE A O   1 
ATOM   766  C  CB  . ILE A 1 99  ? -4.949  2.615   -10.741 1.00 17.17 ? 114 ILE A CB  1 
ATOM   767  C  CG1 . ILE A 1 99  ? -6.220  2.152   -11.513 1.00 19.43 ? 114 ILE A CG1 1 
ATOM   768  C  CG2 . ILE A 1 99  ? -5.261  3.435   -9.519  1.00 18.71 ? 114 ILE A CG2 1 
ATOM   769  C  CD1 . ILE A 1 99  ? -7.107  3.308   -11.980 1.00 24.40 ? 114 ILE A CD1 1 
ATOM   770  N  N   . ALA A 1 100 ? -1.775  3.301   -10.695 1.00 14.92 ? 115 ALA A N   1 
ATOM   771  C  CA  . ALA A 1 100 ? -0.581  3.855   -10.067 1.00 14.57 ? 115 ALA A CA  1 
ATOM   772  C  C   . ALA A 1 100 ? 0.027   4.966   -10.942 1.00 15.14 ? 115 ALA A C   1 
ATOM   773  O  O   . ALA A 1 100 ? 0.423   6.045   -10.464 1.00 15.59 ? 115 ALA A O   1 
ATOM   774  C  CB  . ALA A 1 100 ? 0.413   2.756   -9.826  1.00 15.51 ? 115 ALA A CB  1 
ATOM   775  N  N   . THR A 1 101 ? 0.073   4.725   -12.239 1.00 15.49 ? 116 THR A N   1 
ATOM   776  C  CA  . THR A 1 101 ? 0.597   5.714   -13.166 1.00 16.58 ? 116 THR A CA  1 
ATOM   777  C  C   . THR A 1 101 ? -0.245  6.974   -13.099 1.00 17.38 ? 116 THR A C   1 
ATOM   778  O  O   . THR A 1 101 ? 0.327   8.093   -13.099 1.00 17.03 ? 116 THR A O   1 
ATOM   779  C  CB  . THR A 1 101 ? 0.661   5.128   -14.578 1.00 16.21 ? 116 THR A CB  1 
ATOM   780  O  OG1 . THR A 1 101 ? 1.555   4.006   -14.589 1.00 18.97 ? 116 THR A OG1 1 
ATOM   781  C  CG2 . THR A 1 101 ? 1.291   6.123   -15.568 1.00 20.42 ? 116 THR A CG2 1 
ATOM   782  N  N   . SER A 1 102 ? -1.553  6.836   -13.065 1.00 17.05 ? 117 SER A N   1 
ATOM   783  C  CA  . SER A 1 102 ? -2.475  7.975   -13.043 1.00 18.97 ? 117 SER A CA  1 
ATOM   784  C  C   . SER A 1 102 ? -2.316  8.762   -11.759 1.00 18.50 ? 117 SER A C   1 
ATOM   785  O  O   . SER A 1 102 ? -2.384  10.021  -11.781 1.00 19.60 ? 117 SER A O   1 
ATOM   786  C  CB  . SER A 1 102 ? -3.944  7.521   -13.248 1.00 19.08 ? 117 SER A CB  1 
ATOM   787  O  OG  . SER A 1 102 ? -4.461  6.802   -12.156 1.00 26.92 ? 117 SER A OG  1 
ATOM   788  N  N   . LEU A 1 103 ? -2.077  8.090   -10.629 1.00 17.13 ? 118 LEU A N   1 
ATOM   789  C  CA  . LEU A 1 103 ? -1.899  8.773   -9.370  1.00 16.80 ? 118 LEU A CA  1 
ATOM   790  C  C   . LEU A 1 103 ? -0.686  9.739   -9.361  1.00 15.90 ? 118 LEU A C   1 
ATOM   791  O  O   . LEU A 1 103 ? -0.721  10.765  -8.628  1.00 16.34 ? 118 LEU A O   1 
ATOM   792  C  CB  . LEU A 1 103 ? -1.718  7.767   -8.213  1.00 16.93 ? 118 LEU A CB  1 
ATOM   793  C  CG  . LEU A 1 103 ? -2.954  7.034   -7.667  1.00 19.91 ? 118 LEU A CG  1 
ATOM   794  C  CD1 . LEU A 1 103 ? -2.581  5.955   -6.670  1.00 23.98 ? 118 LEU A CD1 1 
ATOM   795  C  CD2 . LEU A 1 103 ? -3.877  8.024   -6.968  1.00 23.45 ? 118 LEU A CD2 1 
ATOM   796  N  N   . PHE A 1 104 ? 0.362   9.430   -10.111 1.00 15.05 ? 119 PHE A N   1 
ATOM   797  C  CA  . PHE A 1 104 ? 1.611   10.202  -10.054 1.00 15.81 ? 119 PHE A CA  1 
ATOM   798  C  C   . PHE A 1 104 ? 1.909   11.016  -11.331 1.00 16.13 ? 119 PHE A C   1 
ATOM   799  O  O   . PHE A 1 104 ? 3.009   11.549  -11.480 1.00 16.92 ? 119 PHE A O   1 
ATOM   800  C  CB  . PHE A 1 104 ? 2.797   9.298   -9.699  1.00 16.38 ? 119 PHE A CB  1 
ATOM   801  C  CG  . PHE A 1 104 ? 2.671   8.727   -8.347  1.00 14.33 ? 119 PHE A CG  1 
ATOM   802  C  CD1 . PHE A 1 104 ? 3.053   9.444   -7.216  1.00 14.54 ? 119 PHE A CD1 1 
ATOM   803  C  CD2 . PHE A 1 104 ? 2.144   7.464   -8.154  1.00 15.46 ? 119 PHE A CD2 1 
ATOM   804  C  CE1 . PHE A 1 104 ? 2.892   8.913   -5.961  1.00 14.00 ? 119 PHE A CE1 1 
ATOM   805  C  CE2 . PHE A 1 104 ? 1.969   6.956   -6.898  1.00 14.14 ? 119 PHE A CE2 1 
ATOM   806  C  CZ  . PHE A 1 104 ? 2.337   7.694   -5.794  1.00 15.17 ? 119 PHE A CZ  1 
ATOM   807  N  N   . GLU A 1 105 ? 0.939   11.061  -12.238 1.00 17.54 ? 120 GLU A N   1 
ATOM   808  C  CA  . GLU A 1 105 ? 1.091   11.749  -13.519 1.00 18.80 ? 120 GLU A CA  1 
ATOM   809  C  C   . GLU A 1 105 ? 1.499   13.210  -13.300 1.00 19.62 ? 120 GLU A C   1 
ATOM   810  O  O   . GLU A 1 105 ? 2.293   13.748  -14.060 1.00 19.25 ? 120 GLU A O   1 
ATOM   811  C  CB  . GLU A 1 105 ? -0.209  11.646  -14.320 1.00 19.98 ? 120 GLU A CB  1 
ATOM   812  C  CG  . GLU A 1 105 ? -0.142  12.171  -15.740 1.00 25.07 ? 120 GLU A CG  1 
ATOM   813  C  CD  . GLU A 1 105 ? -1.479  12.096  -16.458 1.00 29.05 ? 120 GLU A CD  1 
ATOM   814  O  OE1 . GLU A 1 105 ? -1.475  12.058  -17.704 1.00 35.68 ? 120 GLU A OE1 1 
ATOM   815  O  OE2 . GLU A 1 105 ? -2.526  12.110  -15.781 1.00 35.85 ? 120 GLU A OE2 1 
ATOM   816  N  N   . SER A 1 106 ? 0.935   13.854  -12.276 1.00 20.62 ? 121 SER A N   1 
ATOM   817  C  CA  . SER A 1 106 ? 1.255   15.270  -12.004 1.00 21.73 ? 121 SER A CA  1 
ATOM   818  C  C   . SER A 1 106 ? 2.209   15.481  -10.822 1.00 21.46 ? 121 SER A C   1 
ATOM   819  O  O   . SER A 1 106 ? 2.232   16.543  -10.195 1.00 22.55 ? 121 SER A O   1 
ATOM   820  C  CB  . SER A 1 106 ? -0.024  16.075  -11.846 1.00 22.27 ? 121 SER A CB  1 
ATOM   821  O  OG  . SER A 1 106 ? -0.780  15.581  -10.794 1.00 27.92 ? 121 SER A OG  1 
ATOM   822  N  N   . GLY A 1 107 ? 3.012   14.463  -10.528 1.00 19.95 ? 122 GLY A N   1 
ATOM   823  C  CA  . GLY A 1 107 ? 4.045   14.560  -9.520  1.00 20.02 ? 122 GLY A CA  1 
ATOM   824  C  C   . GLY A 1 107 ? 3.757   13.717  -8.312  1.00 18.68 ? 122 GLY A C   1 
ATOM   825  O  O   . GLY A 1 107 ? 2.735   13.050  -8.218  1.00 18.77 ? 122 GLY A O   1 
ATOM   826  N  N   . ILE A 1 108 ? 4.656   13.835  -7.346  1.00 17.95 ? 123 ILE A N   1 
ATOM   827  C  CA  . ILE A 1 108 ? 4.649   13.049  -6.106  1.00 17.57 ? 123 ILE A CA  1 
ATOM   828  C  C   . ILE A 1 108 ? 4.396   13.938  -4.884  1.00 17.98 ? 123 ILE A C   1 
ATOM   829  O  O   . ILE A 1 108 ? 4.945   15.053  -4.771  1.00 19.01 ? 123 ILE A O   1 
ATOM   830  C  CB  . ILE A 1 108 ? 6.002   12.345  -5.964  1.00 17.44 ? 123 ILE A CB  1 
ATOM   831  C  CG1 . ILE A 1 108 ? 6.337   11.581  -7.243  1.00 16.79 ? 123 ILE A CG1 1 
ATOM   832  C  CG2 . ILE A 1 108 ? 6.014   11.438  -4.731  1.00 17.16 ? 123 ILE A CG2 1 
ATOM   833  C  CD1 . ILE A 1 108 ? 7.799   11.151  -7.354  1.00 17.94 ? 123 ILE A CD1 1 
ATOM   834  N  N   . ASN A 1 109 ? 3.514   13.476  -4.024  1.00 16.21 ? 124 ASN A N   1 
ATOM   835  C  CA  . ASN A 1 109 ? 3.352   14.009  -2.682  1.00 16.10 ? 124 ASN A CA  1 
ATOM   836  C  C   . ASN A 1 109 ? 2.964   12.899  -1.679  1.00 16.65 ? 124 ASN A C   1 
ATOM   837  O  O   . ASN A 1 109 ? 2.563   11.797  -2.098  1.00 15.74 ? 124 ASN A O   1 
ATOM   838  C  CB  . ASN A 1 109 ? 2.393   15.219  -2.679  1.00 17.01 ? 124 ASN A CB  1 
ATOM   839  C  CG  . ASN A 1 109 ? 0.974   14.878  -3.001  1.00 15.25 ? 124 ASN A CG  1 
ATOM   840  O  OD1 . ASN A 1 109 ? 0.366   13.990  -2.373  1.00 16.61 ? 124 ASN A OD1 1 
ATOM   841  N  ND2 . ASN A 1 109 ? 0.380   15.651  -3.968  1.00 17.42 ? 124 ASN A ND2 1 
ATOM   842  N  N   . TRP A 1 110 ? 3.015   13.171  -0.385  1.00 15.88 ? 125 TRP A N   1 
ATOM   843  C  CA  . TRP A 1 110 ? 2.804   12.126  0.595   1.00 15.56 ? 125 TRP A CA  1 
ATOM   844  C  C   . TRP A 1 110 ? 1.394   11.580  0.532   1.00 16.69 ? 125 TRP A C   1 
ATOM   845  O  O   . TRP A 1 110 ? 1.172   10.384  0.729   1.00 16.49 ? 125 TRP A O   1 
ATOM   846  C  CB  . TRP A 1 110 ? 3.100   12.627  2.023   1.00 15.90 ? 125 TRP A CB  1 
ATOM   847  C  CG  . TRP A 1 110 ? 4.559   12.662  2.340   1.00 15.98 ? 125 TRP A CG  1 
ATOM   848  C  CD1 . TRP A 1 110 ? 5.342   13.775  2.544   1.00 18.37 ? 125 TRP A CD1 1 
ATOM   849  C  CD2 . TRP A 1 110 ? 5.436   11.534  2.524   1.00 19.93 ? 125 TRP A CD2 1 
ATOM   850  N  NE1 . TRP A 1 110 ? 6.641   13.406  2.811   1.00 22.07 ? 125 TRP A NE1 1 
ATOM   851  C  CE2 . TRP A 1 110 ? 6.725   12.039  2.789   1.00 19.11 ? 125 TRP A CE2 1 
ATOM   852  C  CE3 . TRP A 1 110 ? 5.261   10.143  2.421   1.00 20.10 ? 125 TRP A CE3 1 
ATOM   853  C  CZ2 . TRP A 1 110 ? 7.815   11.208  3.027   1.00 22.44 ? 125 TRP A CZ2 1 
ATOM   854  C  CZ3 . TRP A 1 110 ? 6.356   9.325   2.654   1.00 21.41 ? 125 TRP A CZ3 1 
ATOM   855  C  CH2 . TRP A 1 110 ? 7.610   9.863   2.947   1.00 21.30 ? 125 TRP A CH2 1 
ATOM   856  N  N   . GLY A 1 111 ? 0.398   12.414  0.240   1.00 16.03 ? 126 GLY A N   1 
ATOM   857  C  CA  . GLY A 1 111 ? -0.957  11.942  0.162   1.00 16.18 ? 126 GLY A CA  1 
ATOM   858  C  C   . GLY A 1 111 ? -1.114  10.930  -0.971  1.00 15.55 ? 126 GLY A C   1 
ATOM   859  O  O   . GLY A 1 111 ? -1.895  9.993   -0.815  1.00 15.45 ? 126 GLY A O   1 
ATOM   860  N  N   . ARG A 1 112 ? -0.407  11.150  -2.062  1.00 15.35 ? 127 ARG A N   1 
ATOM   861  C  CA  . ARG A 1 112 ? -0.437  10.241  -3.220  1.00 13.88 ? 127 ARG A CA  1 
ATOM   862  C  C   . ARG A 1 112 ? 0.308   8.926   -2.898  1.00 14.25 ? 127 ARG A C   1 
ATOM   863  O  O   . ARG A 1 112 ? -0.143  7.846   -3.321  1.00 13.64 ? 127 ARG A O   1 
ATOM   864  C  CB  . ARG A 1 112 ? 0.148   10.883  -4.484  1.00 14.29 ? 127 ARG A CB  1 
ATOM   865  C  CG  . ARG A 1 112 ? -0.687  12.001  -5.017  1.00 15.57 ? 127 ARG A CG  1 
ATOM   866  C  CD  . ARG A 1 112 ? -0.066  12.751  -6.137  1.00 19.41 ? 127 ARG A CD  1 
ATOM   867  N  NE  . ARG A 1 112 ? -0.932  13.873  -6.522  1.00 21.63 ? 127 ARG A NE  1 
ATOM   868  C  CZ  . ARG A 1 112 ? -0.564  14.928  -7.252  1.00 24.05 ? 127 ARG A CZ  1 
ATOM   869  N  NH1 . ARG A 1 112 ? 0.673   15.039  -7.726  1.00 24.92 ? 127 ARG A NH1 1 
ATOM   870  N  NH2 . ARG A 1 112 ? -1.458  15.891  -7.485  1.00 24.58 ? 127 ARG A NH2 1 
ATOM   871  N  N   . VAL A 1 113 ? 1.423   9.014   -2.178  1.00 14.43 ? 128 VAL A N   1 
ATOM   872  C  CA  . VAL A 1 113 ? 2.110   7.807   -1.663  1.00 13.91 ? 128 VAL A CA  1 
ATOM   873  C  C   . VAL A 1 113 ? 1.130   6.992   -0.818  1.00 14.96 ? 128 VAL A C   1 
ATOM   874  O  O   . VAL A 1 113 ? 0.999   5.762   -0.988  1.00 13.94 ? 128 VAL A O   1 
ATOM   875  C  CB  . VAL A 1 113 ? 3.377   8.169   -0.865  1.00 14.81 ? 128 VAL A CB  1 
ATOM   876  C  CG1 . VAL A 1 113 ? 3.891   6.951   -0.135  1.00 13.92 ? 128 VAL A CG1 1 
ATOM   877  C  CG2 . VAL A 1 113 ? 4.378   8.745   -1.788  1.00 14.56 ? 128 VAL A CG2 1 
ATOM   878  N  N   . VAL A 1 114 ? 0.392   7.634   0.102   1.00 13.71 ? 129 VAL A N   1 
ATOM   879  C  CA  . VAL A 1 114 ? -0.581  6.897   0.913   1.00 14.86 ? 129 VAL A CA  1 
ATOM   880  C  C   . VAL A 1 114 ? -1.695  6.319   0.032   1.00 14.43 ? 129 VAL A C   1 
ATOM   881  O  O   . VAL A 1 114 ? -2.178  5.220   0.226   1.00 14.06 ? 129 VAL A O   1 
ATOM   882  C  CB  . VAL A 1 114 ? -1.177  7.803   2.027   1.00 15.30 ? 129 VAL A CB  1 
ATOM   883  C  CG1 . VAL A 1 114 ? -2.334  7.113   2.790   1.00 17.77 ? 129 VAL A CG1 1 
ATOM   884  C  CG2 . VAL A 1 114 ? -0.087  8.175   2.988   1.00 16.16 ? 129 VAL A CG2 1 
ATOM   885  N  N   . ALA A 1 115 ? -2.153  7.066   -0.952  1.00 12.77 ? 130 ALA A N   1 
ATOM   886  C  CA  . ALA A 1 115 ? -3.127  6.596   -1.932  1.00 13.87 ? 130 ALA A CA  1 
ATOM   887  C  C   . ALA A 1 115 ? -2.658  5.331   -2.640  1.00 13.63 ? 130 ALA A C   1 
ATOM   888  O  O   . ALA A 1 115 ? -3.466  4.439   -2.840  1.00 14.70 ? 130 ALA A O   1 
ATOM   889  C  CB  . ALA A 1 115 ? -3.449  7.708   -2.935  1.00 14.52 ? 130 ALA A CB  1 
ATOM   890  N  N   . LEU A 1 116 ? -1.374  5.267   -2.971  1.00 13.15 ? 131 LEU A N   1 
ATOM   891  C  CA  . LEU A 1 116 ? -0.812  4.117   -3.649  1.00 12.20 ? 131 LEU A CA  1 
ATOM   892  C  C   . LEU A 1 116 ? -0.855  2.918   -2.694  1.00 12.26 ? 131 LEU A C   1 
ATOM   893  O  O   . LEU A 1 116 ? -1.241  1.788   -3.111  1.00 13.10 ? 131 LEU A O   1 
ATOM   894  C  CB  . LEU A 1 116 ? 0.604   4.346   -4.152  1.00 12.79 ? 131 LEU A CB  1 
ATOM   895  C  CG  . LEU A 1 116 ? 1.284   3.163   -4.856  1.00 14.77 ? 131 LEU A CG  1 
ATOM   896  C  CD1 . LEU A 1 116 ? 0.526   2.803   -6.050  1.00 17.21 ? 131 LEU A CD1 1 
ATOM   897  C  CD2 . LEU A 1 116 ? 2.734   3.499   -5.216  1.00 17.36 ? 131 LEU A CD2 1 
ATOM   898  N  N   . LEU A 1 117 ? -0.403  3.100   -1.469  1.00 12.00 ? 132 LEU A N   1 
ATOM   899  C  CA  . LEU A 1 117 ? -0.509  2.023   -0.471  1.00 11.39 ? 132 LEU A CA  1 
ATOM   900  C  C   . LEU A 1 117 ? -1.958  1.561   -0.304  1.00 11.89 ? 132 LEU A C   1 
ATOM   901  O  O   . LEU A 1 117 ? -2.244  0.367   -0.270  1.00 11.66 ? 132 LEU A O   1 
ATOM   902  C  CB  . LEU A 1 117 ? 0.047   2.461   0.882   1.00 12.44 ? 132 LEU A CB  1 
ATOM   903  C  CG  . LEU A 1 117 ? 1.490   2.968   0.928   1.00 12.60 ? 132 LEU A CG  1 
ATOM   904  C  CD1 . LEU A 1 117 ? 1.897   3.427   2.336   1.00 15.84 ? 132 LEU A CD1 1 
ATOM   905  C  CD2 . LEU A 1 117 ? 2.457   1.957   0.407   1.00 15.94 ? 132 LEU A CD2 1 
ATOM   906  N  N   . GLY A 1 118 ? -2.908  2.484   -0.215  1.00 11.88 ? 133 GLY A N   1 
ATOM   907  C  CA  . GLY A 1 118 ? -4.293  2.142   -0.120  1.00 12.68 ? 133 GLY A CA  1 
ATOM   908  C  C   . GLY A 1 118 ? -4.855  1.434   -1.334  1.00 12.24 ? 133 GLY A C   1 
ATOM   909  O  O   . GLY A 1 118 ? -5.698  0.560   -1.195  1.00 13.07 ? 133 GLY A O   1 
ATOM   910  N  N   . PHE A 1 119 ? -4.381  1.803   -2.518  1.00 13.20 ? 134 PHE A N   1 
ATOM   911  C  CA  . PHE A 1 119 ? -4.796  1.113   -3.741  1.00 13.47 ? 134 PHE A CA  1 
ATOM   912  C  C   . PHE A 1 119 ? -4.254  -0.336  -3.745  1.00 13.25 ? 134 PHE A C   1 
ATOM   913  O  O   . PHE A 1 119 ? -5.024  -1.255  -4.045  1.00 13.13 ? 134 PHE A O   1 
ATOM   914  C  CB  . PHE A 1 119 ? -4.375  1.884   -4.977  1.00 15.78 ? 134 PHE A CB  1 
ATOM   915  C  CG  . PHE A 1 119 ? -4.594  1.172   -6.208  1.00 17.65 ? 134 PHE A CG  1 
ATOM   916  C  CD1 . PHE A 1 119 ? -5.873  0.837   -6.607  1.00 22.04 ? 134 PHE A CD1 1 
ATOM   917  C  CD2 . PHE A 1 119 ? -3.504  0.894   -7.016  1.00 23.13 ? 134 PHE A CD2 1 
ATOM   918  C  CE1 . PHE A 1 119 ? -6.071  0.148   -7.807  1.00 23.90 ? 134 PHE A CE1 1 
ATOM   919  C  CE2 . PHE A 1 119 ? -3.683  0.221   -8.193  1.00 26.57 ? 134 PHE A CE2 1 
ATOM   920  C  CZ  . PHE A 1 119 ? -4.959  -0.187  -8.557  1.00 23.40 ? 134 PHE A CZ  1 
ATOM   921  N  N   . GLY A 1 120 ? -2.990  -0.530  -3.371  1.00 12.06 ? 135 GLY A N   1 
ATOM   922  C  CA  . GLY A 1 120 ? -2.447  -1.859  -3.160  1.00 12.69 ? 135 GLY A CA  1 
ATOM   923  C  C   . GLY A 1 120 ? -3.291  -2.674  -2.211  1.00 11.95 ? 135 GLY A C   1 
ATOM   924  O  O   . GLY A 1 120 ? -3.614  -3.803  -2.504  1.00 11.33 ? 135 GLY A O   1 
ATOM   925  N  N   . TYR A 1 121 ? -3.667  -2.097  -1.078  1.00 12.33 ? 136 TYR A N   1 
ATOM   926  C  CA  . TYR A 1 121 ? -4.537  -2.736  -0.110  1.00 11.36 ? 136 TYR A CA  1 
ATOM   927  C  C   . TYR A 1 121 ? -5.847  -3.208  -0.739  1.00 12.30 ? 136 TYR A C   1 
ATOM   928  O  O   . TYR A 1 121 ? -6.210  -4.348  -0.638  1.00 11.88 ? 136 TYR A O   1 
ATOM   929  C  CB  . TYR A 1 121 ? -4.787  -1.793  1.084   1.00 12.56 ? 136 TYR A CB  1 
ATOM   930  C  CG  . TYR A 1 121 ? -5.709  -2.339  2.115   1.00 12.32 ? 136 TYR A CG  1 
ATOM   931  C  CD1 . TYR A 1 121 ? -5.228  -3.052  3.195   1.00 13.58 ? 136 TYR A CD1 1 
ATOM   932  C  CD2 . TYR A 1 121 ? -7.080  -2.184  2.017   1.00 14.30 ? 136 TYR A CD2 1 
ATOM   933  C  CE1 . TYR A 1 121 ? -6.099  -3.581  4.182   1.00 14.87 ? 136 TYR A CE1 1 
ATOM   934  C  CE2 . TYR A 1 121 ? -7.981  -2.718  2.978   1.00 16.62 ? 136 TYR A CE2 1 
ATOM   935  C  CZ  . TYR A 1 121 ? -7.486  -3.415  4.064   1.00 14.78 ? 136 TYR A CZ  1 
ATOM   936  O  OH  . TYR A 1 121 ? -8.323  -3.970  5.040   1.00 16.56 ? 136 TYR A OH  1 
ATOM   937  N  N   . ARG A 1 122 ? -6.533  -2.299  -1.442  1.00 13.16 ? 137 ARG A N   1 
ATOM   938  C  CA  . ARG A 1 122 ? -7.814  -2.625  -2.037  1.00 13.34 ? 137 ARG A CA  1 
ATOM   939  C  C   . ARG A 1 122 ? -7.716  -3.651  -3.146  1.00 12.60 ? 137 ARG A C   1 
ATOM   940  O  O   . ARG A 1 122 ? -8.562  -4.546  -3.244  1.00 13.97 ? 137 ARG A O   1 
ATOM   941  C  CB  . ARG A 1 122 ? -8.503  -1.358  -2.574  1.00 14.77 ? 137 ARG A CB  1 
ATOM   942  C  CG  . ARG A 1 122 ? -9.123  -0.503  -1.474  1.00 18.43 ? 137 ARG A CG  1 
ATOM   943  C  CD  . ARG A 1 122 ? -10.179 -1.280  -0.609  1.00 24.46 ? 137 ARG A CD  1 
ATOM   944  N  NE  . ARG A 1 122 ? -10.986 -0.400  0.238   1.00 28.26 ? 137 ARG A NE  1 
ATOM   945  C  CZ  . ARG A 1 122 ? -11.688 -0.783  1.291   1.00 31.33 ? 137 ARG A CZ  1 
ATOM   946  N  NH1 . ARG A 1 122 ? -11.742 -2.061  1.687   1.00 31.94 ? 137 ARG A NH1 1 
ATOM   947  N  NH2 . ARG A 1 122 ? -12.354 0.141   1.973   1.00 33.31 ? 137 ARG A NH2 1 
ATOM   948  N  N   . LEU A 1 123 ? -6.680  -3.563  -3.961  1.00 12.54 ? 138 LEU A N   1 
ATOM   949  C  CA  . LEU A 1 123 ? -6.447  -4.513  -5.014  1.00 12.55 ? 138 LEU A CA  1 
ATOM   950  C  C   . LEU A 1 123 ? -6.214  -5.902  -4.408  1.00 12.84 ? 138 LEU A C   1 
ATOM   951  O  O   . LEU A 1 123 ? -6.788  -6.904  -4.883  1.00 13.14 ? 138 LEU A O   1 
ATOM   952  C  CB  . LEU A 1 123 ? -5.256  -4.094  -5.878  1.00 14.76 ? 138 LEU A CB  1 
ATOM   953  C  CG  . LEU A 1 123 ? -4.789  -5.176  -6.876  1.00 15.53 ? 138 LEU A CG  1 
ATOM   954  C  CD1 . LEU A 1 123 ? -5.818  -5.395  -7.974  1.00 19.85 ? 138 LEU A CD1 1 
ATOM   955  C  CD2 . LEU A 1 123 ? -3.403  -4.827  -7.450  1.00 21.29 ? 138 LEU A CD2 1 
ATOM   956  N  N   . ALA A 1 124 ? -5.318  -5.989  -3.427  1.00 12.03 ? 139 ALA A N   1 
ATOM   957  C  CA  . ALA A 1 124 ? -5.053  -7.265  -2.777  1.00 11.64 ? 139 ALA A CA  1 
ATOM   958  C  C   . ALA A 1 124 ? -6.306  -7.896  -2.193  1.00 12.51 ? 139 ALA A C   1 
ATOM   959  O  O   . ALA A 1 124 ? -6.573  -9.081  -2.351  1.00 12.16 ? 139 ALA A O   1 
ATOM   960  C  CB  . ALA A 1 124 ? -4.006  -7.085  -1.707  1.00 12.81 ? 139 ALA A CB  1 
ATOM   961  N  N   . LEU A 1 125 ? -7.084  -7.074  -1.519  1.00 13.53 ? 140 LEU A N   1 
ATOM   962  C  CA  . LEU A 1 125 ? -8.321  -7.529  -0.924  1.00 14.69 ? 140 LEU A CA  1 
ATOM   963  C  C   . LEU A 1 125 ? -9.322  -7.999  -1.982  1.00 14.42 ? 140 LEU A C   1 
ATOM   964  O  O   . LEU A 1 125 ? -9.881  -9.078  -1.876  1.00 14.29 ? 140 LEU A O   1 
ATOM   965  C  CB  . LEU A 1 125 ? -8.946  -6.431  -0.061  1.00 15.11 ? 140 LEU A CB  1 
ATOM   966  C  CG  . LEU A 1 125 ? -10.312 -6.647  0.548   1.00 20.46 ? 140 LEU A CG  1 
ATOM   967  C  CD1 . LEU A 1 125 ? -10.294 -7.903  1.359   1.00 17.04 ? 140 LEU A CD1 1 
ATOM   968  C  CD2 . LEU A 1 125 ? -10.641 -5.448  1.412   1.00 22.27 ? 140 LEU A CD2 1 
ATOM   969  N  N   . HIS A 1 126 ? -9.463  -7.232  -3.030  1.00 15.04 ? 141 HIS A N   1 
ATOM   970  C  CA  . HIS A 1 126 ? -10.361 -7.624  -4.115  1.00 16.08 ? 141 HIS A CA  1 
ATOM   971  C  C   . HIS A 1 126 ? -9.983  -8.952  -4.728  1.00 16.20 ? 141 HIS A C   1 
ATOM   972  O  O   . HIS A 1 126 ? -10.847 -9.841  -4.903  1.00 17.24 ? 141 HIS A O   1 
ATOM   973  C  CB  . HIS A 1 126 ? -10.381 -6.570  -5.180  1.00 17.65 ? 141 HIS A CB  1 
ATOM   974  C  CG  . HIS A 1 126 ? -11.249 -6.902  -6.340  1.00 18.83 ? 141 HIS A CG  1 
ATOM   975  N  ND1 . HIS A 1 126 ? -10.764 -7.453  -7.502  1.00 21.91 ? 141 HIS A ND1 1 
ATOM   976  C  CD2 . HIS A 1 126 ? -12.584 -6.756  -6.512  1.00 22.11 ? 141 HIS A CD2 1 
ATOM   977  C  CE1 . HIS A 1 126 ? -11.769 -7.636  -8.343  1.00 23.06 ? 141 HIS A CE1 1 
ATOM   978  N  NE2 . HIS A 1 126 ? -12.874 -7.203  -7.771  1.00 23.36 ? 141 HIS A NE2 1 
ATOM   979  N  N   . VAL A 1 127 ? -8.712  -9.164  -5.058  1.00 15.29 ? 142 VAL A N   1 
ATOM   980  C  CA  . VAL A 1 127 ? -8.391  -10.401 -5.772  1.00 15.27 ? 142 VAL A CA  1 
ATOM   981  C  C   . VAL A 1 127 ? -8.555  -11.571 -4.829  1.00 16.31 ? 142 VAL A C   1 
ATOM   982  O  O   . VAL A 1 127 ? -8.992  -12.654 -5.246  1.00 16.52 ? 142 VAL A O   1 
ATOM   983  C  CB  . VAL A 1 127 ? -7.042  -10.395 -6.479  1.00 16.39 ? 142 VAL A CB  1 
ATOM   984  C  CG1 . VAL A 1 127 ? -6.971  -9.290  -7.490  1.00 16.33 ? 142 VAL A CG1 1 
ATOM   985  C  CG2 . VAL A 1 127 ? -5.886  -10.364 -5.502  1.00 17.11 ? 142 VAL A CG2 1 
ATOM   986  N  N   . TYR A 1 128 ? -8.237  -11.386 -3.553  1.00 15.40 ? 143 TYR A N   1 
ATOM   987  C  CA  . TYR A 1 128 ? -8.454  -12.436 -2.567  1.00 15.68 ? 143 TYR A CA  1 
ATOM   988  C  C   . TYR A 1 128 ? -9.949  -12.803 -2.468  1.00 16.88 ? 143 TYR A C   1 
ATOM   989  O  O   . TYR A 1 128 ? -10.315 -13.997 -2.500  1.00 17.49 ? 143 TYR A O   1 
ATOM   990  C  CB  . TYR A 1 128 ? -7.885  -12.058 -1.185  1.00 15.35 ? 143 TYR A CB  1 
ATOM   991  C  CG  . TYR A 1 128 ? -8.195  -13.118 -0.173  1.00 16.36 ? 143 TYR A CG  1 
ATOM   992  C  CD1 . TYR A 1 128 ? -7.402  -14.253 -0.059  1.00 16.50 ? 143 TYR A CD1 1 
ATOM   993  C  CD2 . TYR A 1 128 ? -9.330  -13.021 0.629   1.00 14.89 ? 143 TYR A CD2 1 
ATOM   994  C  CE1 . TYR A 1 128 ? -7.710  -15.226 0.823   1.00 17.97 ? 143 TYR A CE1 1 
ATOM   995  C  CE2 . TYR A 1 128 ? -9.625  -14.008 1.514   1.00 15.40 ? 143 TYR A CE2 1 
ATOM   996  C  CZ  . TYR A 1 128 ? -8.825  -15.098 1.599   1.00 15.58 ? 143 TYR A CZ  1 
ATOM   997  O  OH  . TYR A 1 128 ? -9.089  -16.156 2.479   1.00 20.44 ? 143 TYR A OH  1 
ATOM   998  N  N   . GLN A 1 129 ? -10.802 -11.797 -2.383  1.00 18.60 ? 144 GLN A N   1 
ATOM   999  C  CA  . GLN A 1 129 ? -12.267 -12.011 -2.300  1.00 20.55 ? 144 GLN A CA  1 
ATOM   1000 C  C   . GLN A 1 129 ? -12.789 -12.729 -3.544  1.00 21.50 ? 144 GLN A C   1 
ATOM   1001 O  O   . GLN A 1 129 ? -13.800 -13.439 -3.460  1.00 22.56 ? 144 GLN A O   1 
ATOM   1002 C  CB  . GLN A 1 129 ? -13.020 -10.710 -2.133  1.00 21.53 ? 144 GLN A CB  1 
ATOM   1003 C  CG  . GLN A 1 129 ? -12.806 -10.022 -0.825  1.00 23.59 ? 144 GLN A CG  1 
ATOM   1004 C  CD  . GLN A 1 129 ? -13.639 -8.784  -0.713  1.00 29.67 ? 144 GLN A CD  1 
ATOM   1005 O  OE1 . GLN A 1 129 ? -13.401 -7.795  -1.416  1.00 34.11 ? 144 GLN A OE1 1 
ATOM   1006 N  NE2 . GLN A 1 129 ? -14.637 -8.831  0.146   1.00 34.52 ? 144 GLN A NE2 1 
ATOM   1007 N  N   . HIS A 1 130 ? -12.105 -12.595 -4.678  1.00 20.71 ? 145 HIS A N   1 
ATOM   1008 C  CA  . HIS A 1 130 ? -12.505 -13.270 -5.923  1.00 21.89 ? 145 HIS A CA  1 
ATOM   1009 C  C   . HIS A 1 130 ? -11.743 -14.581 -6.158  1.00 22.05 ? 145 HIS A C   1 
ATOM   1010 O  O   . HIS A 1 130 ? -11.704 -15.111 -7.282  1.00 22.72 ? 145 HIS A O   1 
ATOM   1011 C  CB  . HIS A 1 130 ? -12.340 -12.337 -7.106  1.00 21.97 ? 145 HIS A CB  1 
ATOM   1012 C  CG  . HIS A 1 130 ? -13.397 -11.280 -7.175  1.00 25.43 ? 145 HIS A CG  1 
ATOM   1013 N  ND1 . HIS A 1 130 ? -14.522 -11.411 -7.975  1.00 29.45 ? 145 HIS A ND1 1 
ATOM   1014 C  CD2 . HIS A 1 130 ? -13.522 -10.090 -6.542  1.00 28.67 ? 145 HIS A CD2 1 
ATOM   1015 C  CE1 . HIS A 1 130 ? -15.271 -10.328 -7.850  1.00 31.69 ? 145 HIS A CE1 1 
ATOM   1016 N  NE2 . HIS A 1 130 ? -14.695 -9.518  -6.981  1.00 33.04 ? 145 HIS A NE2 1 
ATOM   1017 N  N   . GLY A 1 131 ? -11.109 -15.096 -5.105  1.00 21.33 ? 146 GLY A N   1 
ATOM   1018 C  CA  . GLY A 1 131 ? -10.499 -16.407 -5.122  1.00 20.89 ? 146 GLY A CA  1 
ATOM   1019 C  C   . GLY A 1 131 ? -9.025  -16.531 -5.465  1.00 20.29 ? 146 GLY A C   1 
ATOM   1020 O  O   . GLY A 1 131 ? -8.500  -17.650 -5.559  1.00 20.66 ? 146 GLY A O   1 
ATOM   1021 N  N   . LEU A 1 132 ? -8.337  -15.410 -5.691  1.00 18.85 ? 147 LEU A N   1 
ATOM   1022 C  CA  . LEU A 1 132 ? -6.910  -15.425 -6.014  1.00 18.43 ? 147 LEU A CA  1 
ATOM   1023 C  C   . LEU A 1 132 ? -6.141  -15.358 -4.685  1.00 18.54 ? 147 LEU A C   1 
ATOM   1024 O  O   . LEU A 1 132 ? -5.975  -14.255 -4.111  1.00 18.51 ? 147 LEU A O   1 
ATOM   1025 C  CB  . LEU A 1 132 ? -6.506  -14.258 -6.910  1.00 19.05 ? 147 LEU A CB  1 
ATOM   1026 C  CG  . LEU A 1 132 ? -5.100  -14.269 -7.506  1.00 20.14 ? 147 LEU A CG  1 
ATOM   1027 C  CD1 . LEU A 1 132 ? -4.816  -15.586 -8.286  1.00 22.79 ? 147 LEU A CD1 1 
ATOM   1028 C  CD2 . LEU A 1 132 ? -4.838  -13.096 -8.394  1.00 20.06 ? 147 LEU A CD2 1 
ATOM   1029 N  N   . THR A 1 133 ? -5.766  -16.512 -4.160  1.00 17.19 ? 148 THR A N   1 
ATOM   1030 C  CA  . THR A 1 133 ? -4.972  -16.625 -2.931  1.00 17.20 ? 148 THR A CA  1 
ATOM   1031 C  C   . THR A 1 133 ? -3.480  -16.571 -3.201  1.00 16.28 ? 148 THR A C   1 
ATOM   1032 O  O   . THR A 1 133 ? -3.037  -16.738 -4.346  1.00 16.63 ? 148 THR A O   1 
ATOM   1033 C  CB  . THR A 1 133 ? -5.273  -17.943 -2.166  1.00 18.81 ? 148 THR A CB  1 
ATOM   1034 O  OG1 . THR A 1 133 ? -4.697  -19.045 -2.890  1.00 20.32 ? 148 THR A OG1 1 
ATOM   1035 C  CG2 . THR A 1 133 ? -6.760  -18.208 -2.070  1.00 21.16 ? 148 THR A CG2 1 
ATOM   1036 N  N   . GLY A 1 134 ? -2.704  -16.287 -2.171  1.00 14.04 ? 149 GLY A N   1 
ATOM   1037 C  CA  . GLY A 1 134 ? -1.250  -16.254 -2.346  1.00 14.66 ? 149 GLY A CA  1 
ATOM   1038 C  C   . GLY A 1 134 ? -0.758  -15.146 -3.224  1.00 13.55 ? 149 GLY A C   1 
ATOM   1039 O  O   . GLY A 1 134 ? 0.295   -15.298 -3.882  1.00 13.94 ? 149 GLY A O   1 
ATOM   1040 N  N   . PHE A 1 135 ? -1.505  -14.045 -3.319  1.00 11.95 ? 150 PHE A N   1 
ATOM   1041 C  CA  . PHE A 1 135 ? -1.170  -12.963 -4.217  1.00 11.93 ? 150 PHE A CA  1 
ATOM   1042 C  C   . PHE A 1 135 ? -0.744  -11.679 -3.464  1.00 10.89 ? 150 PHE A C   1 
ATOM   1043 O  O   . PHE A 1 135 ? -0.403  -10.649 -4.073  1.00 11.68 ? 150 PHE A O   1 
ATOM   1044 C  CB  . PHE A 1 135 ? -2.350  -12.653 -5.147  1.00 12.73 ? 150 PHE A CB  1 
ATOM   1045 C  CG  . PHE A 1 135 ? -1.937  -11.994 -6.445  1.00 13.28 ? 150 PHE A CG  1 
ATOM   1046 C  CD1 . PHE A 1 135 ? -1.311  -12.733 -7.417  1.00 13.63 ? 150 PHE A CD1 1 
ATOM   1047 C  CD2 . PHE A 1 135 ? -2.173  -10.657 -6.691  1.00 13.11 ? 150 PHE A CD2 1 
ATOM   1048 C  CE1 . PHE A 1 135 ? -0.865  -12.114 -8.582  1.00 16.35 ? 150 PHE A CE1 1 
ATOM   1049 C  CE2 . PHE A 1 135 ? -1.728  -10.042 -7.839  1.00 17.20 ? 150 PHE A CE2 1 
ATOM   1050 C  CZ  . PHE A 1 135 ? -1.083  -10.786 -8.781  1.00 15.64 ? 150 PHE A CZ  1 
ATOM   1051 N  N   . LEU A 1 136 ? -0.841  -11.675 -2.136  1.00 11.49 ? 151 LEU A N   1 
ATOM   1052 C  CA  . LEU A 1 136 ? -0.545  -10.448 -1.404  1.00 10.58 ? 151 LEU A CA  1 
ATOM   1053 C  C   . LEU A 1 136 ? 0.927   -10.073 -1.536  1.00 11.14 ? 151 LEU A C   1 
ATOM   1054 O  O   . LEU A 1 136 ? 1.248   -8.907  -1.650  1.00 11.53 ? 151 LEU A O   1 
ATOM   1055 C  CB  . LEU A 1 136 ? -0.919  -10.609 0.077   1.00 11.75 ? 151 LEU A CB  1 
ATOM   1056 C  CG  . LEU A 1 136 ? -0.633  -9.455  1.044   1.00 11.59 ? 151 LEU A CG  1 
ATOM   1057 C  CD1 . LEU A 1 136 ? -1.278  -8.197  0.598   1.00 12.68 ? 151 LEU A CD1 1 
ATOM   1058 C  CD2 . LEU A 1 136 ? -1.095  -9.855  2.450   1.00 14.94 ? 151 LEU A CD2 1 
ATOM   1059 N  N   . GLY A 1 137 ? 1.843   -11.049 -1.518  1.00 10.48 ? 152 GLY A N   1 
ATOM   1060 C  CA  . GLY A 1 137 ? 3.240   -10.767 -1.809  1.00 11.62 ? 152 GLY A CA  1 
ATOM   1061 C  C   . GLY A 1 137 ? 3.438   -10.159 -3.198  1.00 11.15 ? 152 GLY A C   1 
ATOM   1062 O  O   . GLY A 1 137 ? 4.277   -9.246  -3.377  1.00 11.96 ? 152 GLY A O   1 
ATOM   1063 N  N   . GLN A 1 138 ? 2.667   -10.631 -4.170  1.00 10.19 ? 153 GLN A N   1 
ATOM   1064 C  CA  . GLN A 1 138 ? 2.732   -10.064 -5.509  1.00 10.64 ? 153 GLN A CA  1 
ATOM   1065 C  C   . GLN A 1 138 ? 2.316   -8.609  -5.577  1.00 10.71 ? 153 GLN A C   1 
ATOM   1066 O  O   . GLN A 1 138 ? 2.996   -7.806  -6.211  1.00 11.43 ? 153 GLN A O   1 
ATOM   1067 C  CB  . GLN A 1 138 ? 1.993   -10.913 -6.540  1.00 12.31 ? 153 GLN A CB  1 
ATOM   1068 C  CG  . GLN A 1 138 ? 2.372   -10.528 -7.984  1.00 12.61 ? 153 GLN A CG  1 
ATOM   1069 C  CD  . GLN A 1 138 ? 3.872   -10.638 -8.240  1.00 12.49 ? 153 GLN A CD  1 
ATOM   1070 O  OE1 . GLN A 1 138 ? 4.469   -11.730 -8.063  1.00 17.25 ? 153 GLN A OE1 1 
ATOM   1071 N  NE2 . GLN A 1 138 ? 4.506   -9.515  -8.583  1.00 13.30 ? 153 GLN A NE2 1 
ATOM   1072 N  N   . VAL A 1 139 ? 1.225   -8.242  -4.877  1.00 10.93 ? 154 VAL A N   1 
ATOM   1073 C  CA  . VAL A 1 139 ? 0.843   -6.844  -4.827  1.00 11.12 ? 154 VAL A CA  1 
ATOM   1074 C  C   . VAL A 1 139 ? 1.925   -6.032  -4.104  1.00 10.34 ? 154 VAL A C   1 
ATOM   1075 O  O   . VAL A 1 139 ? 2.256   -4.925  -4.534  1.00 11.13 ? 154 VAL A O   1 
ATOM   1076 C  CB  . VAL A 1 139 ? -0.535  -6.667  -4.157  1.00 11.70 ? 154 VAL A CB  1 
ATOM   1077 C  CG1 . VAL A 1 139 ? -0.883  -5.186  -4.064  1.00 11.41 ? 154 VAL A CG1 1 
ATOM   1078 C  CG2 . VAL A 1 139 ? -1.560  -7.431  -4.926  1.00 13.76 ? 154 VAL A CG2 1 
ATOM   1079 N  N   . THR A 1 140 ? 2.538   -6.624  -3.053  1.00 10.18 ? 155 THR A N   1 
ATOM   1080 C  CA  . THR A 1 140 ? 3.654   -5.967  -2.374  1.00 10.28 ? 155 THR A CA  1 
ATOM   1081 C  C   . THR A 1 140 ? 4.806   -5.636  -3.352  1.00 11.17 ? 155 THR A C   1 
ATOM   1082 O  O   . THR A 1 140 ? 5.301   -4.527  -3.411  1.00 11.59 ? 155 THR A O   1 
ATOM   1083 C  CB  . THR A 1 140 ? 4.169   -6.780  -1.192  1.00 10.86 ? 155 THR A CB  1 
ATOM   1084 O  OG1 . THR A 1 140 ? 3.104   -7.063  -0.256  1.00 11.03 ? 155 THR A OG1 1 
ATOM   1085 C  CG2 . THR A 1 140 ? 5.274   -6.062  -0.445  1.00 11.30 ? 155 THR A CG2 1 
ATOM   1086 N  N   . ARG A 1 141 ? 5.164   -6.630  -4.160  1.00 11.06 ? 156 ARG A N   1 
ATOM   1087 C  CA  . ARG A 1 141 ? 6.214   -6.470  -5.145  1.00 11.02 ? 156 ARG A CA  1 
ATOM   1088 C  C   . ARG A 1 141 ? 5.800   -5.448  -6.230  1.00 11.32 ? 156 ARG A C   1 
ATOM   1089 O  O   . ARG A 1 141 ? 6.642   -4.653  -6.666  1.00 11.58 ? 156 ARG A O   1 
ATOM   1090 C  CB  . ARG A 1 141 ? 6.543   -7.830  -5.773  1.00 11.68 ? 156 ARG A CB  1 
ATOM   1091 C  CG  . ARG A 1 141 ? 7.302   -8.702  -4.862  1.00 12.99 ? 156 ARG A CG  1 
ATOM   1092 C  CD  . ARG A 1 141 ? 7.715   -10.054 -5.496  1.00 13.45 ? 156 ARG A CD  1 
ATOM   1093 N  NE  . ARG A 1 141 ? 6.608   -10.924 -5.864  1.00 14.42 ? 156 ARG A NE  1 
ATOM   1094 C  CZ  . ARG A 1 141 ? 5.997   -11.786 -5.024  1.00 15.40 ? 156 ARG A CZ  1 
ATOM   1095 N  NH1 . ARG A 1 141 ? 6.361   -11.855 -3.765  1.00 16.57 ? 156 ARG A NH1 1 
ATOM   1096 N  NH2 . ARG A 1 141 ? 5.020   -12.563 -5.471  1.00 16.79 ? 156 ARG A NH2 1 
ATOM   1097 N  N   . PHE A 1 142 ? 4.552   -5.437  -6.682  1.00 10.67 ? 157 PHE A N   1 
ATOM   1098 C  CA  . PHE A 1 142 ? 4.069   -4.379  -7.576  1.00 10.38 ? 157 PHE A CA  1 
ATOM   1099 C  C   . PHE A 1 142 ? 4.331   -2.999  -6.979  1.00 11.42 ? 157 PHE A C   1 
ATOM   1100 O  O   . PHE A 1 142 ? 4.865   -2.127  -7.637  1.00 12.37 ? 157 PHE A O   1 
ATOM   1101 C  CB  . PHE A 1 142 ? 2.573   -4.427  -7.842  1.00 10.79 ? 157 PHE A CB  1 
ATOM   1102 C  CG  . PHE A 1 142 ? 2.058   -5.603  -8.668  1.00 11.59 ? 157 PHE A CG  1 
ATOM   1103 C  CD1 . PHE A 1 142 ? 2.888   -6.443  -9.419  1.00 12.90 ? 157 PHE A CD1 1 
ATOM   1104 C  CD2 . PHE A 1 142 ? 0.708   -5.804  -8.698  1.00 12.62 ? 157 PHE A CD2 1 
ATOM   1105 C  CE1 . PHE A 1 142 ? 2.286   -7.476  -10.167 1.00 14.93 ? 157 PHE A CE1 1 
ATOM   1106 C  CE2 . PHE A 1 142 ? 0.138   -6.839  -9.433  1.00 12.76 ? 157 PHE A CE2 1 
ATOM   1107 C  CZ  . PHE A 1 142 ? 0.946   -7.635  -10.172 1.00 12.38 ? 157 PHE A CZ  1 
ATOM   1108 N  N   . VAL A 1 143 ? 4.003   -2.825  -5.701  1.00 11.15 ? 158 VAL A N   1 
ATOM   1109 C  CA  . VAL A 1 143 ? 4.165   -1.543  -5.034  1.00 11.88 ? 158 VAL A CA  1 
ATOM   1110 C  C   . VAL A 1 143 ? 5.653   -1.191  -4.881  1.00 10.93 ? 158 VAL A C   1 
ATOM   1111 O  O   . VAL A 1 143 ? 6.071   -0.069  -5.252  1.00 10.82 ? 158 VAL A O   1 
ATOM   1112 C  CB  . VAL A 1 143 ? 3.482   -1.567  -3.641  1.00 10.84 ? 158 VAL A CB  1 
ATOM   1113 C  CG1 . VAL A 1 143 ? 3.844   -0.313  -2.816  1.00 10.46 ? 158 VAL A CG1 1 
ATOM   1114 C  CG2 . VAL A 1 143 ? 1.986   -1.620  -3.779  1.00 12.15 ? 158 VAL A CG2 1 
ATOM   1115 N  N   . VAL A 1 144 ? 6.464   -2.113  -4.360  1.00 11.56 ? 159 VAL A N   1 
ATOM   1116 C  CA  . VAL A 1 144 ? 7.900   -1.884  -4.185  1.00 12.00 ? 159 VAL A CA  1 
ATOM   1117 C  C   . VAL A 1 144 ? 8.544   -1.517  -5.503  1.00 11.81 ? 159 VAL A C   1 
ATOM   1118 O  O   . VAL A 1 144 ? 9.251   -0.536  -5.619  1.00 13.19 ? 159 VAL A O   1 
ATOM   1119 C  CB  . VAL A 1 144 ? 8.603   -3.110  -3.552  1.00 14.17 ? 159 VAL A CB  1 
ATOM   1120 C  CG1 . VAL A 1 144 ? 10.145  -2.968  -3.622  1.00 15.17 ? 159 VAL A CG1 1 
ATOM   1121 C  CG2 . VAL A 1 144 ? 8.090   -3.383  -2.114  1.00 14.40 ? 159 VAL A CG2 1 
ATOM   1122 N  N   . ASP A 1 145 ? 8.274   -2.253  -6.535  1.00 12.10 ? 160 ASP A N   1 
ATOM   1123 C  CA  . ASP A 1 145 ? 8.940   -2.022  -7.797  1.00 12.91 ? 160 ASP A CA  1 
ATOM   1124 C  C   . ASP A 1 145 ? 8.471   -0.789  -8.540  1.00 12.07 ? 160 ASP A C   1 
ATOM   1125 O  O   . ASP A 1 145 ? 9.280   -0.044  -9.141  1.00 13.31 ? 160 ASP A O   1 
ATOM   1126 C  CB  . ASP A 1 145 ? 8.836   -3.263  -8.681  1.00 14.15 ? 160 ASP A CB  1 
ATOM   1127 C  CG  . ASP A 1 145 ? 10.030  -3.420  -9.644  1.00 16.91 ? 160 ASP A CG  1 
ATOM   1128 O  OD1 . ASP A 1 145 ? 11.204  -3.413  -9.180  1.00 14.29 ? 160 ASP A OD1 1 
ATOM   1129 O  OD2 . ASP A 1 145 ? 9.782   -3.542  -10.841 1.00 18.03 ? 160 ASP A OD2 1 
ATOM   1130 N  N   . PHE A 1 146 ? 7.198   -0.480  -8.435  1.00 11.97 ? 161 PHE A N   1 
ATOM   1131 C  CA  . PHE A 1 146 ? 6.669   0.732   -9.019  1.00 11.61 ? 161 PHE A CA  1 
ATOM   1132 C  C   . PHE A 1 146 ? 7.311   1.953   -8.350  1.00 13.07 ? 161 PHE A C   1 
ATOM   1133 O  O   . PHE A 1 146 ? 7.772   2.851   -9.011  1.00 13.98 ? 161 PHE A O   1 
ATOM   1134 C  CB  . PHE A 1 146 ? 5.163   0.808   -8.909  1.00 12.87 ? 161 PHE A CB  1 
ATOM   1135 C  CG  . PHE A 1 146 ? 4.586   2.069   -9.523  1.00 13.63 ? 161 PHE A CG  1 
ATOM   1136 C  CD1 . PHE A 1 146 ? 4.129   2.084   -10.838 1.00 14.72 ? 161 PHE A CD1 1 
ATOM   1137 C  CD2 . PHE A 1 146 ? 4.545   3.249   -8.790  1.00 13.00 ? 161 PHE A CD2 1 
ATOM   1138 C  CE1 . PHE A 1 146 ? 3.639   3.243   -11.400 1.00 17.18 ? 161 PHE A CE1 1 
ATOM   1139 C  CE2 . PHE A 1 146 ? 4.023   4.395   -9.336  1.00 15.09 ? 161 PHE A CE2 1 
ATOM   1140 C  CZ  . PHE A 1 146 ? 3.601   4.395   -10.664 1.00 16.39 ? 161 PHE A CZ  1 
HETATM 1141 N  N   . MSE A 1 147 ? 7.379   1.946   -7.038  1.00 12.77 ? 162 MSE A N   1 
HETATM 1142 C  CA  . MSE A 1 147 ? 7.960   3.084   -6.357  1.00 14.31 ? 162 MSE A CA  1 
HETATM 1143 C  C   . MSE A 1 147 ? 9.424   3.245   -6.657  1.00 15.00 ? 162 MSE A C   1 
HETATM 1144 O  O   . MSE A 1 147 ? 9.899   4.381   -6.762  1.00 14.84 ? 162 MSE A O   1 
HETATM 1145 C  CB  . MSE A 1 147 ? 7.735   3.013   -4.878  1.00 15.51 ? 162 MSE A CB  1 
HETATM 1146 C  CG  . MSE A 1 147 ? 6.272   3.221   -4.519  1.00 13.73 ? 162 MSE A CG  1 
HETATM 1147 SE SE  . MSE A 1 147 ? 6.004   3.470   -2.591  1.00 26.14 ? 162 MSE A SE  1 
HETATM 1148 C  CE  . MSE A 1 147 ? 4.180   4.177   -2.555  1.00 28.66 ? 162 MSE A CE  1 
ATOM   1149 N  N   . LEU A 1 148 ? 10.172  2.178   -6.885  1.00 13.73 ? 163 LEU A N   1 
ATOM   1150 C  CA  . LEU A 1 148 ? 11.573  2.260   -7.275  1.00 15.44 ? 163 LEU A CA  1 
ATOM   1151 C  C   . LEU A 1 148 ? 11.681  2.872   -8.669  1.00 15.29 ? 163 LEU A C   1 
ATOM   1152 O  O   . LEU A 1 148 ? 12.314  3.915   -8.849  1.00 16.33 ? 163 LEU A O   1 
ATOM   1153 C  CB  . LEU A 1 148 ? 12.217  0.861   -7.205  1.00 15.89 ? 163 LEU A CB  1 
ATOM   1154 C  CG  . LEU A 1 148 ? 13.661  0.787   -7.710  1.00 17.38 ? 163 LEU A CG  1 
ATOM   1155 C  CD1 . LEU A 1 148 ? 14.531  1.845   -6.992  1.00 19.51 ? 163 LEU A CD1 1 
ATOM   1156 C  CD2 . LEU A 1 148 ? 14.211  -0.584  -7.553  1.00 19.47 ? 163 LEU A CD2 1 
ATOM   1157 N  N   . HIS A 1 149 ? 11.016  2.301   -9.648  1.00 15.90 ? 164 HIS A N   1 
ATOM   1158 C  CA  . HIS A 1 149 ? 11.269  2.679   -11.043 1.00 16.88 ? 164 HIS A CA  1 
ATOM   1159 C  C   . HIS A 1 149 ? 10.574  3.946   -11.470 1.00 18.11 ? 164 HIS A C   1 
ATOM   1160 O  O   . HIS A 1 149 ? 10.940  4.574   -12.509 1.00 19.94 ? 164 HIS A O   1 
ATOM   1161 C  CB  . HIS A 1 149 ? 10.926  1.504   -11.978 1.00 16.40 ? 164 HIS A CB  1 
ATOM   1162 C  CG  . HIS A 1 149 ? 11.796  0.304   -11.758 1.00 16.67 ? 164 HIS A CG  1 
ATOM   1163 N  ND1 . HIS A 1 149 ? 13.160  0.280   -12.008 1.00 20.73 ? 164 HIS A ND1 1 
ATOM   1164 C  CD2 . HIS A 1 149 ? 11.492  -0.918  -11.284 1.00 15.09 ? 164 HIS A CD2 1 
ATOM   1165 C  CE1 . HIS A 1 149 ? 13.641  -0.910  -11.697 1.00 22.15 ? 164 HIS A CE1 1 
ATOM   1166 N  NE2 . HIS A 1 149 ? 12.641  -1.670  -11.276 1.00 19.89 ? 164 HIS A NE2 1 
ATOM   1167 N  N   . HIS A 1 150 ? 9.566   4.367   -10.719 1.00 17.19 ? 165 HIS A N   1 
ATOM   1168 C  CA  . HIS A 1 150 ? 8.881   5.622   -10.976 1.00 17.25 ? 165 HIS A CA  1 
ATOM   1169 C  C   . HIS A 1 150 ? 9.371   6.765   -10.092 1.00 17.50 ? 165 HIS A C   1 
ATOM   1170 O  O   . HIS A 1 150 ? 8.692   7.798   -9.966  1.00 19.62 ? 165 HIS A O   1 
ATOM   1171 C  CB  . HIS A 1 150 ? 7.387   5.437   -10.835 1.00 17.69 ? 165 HIS A CB  1 
ATOM   1172 C  CG  . HIS A 1 150 ? 6.769   4.747   -11.990 1.00 19.03 ? 165 HIS A CG  1 
ATOM   1173 N  ND1 . HIS A 1 150 ? 6.979   3.413   -12.290 1.00 23.25 ? 165 HIS A ND1 1 
ATOM   1174 C  CD2 . HIS A 1 150 ? 5.962   5.238   -12.952 1.00 18.72 ? 165 HIS A CD2 1 
ATOM   1175 C  CE1 . HIS A 1 150 ? 6.299   3.116   -13.385 1.00 21.32 ? 165 HIS A CE1 1 
ATOM   1176 N  NE2 . HIS A 1 150 ? 5.675   4.205   -13.804 1.00 22.51 ? 165 HIS A NE2 1 
ATOM   1177 N  N   . CYS A 1 151 ? 10.535  6.566   -9.480  1.00 17.75 ? 166 CYS A N   1 
ATOM   1178 C  CA  . CYS A 1 151 ? 11.277  7.614   -8.769  1.00 19.36 ? 166 CYS A CA  1 
ATOM   1179 C  C   . CYS A 1 151 ? 10.571  8.109   -7.521  1.00 18.32 ? 166 CYS A C   1 
ATOM   1180 O  O   . CYS A 1 151 ? 10.876  9.172   -6.990  1.00 18.62 ? 166 CYS A O   1 
ATOM   1181 C  CB  . CYS A 1 151 ? 11.580  8.773   -9.715  1.00 19.62 ? 166 CYS A CB  1 
ATOM   1182 S  SG  . CYS A 1 151 ? 12.663  8.231   -11.084 1.00 28.43 ? 166 CYS A SG  1 
ATOM   1183 N  N   . ILE A 1 152 ? 9.649   7.314   -6.999  1.00 15.88 ? 167 ILE A N   1 
ATOM   1184 C  CA  . ILE A 1 152 ? 8.994   7.613   -5.736  1.00 16.11 ? 167 ILE A CA  1 
ATOM   1185 C  C   . ILE A 1 152 ? 9.923   7.345   -4.593  1.00 14.99 ? 167 ILE A C   1 
ATOM   1186 O  O   . ILE A 1 152 ? 9.974   8.136   -3.638  1.00 15.41 ? 167 ILE A O   1 
ATOM   1187 C  CB  . ILE A 1 152 ? 7.708   6.797   -5.547  1.00 16.13 ? 167 ILE A CB  1 
ATOM   1188 C  CG1 . ILE A 1 152 ? 6.725   6.891   -6.745  1.00 22.68 ? 167 ILE A CG1 1 
ATOM   1189 C  CG2 . ILE A 1 152 ? 7.019   7.245   -4.244  1.00 17.13 ? 167 ILE A CG2 1 
ATOM   1190 C  CD1 . ILE A 1 152 ? 6.533   8.184   -7.281  1.00 26.63 ? 167 ILE A CD1 1 
ATOM   1191 N  N   . ALA A 1 153 ? 10.676  6.269   -4.635  1.00 15.44 ? 168 ALA A N   1 
ATOM   1192 C  CA  . ALA A 1 153 ? 11.675  6.025   -3.615  1.00 15.72 ? 168 ALA A CA  1 
ATOM   1193 C  C   . ALA A 1 153 ? 12.712  7.150   -3.564  1.00 16.77 ? 168 ALA A C   1 
ATOM   1194 O  O   . ALA A 1 153 ? 13.099  7.575   -2.484  1.00 16.94 ? 168 ALA A O   1 
ATOM   1195 C  CB  . ALA A 1 153 ? 12.381  4.663   -3.849  1.00 16.28 ? 168 ALA A CB  1 
ATOM   1196 N  N   . ARG A 1 154 ? 13.084  7.663   -4.734  1.00 16.58 ? 169 ARG A N   1 
ATOM   1197 C  CA  . ARG A 1 154 ? 14.071  8.751   -4.814  1.00 18.36 ? 169 ARG A CA  1 
ATOM   1198 C  C   . ARG A 1 154 ? 13.504  9.989   -4.153  1.00 18.85 ? 169 ARG A C   1 
ATOM   1199 O  O   . ARG A 1 154 ? 14.173  10.608  -3.314  1.00 18.36 ? 169 ARG A O   1 
ATOM   1200 C  CB  . ARG A 1 154 ? 14.435  9.040   -6.263  1.00 18.81 ? 169 ARG A CB  1 
ATOM   1201 C  CG  . ARG A 1 154 ? 15.528  10.125  -6.417  1.00 23.54 ? 169 ARG A CG  1 
ATOM   1202 C  CD  . ARG A 1 154 ? 16.047  10.270  -7.834  1.00 30.85 ? 169 ARG A CD  1 
ATOM   1203 N  NE  . ARG A 1 154 ? 15.048  10.863  -8.714  1.00 34.51 ? 169 ARG A NE  1 
ATOM   1204 C  CZ  . ARG A 1 154 ? 15.047  10.765  -10.043 1.00 38.97 ? 169 ARG A CZ  1 
ATOM   1205 N  NH1 . ARG A 1 154 ? 15.995  10.073  -10.679 1.00 40.26 ? 169 ARG A NH1 1 
ATOM   1206 N  NH2 . ARG A 1 154 ? 14.078  11.357  -10.745 1.00 41.88 ? 169 ARG A NH2 1 
ATOM   1207 N  N   . TRP A 1 155 ? 12.259  10.329  -4.476  1.00 16.59 ? 170 TRP A N   1 
ATOM   1208 C  CA  . TRP A 1 155 ? 11.574  11.474  -3.870  1.00 16.09 ? 170 TRP A CA  1 
ATOM   1209 C  C   . TRP A 1 155 ? 11.508  11.335  -2.352  1.00 17.13 ? 170 TRP A C   1 
ATOM   1210 O  O   . TRP A 1 155 ? 11.782  12.280  -1.595  1.00 18.50 ? 170 TRP A O   1 
ATOM   1211 C  CB  . TRP A 1 155 ? 10.157  11.607  -4.454  1.00 15.46 ? 170 TRP A CB  1 
ATOM   1212 C  CG  . TRP A 1 155 ? 9.366   12.785  -3.992  1.00 17.16 ? 170 TRP A CG  1 
ATOM   1213 C  CD1 . TRP A 1 155 ? 9.292   13.976  -4.624  1.00 18.47 ? 170 TRP A CD1 1 
ATOM   1214 C  CD2 . TRP A 1 155 ? 8.518   12.860  -2.863  1.00 15.63 ? 170 TRP A CD2 1 
ATOM   1215 N  NE1 . TRP A 1 155 ? 8.445   14.815  -3.940  1.00 18.06 ? 170 TRP A NE1 1 
ATOM   1216 C  CE2 . TRP A 1 155 ? 7.939   14.152  -2.857  1.00 14.86 ? 170 TRP A CE2 1 
ATOM   1217 C  CE3 . TRP A 1 155 ? 8.150   11.958  -1.855  1.00 17.13 ? 170 TRP A CE3 1 
ATOM   1218 C  CZ2 . TRP A 1 155 ? 7.045   14.567  -1.860  1.00 18.34 ? 170 TRP A CZ2 1 
ATOM   1219 C  CZ3 . TRP A 1 155 ? 7.228   12.371  -0.853  1.00 17.15 ? 170 TRP A CZ3 1 
ATOM   1220 C  CH2 . TRP A 1 155 ? 6.707   13.690  -0.884  1.00 17.64 ? 170 TRP A CH2 1 
ATOM   1221 N  N   . ILE A 1 156 ? 11.154  10.149  -1.858  1.00 16.96 ? 171 ILE A N   1 
ATOM   1222 C  CA  . ILE A 1 156 ? 11.076  9.963   -0.434  1.00 16.01 ? 171 ILE A CA  1 
ATOM   1223 C  C   . ILE A 1 156 ? 12.472  10.135  0.200   1.00 17.21 ? 171 ILE A C   1 
ATOM   1224 O  O   . ILE A 1 156 ? 12.579  10.796  1.256   1.00 17.51 ? 171 ILE A O   1 
ATOM   1225 C  CB  . ILE A 1 156 ? 10.476  8.574   -0.126  1.00 14.78 ? 171 ILE A CB  1 
ATOM   1226 C  CG1 . ILE A 1 156 ? 8.980   8.535   -0.474  1.00 14.93 ? 171 ILE A CG1 1 
ATOM   1227 C  CG2 . ILE A 1 156 ? 10.689  8.218   1.308   1.00 16.27 ? 171 ILE A CG2 1 
ATOM   1228 C  CD1 . ILE A 1 156 ? 8.369   7.145   -0.370  1.00 15.83 ? 171 ILE A CD1 1 
ATOM   1229 N  N   . ALA A 1 157 ? 13.508  9.592   -0.429  1.00 18.02 ? 172 ALA A N   1 
ATOM   1230 C  CA  . ALA A 1 157 ? 14.881  9.791   0.072   1.00 18.70 ? 172 ALA A CA  1 
ATOM   1231 C  C   . ALA A 1 157 ? 15.213  11.270  0.175   1.00 20.34 ? 172 ALA A C   1 
ATOM   1232 O  O   . ALA A 1 157 ? 15.830  11.687  1.142   1.00 21.85 ? 172 ALA A O   1 
ATOM   1233 C  CB  . ALA A 1 157 ? 15.894  9.088   -0.770  1.00 18.15 ? 172 ALA A CB  1 
ATOM   1234 N  N   . GLN A 1 158 ? 14.773  12.053  -0.797  1.00 20.96 ? 173 GLN A N   1 
ATOM   1235 C  CA  . GLN A 1 158 ? 15.015  13.516  -0.815  1.00 22.39 ? 173 GLN A CA  1 
ATOM   1236 C  C   . GLN A 1 158 ? 14.279  14.248  0.308   1.00 23.35 ? 173 GLN A C   1 
ATOM   1237 O  O   . GLN A 1 158 ? 14.742  15.301  0.759   1.00 24.34 ? 173 GLN A O   1 
ATOM   1238 C  CB  . GLN A 1 158 ? 14.622  14.086  -2.182  1.00 23.73 ? 173 GLN A CB  1 
ATOM   1239 C  CG  . GLN A 1 158 ? 15.565  13.637  -3.276  1.00 25.71 ? 173 GLN A CG  1 
ATOM   1240 C  CD  . GLN A 1 158 ? 15.096  13.950  -4.704  1.00 29.76 ? 173 GLN A CD  1 
ATOM   1241 O  OE1 . GLN A 1 158 ? 13.916  14.265  -4.933  1.00 33.71 ? 173 GLN A OE1 1 
ATOM   1242 N  NE2 . GLN A 1 158 ? 16.023  13.847  -5.669  1.00 33.66 ? 173 GLN A NE2 1 
ATOM   1243 N  N   . ARG A 1 159 ? 13.139  13.719  0.745   1.00 23.62 ? 174 ARG A N   1 
ATOM   1244 C  CA  . ARG A 1 159 ? 12.375  14.244  1.878   1.00 23.39 ? 174 ARG A CA  1 
ATOM   1245 C  C   . ARG A 1 159 ? 12.933  13.844  3.259   1.00 23.07 ? 174 ARG A C   1 
ATOM   1246 O  O   . ARG A 1 159 ? 12.393  14.315  4.278   1.00 24.21 ? 174 ARG A O   1 
ATOM   1247 C  CB  . ARG A 1 159 ? 10.886  13.809  1.825   1.00 24.02 ? 174 ARG A CB  1 
ATOM   1248 C  CG  . ARG A 1 159 ? 10.065  14.281  0.611   1.00 24.85 ? 174 ARG A CG  1 
ATOM   1249 C  CD  . ARG A 1 159 ? 10.208  15.767  0.238   1.00 29.44 ? 174 ARG A CD  1 
ATOM   1250 N  NE  . ARG A 1 159 ? 9.780   16.682  1.303   1.00 33.51 ? 174 ARG A NE  1 
ATOM   1251 C  CZ  . ARG A 1 159 ? 9.877   18.020  1.239   1.00 34.33 ? 174 ARG A CZ  1 
ATOM   1252 N  NH1 . ARG A 1 159 ? 10.396  18.617  0.172   1.00 36.92 ? 174 ARG A NH1 1 
ATOM   1253 N  NH2 . ARG A 1 159 ? 9.476   18.770  2.265   1.00 33.52 ? 174 ARG A NH2 1 
ATOM   1254 N  N   . GLY A 1 160 ? 13.963  12.995  3.303   1.00 22.46 ? 175 GLY A N   1 
ATOM   1255 C  CA  . GLY A 1 160 ? 14.550  12.464  4.522   1.00 23.18 ? 175 GLY A CA  1 
ATOM   1256 C  C   . GLY A 1 160 ? 14.312  10.988  4.790   1.00 22.98 ? 175 GLY A C   1 
ATOM   1257 O  O   . GLY A 1 160 ? 14.653  10.504  5.851   1.00 23.56 ? 175 GLY A O   1 
ATOM   1258 N  N   . GLY A 1 161 ? 13.732  10.265  3.827   1.00 20.89 ? 176 GLY A N   1 
ATOM   1259 C  CA  . GLY A 1 161 ? 13.419  8.858   3.989   1.00 19.77 ? 176 GLY A CA  1 
ATOM   1260 C  C   . GLY A 1 161 ? 12.012  8.614   4.513   1.00 18.84 ? 176 GLY A C   1 
ATOM   1261 O  O   . GLY A 1 161 ? 11.261  9.534   4.808   1.00 18.68 ? 176 GLY A O   1 
ATOM   1262 N  N   . TRP A 1 162 ? 11.654  7.331   4.611   1.00 18.82 ? 177 TRP A N   1 
ATOM   1263 C  CA  . TRP A 1 162 ? 10.337  6.953   5.111   1.00 17.87 ? 177 TRP A CA  1 
ATOM   1264 C  C   . TRP A 1 162 ? 10.012  7.511   6.531   1.00 19.89 ? 177 TRP A C   1 
ATOM   1265 O  O   . TRP A 1 162 ? 8.888   7.832   6.830   1.00 20.04 ? 177 TRP A O   1 
ATOM   1266 C  CB  . TRP A 1 162 ? 10.208  5.447   5.115   1.00 16.97 ? 177 TRP A CB  1 
ATOM   1267 C  CG  . TRP A 1 162 ? 9.820   4.787   3.823   1.00 14.37 ? 177 TRP A CG  1 
ATOM   1268 C  CD1 . TRP A 1 162 ? 10.581  3.928   3.095   1.00 14.94 ? 177 TRP A CD1 1 
ATOM   1269 C  CD2 . TRP A 1 162 ? 8.554   4.890   3.132   1.00 12.03 ? 177 TRP A CD2 1 
ATOM   1270 N  NE1 . TRP A 1 162 ? 9.893   3.484   1.991   1.00 16.79 ? 177 TRP A NE1 1 
ATOM   1271 C  CE2 . TRP A 1 162 ? 8.630   4.017   2.015   1.00 11.68 ? 177 TRP A CE2 1 
ATOM   1272 C  CE3 . TRP A 1 162 ? 7.343   5.521   3.402   1.00 13.78 ? 177 TRP A CE3 1 
ATOM   1273 C  CZ2 . TRP A 1 162 ? 7.571   3.847   1.114   1.00 12.07 ? 177 TRP A CZ2 1 
ATOM   1274 C  CZ3 . TRP A 1 162 ? 6.282   5.347   2.519   1.00 12.94 ? 177 TRP A CZ3 1 
ATOM   1275 C  CH2 . TRP A 1 162 ? 6.423   4.520   1.370   1.00 13.28 ? 177 TRP A CH2 1 
ATOM   1276 N  N   . VAL A 1 163 ? 11.056  7.649   7.364   1.00 22.10 ? 178 VAL A N   1 
ATOM   1277 C  CA  . VAL A 1 163 ? 10.883  8.249   8.689   1.00 24.03 ? 178 VAL A CA  1 
ATOM   1278 C  C   . VAL A 1 163 ? 10.317  9.656   8.639   1.00 23.31 ? 178 VAL A C   1 
ATOM   1279 O  O   . VAL A 1 163 ? 9.656   10.088  9.558   1.00 23.99 ? 178 VAL A O   1 
ATOM   1280 C  CB  . VAL A 1 163 ? 12.212  8.266   9.491   1.00 24.98 ? 178 VAL A CB  1 
ATOM   1281 C  CG1 . VAL A 1 163 ? 12.607  6.880   9.799   1.00 28.00 ? 178 VAL A CG1 1 
ATOM   1282 C  CG2 . VAL A 1 163 ? 13.337  9.045   8.773   1.00 26.27 ? 178 VAL A CG2 1 
ATOM   1283 N  N   . ALA A 1 164 ? 10.562  10.389  7.568   1.00 22.97 ? 179 ALA A N   1 
ATOM   1284 C  CA  . ALA A 1 164 ? 9.951   11.698  7.405   1.00 24.04 ? 179 ALA A CA  1 
ATOM   1285 C  C   . ALA A 1 164 ? 8.438   11.676  7.415   1.00 25.78 ? 179 ALA A C   1 
ATOM   1286 O  O   . ALA A 1 164 ? 7.819   12.704  7.618   1.00 26.34 ? 179 ALA A O   1 
ATOM   1287 C  CB  . ALA A 1 164 ? 10.446  12.353  6.136   1.00 23.44 ? 179 ALA A CB  1 
ATOM   1288 N  N   . ALA A 1 165 ? 7.846   10.498  7.181   1.00 26.16 ? 180 ALA A N   1 
ATOM   1289 C  CA  . ALA A 1 165 ? 6.408   10.319  7.204   1.00 27.60 ? 180 ALA A CA  1 
ATOM   1290 C  C   . ALA A 1 165 ? 5.831   10.177  8.616   1.00 28.37 ? 180 ALA A C   1 
ATOM   1291 O  O   . ALA A 1 165 ? 4.629   10.350  8.814   1.00 27.62 ? 180 ALA A O   1 
ATOM   1292 C  CB  . ALA A 1 165 ? 6.041   9.073   6.341   1.00 27.56 ? 180 ALA A CB  1 
ATOM   1293 N  N   . LEU A 1 166 ? 6.677   9.846   9.594   1.00 30.42 ? 181 LEU A N   1 
ATOM   1294 C  CA  . LEU A 1 166 ? 6.259   9.807   10.995  1.00 32.50 ? 181 LEU A CA  1 
ATOM   1295 C  C   . LEU A 1 166 ? 5.887   11.228  11.447  1.00 33.97 ? 181 LEU A C   1 
ATOM   1296 O  O   . LEU A 1 166 ? 6.371   12.266  10.998  1.00 35.28 ? 181 LEU A O   1 
ATOM   1297 C  CB  . LEU A 1 166 ? 7.374   9.242   11.888  1.00 32.33 ? 181 LEU A CB  1 
ATOM   1298 C  CG  . LEU A 1 166 ? 7.582   7.725   12.074  1.00 31.72 ? 181 LEU A CG  1 
ATOM   1299 C  CD1 . LEU A 1 166 ? 8.563   7.502   13.221  1.00 34.14 ? 181 LEU A CD1 1 
ATOM   1300 C  CD2 . LEU A 1 166 ? 6.308   6.935   12.357  1.00 28.50 ? 181 LEU A CD2 1 
HETATM 1301 ZN ZN  . ZN  B 2 .   ? 12.666  -3.580  -10.504 0.50 17.15 ? 200 ZN  A ZN  1 
HETATM 1302 O  O   . HOH C 3 .   ? 1.208   -13.921 -0.529  1.00 12.70 ? 201 HOH A O   1 
HETATM 1303 O  O   . HOH C 3 .   ? -4.070  -13.253 -2.429  1.00 12.34 ? 202 HOH A O   1 
HETATM 1304 O  O   . HOH C 3 .   ? 13.138  5.741   -6.986  1.00 18.31 ? 203 HOH A O   1 
HETATM 1305 O  O   . HOH C 3 .   ? 2.260   -13.391 -3.985  1.00 13.58 ? 204 HOH A O   1 
HETATM 1306 O  O   . HOH C 3 .   ? -4.584  -10.831 0.397   1.00 13.35 ? 205 HOH A O   1 
HETATM 1307 O  O   . HOH C 3 .   ? 5.048   -2.685  -10.435 1.00 15.00 ? 206 HOH A O   1 
HETATM 1308 O  O   . HOH C 3 .   ? -19.677 -6.175  14.639  1.00 18.29 ? 207 HOH A O   1 
HETATM 1309 O  O   . HOH C 3 .   ? -9.757  -10.893 7.985   1.00 15.87 ? 208 HOH A O   1 
HETATM 1310 O  O   . HOH C 3 .   ? 10.267  0.862   -3.324  1.00 18.71 ? 209 HOH A O   1 
HETATM 1311 O  O   . HOH C 3 .   ? -4.159  -10.467 -2.268  1.00 13.16 ? 210 HOH A O   1 
HETATM 1312 O  O   . HOH C 3 .   ? 3.696   -1.133  -12.364 1.00 15.73 ? 211 HOH A O   1 
HETATM 1313 O  O   . HOH C 3 .   ? -4.550  -7.143  9.960   1.00 16.13 ? 212 HOH A O   1 
HETATM 1314 O  O   . HOH C 3 .   ? 2.983   8.770   -13.612 1.00 21.04 ? 213 HOH A O   1 
HETATM 1315 O  O   . HOH C 3 .   ? 17.026  10.058  3.015   1.00 27.49 ? 214 HOH A O   1 
HETATM 1316 O  O   . HOH C 3 .   ? 4.095   -9.089  1.432   1.00 22.05 ? 215 HOH A O   1 
HETATM 1317 O  O   . HOH C 3 .   ? 11.489  -3.892  3.879   1.00 20.28 ? 216 HOH A O   1 
HETATM 1318 O  O   . HOH C 3 .   ? 7.383   -9.501  -9.001  1.00 19.43 ? 217 HOH A O   1 
HETATM 1319 O  O   . HOH C 3 .   ? -5.385  -16.772 -11.434 1.00 22.64 ? 218 HOH A O   1 
HETATM 1320 O  O   . HOH C 3 .   ? -8.375  4.318   3.343   1.00 31.57 ? 219 HOH A O   1 
HETATM 1321 O  O   . HOH C 3 .   ? 6.836   -4.676  10.038  1.00 23.55 ? 220 HOH A O   1 
HETATM 1322 O  O   . HOH C 3 .   ? 14.094  6.336   6.799   1.00 26.16 ? 221 HOH A O   1 
HETATM 1323 O  O   . HOH C 3 .   ? -4.233  1.591   13.751  1.00 39.51 ? 222 HOH A O   1 
HETATM 1324 O  O   . HOH C 3 .   ? -1.770  -16.579 -6.709  1.00 20.89 ? 223 HOH A O   1 
HETATM 1325 O  O   . HOH C 3 .   ? -20.701 -3.438  -9.799  1.00 26.37 ? 224 HOH A O   1 
HETATM 1326 O  O   . HOH C 3 .   ? 3.639   4.086   14.701  1.00 21.63 ? 225 HOH A O   1 
HETATM 1327 O  O   . HOH C 3 .   ? 7.467   -2.253  -11.617 1.00 25.94 ? 226 HOH A O   1 
HETATM 1328 O  O   . HOH C 3 .   ? 1.116   -10.932 11.321  1.00 31.42 ? 227 HOH A O   1 
HETATM 1329 O  O   . HOH C 3 .   ? 11.870  -4.209  -6.515  1.00 25.44 ? 228 HOH A O   1 
HETATM 1330 O  O   . HOH C 3 .   ? 8.285   -10.505 -2.210  1.00 26.14 ? 229 HOH A O   1 
HETATM 1331 O  O   . HOH C 3 .   ? 20.810  4.687   -3.684  1.00 31.86 ? 230 HOH A O   1 
HETATM 1332 O  O   . HOH C 3 .   ? -11.185 -5.581  6.160   1.00 25.05 ? 231 HOH A O   1 
HETATM 1333 O  O   . HOH C 3 .   ? -14.914 -2.361  17.170  1.00 24.86 ? 232 HOH A O   1 
HETATM 1334 O  O   . HOH C 3 .   ? -2.676  5.501   -16.523 1.00 29.12 ? 233 HOH A O   1 
HETATM 1335 O  O   . HOH C 3 .   ? 6.834   -3.791  -13.925 1.00 27.19 ? 234 HOH A O   1 
HETATM 1336 O  O   . HOH C 3 .   ? 6.554   -6.381  7.677   1.00 26.63 ? 235 HOH A O   1 
HETATM 1337 O  O   . HOH C 3 .   ? 10.435  5.944   15.744  1.00 36.77 ? 236 HOH A O   1 
HETATM 1338 O  O   . HOH C 3 .   ? -7.630  2.790   -0.256  1.00 23.96 ? 237 HOH A O   1 
HETATM 1339 O  O   . HOH C 3 .   ? -11.190 -16.185 -1.289  1.00 32.95 ? 238 HOH A O   1 
HETATM 1340 O  O   . HOH C 3 .   ? -2.741  15.810  -4.431  1.00 27.24 ? 239 HOH A O   1 
HETATM 1341 O  O   . HOH C 3 .   ? -4.410  9.295   0.719   1.00 27.03 ? 240 HOH A O   1 
HETATM 1342 O  O   . HOH C 3 .   ? 0.038   -13.529 4.488   1.00 24.64 ? 241 HOH A O   1 
HETATM 1343 O  O   . HOH C 3 .   ? -10.632 2.481   -13.717 1.00 40.92 ? 242 HOH A O   1 
HETATM 1344 O  O   . HOH C 3 .   ? 13.747  5.059   4.547   1.00 26.64 ? 243 HOH A O   1 
HETATM 1345 O  O   . HOH C 3 .   ? 13.241  -2.793  9.410   1.00 32.51 ? 244 HOH A O   1 
HETATM 1346 O  O   . HOH C 3 .   ? 0.223   18.203  -8.914  1.00 29.67 ? 245 HOH A O   1 
HETATM 1347 O  O   . HOH C 3 .   ? 15.043  2.692   -11.891 1.00 37.91 ? 246 HOH A O   1 
HETATM 1348 O  O   . HOH C 3 .   ? -1.179  -7.213  -20.514 1.00 52.10 ? 247 HOH A O   1 
HETATM 1349 O  O   . HOH C 3 .   ? -2.468  1.083   15.829  1.00 24.54 ? 248 HOH A O   1 
HETATM 1350 O  O   . HOH C 3 .   ? -6.028  -7.829  12.215  1.00 28.77 ? 249 HOH A O   1 
HETATM 1351 O  O   . HOH C 3 .   ? -9.385  -13.173 9.038   1.00 27.86 ? 250 HOH A O   1 
HETATM 1352 O  O   . HOH C 3 .   ? 7.771   0.154   -12.867 1.00 23.49 ? 251 HOH A O   1 
HETATM 1353 O  O   . HOH C 3 .   ? -0.817  13.058  -10.239 1.00 29.95 ? 252 HOH A O   1 
HETATM 1354 O  O   . HOH C 3 .   ? 9.973   -5.969  -5.966  1.00 32.88 ? 253 HOH A O   1 
HETATM 1355 O  O   . HOH C 3 .   ? -4.604  -17.882 1.742   1.00 30.70 ? 254 HOH A O   1 
HETATM 1356 O  O   . HOH C 3 .   ? -6.025  3.301   6.802   1.00 26.03 ? 255 HOH A O   1 
HETATM 1357 O  O   . HOH C 3 .   ? -1.796  -0.981  -17.696 1.00 27.86 ? 256 HOH A O   1 
HETATM 1358 O  O   . HOH C 3 .   ? 3.563   13.131  10.213  1.00 39.23 ? 257 HOH A O   1 
HETATM 1359 O  O   . HOH C 3 .   ? 3.310   3.412   -16.599 1.00 28.58 ? 258 HOH A O   1 
HETATM 1360 O  O   . HOH C 3 .   ? 5.399   0.148   -14.011 1.00 24.45 ? 259 HOH A O   1 
HETATM 1361 O  O   . HOH C 3 .   ? 7.441   -6.782  -9.188  1.00 32.54 ? 260 HOH A O   1 
HETATM 1362 O  O   . HOH C 3 .   ? -6.091  -18.663 -13.192 1.00 24.48 ? 261 HOH A O   1 
HETATM 1363 O  O   . HOH C 3 .   ? -6.147  0.054   16.837  1.00 34.50 ? 262 HOH A O   1 
HETATM 1364 O  O   . HOH C 3 .   ? -3.558  -16.544 6.503   1.00 34.97 ? 263 HOH A O   1 
HETATM 1365 O  O   . HOH C 3 .   ? 12.562  -2.769  6.160   1.00 27.69 ? 264 HOH A O   1 
HETATM 1366 O  O   . HOH C 3 .   ? -5.541  4.427   4.401   1.00 26.09 ? 265 HOH A O   1 
HETATM 1367 O  O   . HOH C 3 .   ? 16.302  8.259   6.630   1.00 29.35 ? 266 HOH A O   1 
HETATM 1368 O  O   . HOH C 3 .   ? -11.505 -16.107 4.045   1.00 38.27 ? 267 HOH A O   1 
HETATM 1369 O  O   . HOH C 3 .   ? 1.365   -16.769 0.281   1.00 33.37 ? 268 HOH A O   1 
HETATM 1370 O  O   . HOH C 3 .   ? 9.833   -9.633  -9.465  1.00 24.34 ? 269 HOH A O   1 
HETATM 1371 O  O   . HOH C 3 .   ? 6.570   9.198   -10.673 1.00 35.47 ? 270 HOH A O   1 
HETATM 1372 O  O   . HOH C 3 .   ? -18.404 -0.632  -9.974  1.00 44.98 ? 271 HOH A O   1 
HETATM 1373 O  O   . HOH C 3 .   ? -5.797  3.542   15.069  1.00 33.97 ? 272 HOH A O   1 
HETATM 1374 O  O   . HOH C 3 .   ? 6.252   17.309  -4.532  1.00 35.16 ? 273 HOH A O   1 
HETATM 1375 O  O   . HOH C 3 .   ? 0.948   -5.465  16.185  1.00 32.40 ? 274 HOH A O   1 
HETATM 1376 O  O   . HOH C 3 .   ? 2.892   -13.235 3.834   1.00 36.74 ? 275 HOH A O   1 
HETATM 1377 O  O   . HOH C 3 .   ? -11.308 -3.864  -2.527  1.00 25.72 ? 276 HOH A O   1 
HETATM 1378 O  O   . HOH C 3 .   ? -10.805 1.916   13.216  1.00 33.35 ? 277 HOH A O   1 
HETATM 1379 O  O   . HOH C 3 .   ? 5.437   1.561   -15.880 1.00 44.27 ? 278 HOH A O   1 
HETATM 1380 O  O   . HOH C 3 .   ? -13.509 -11.191 2.122   1.00 47.42 ? 279 HOH A O   1 
HETATM 1381 O  O   . HOH C 3 .   ? 8.377   -7.770  -1.514  1.00 32.06 ? 280 HOH A O   1 
HETATM 1382 O  O   . HOH C 3 .   ? 11.504  11.778  -8.116  1.00 31.91 ? 281 HOH A O   1 
HETATM 1383 O  O   . HOH C 3 .   ? -15.695 11.588  5.576   1.00 37.54 ? 282 HOH A O   1 
HETATM 1384 O  O   . HOH C 3 .   ? 8.175   15.707  3.778   1.00 30.13 ? 283 HOH A O   1 
HETATM 1385 O  O   . HOH C 3 .   ? -8.661  2.946   8.008   1.00 32.06 ? 284 HOH A O   1 
HETATM 1386 O  O   . HOH C 3 .   ? -10.749 -14.638 -14.002 1.00 52.45 ? 285 HOH A O   1 
HETATM 1387 O  O   . HOH C 3 .   ? -18.759 -2.573  -12.021 1.00 34.14 ? 286 HOH A O   1 
HETATM 1388 O  O   . HOH C 3 .   ? -5.318  -12.896 -17.871 1.00 28.87 ? 287 HOH A O   1 
HETATM 1389 O  O   . HOH C 3 .   ? 2.874   9.387   -16.302 1.00 38.16 ? 288 HOH A O   1 
HETATM 1390 O  O   . HOH C 3 .   ? -1.700  19.520  -10.684 1.00 33.52 ? 289 HOH A O   1 
HETATM 1391 O  O   . HOH C 3 .   ? 10.050  -6.662  -3.465  1.00 29.52 ? 290 HOH A O   1 
HETATM 1392 O  O   . HOH C 3 .   ? -9.082  -5.052  15.455  1.00 38.26 ? 291 HOH A O   1 
HETATM 1393 O  O   . HOH C 3 .   ? -15.142 -0.928  -14.118 1.00 65.26 ? 292 HOH A O   1 
HETATM 1394 O  O   . HOH C 3 .   ? 6.489   -9.410  -0.718  1.00 29.12 ? 293 HOH A O   1 
HETATM 1395 O  O   . HOH C 3 .   ? 1.486   -10.395 14.076  1.00 41.34 ? 294 HOH A O   1 
HETATM 1396 O  O   . HOH C 3 .   ? 8.618   -7.189  6.318   1.00 33.88 ? 295 HOH A O   1 
HETATM 1397 O  O   . HOH C 3 .   ? 7.224   15.247  -8.123  1.00 34.59 ? 296 HOH A O   1 
HETATM 1398 O  O   . HOH C 3 .   ? -1.827  8.201   -16.263 1.00 36.18 ? 297 HOH A O   1 
HETATM 1399 O  O   . HOH C 3 .   ? 12.845  1.231   16.111  1.00 38.94 ? 298 HOH A O   1 
HETATM 1400 O  O   . HOH C 3 .   ? -11.971 -18.794 5.045   1.00 43.56 ? 299 HOH A O   1 
HETATM 1401 O  O   . HOH C 3 .   ? 2.579   -8.266  -19.828 1.00 39.56 ? 300 HOH A O   1 
HETATM 1402 O  O   . HOH C 3 .   ? 10.112  -6.852  -8.242  1.00 36.24 ? 301 HOH A O   1 
HETATM 1403 O  O   . HOH C 3 .   ? 1.691   -18.315 3.170   1.00 57.10 ? 302 HOH A O   1 
HETATM 1404 O  O   . HOH C 3 .   ? 5.580   11.790  -11.038 1.00 33.80 ? 303 HOH A O   1 
HETATM 1405 O  O   . HOH C 3 .   ? 14.237  -4.251  -5.727  1.00 58.01 ? 304 HOH A O   1 
HETATM 1406 O  O   . HOH C 3 .   ? 4.365   17.058  -6.418  1.00 47.18 ? 305 HOH A O   1 
HETATM 1407 O  O   . HOH C 3 .   ? -0.544  -14.759 2.021   1.00 34.66 ? 306 HOH A O   1 
HETATM 1408 O  O   . HOH C 3 .   ? -12.099 -9.514  8.871   1.00 35.46 ? 307 HOH A O   1 
HETATM 1409 O  O   . HOH C 3 .   ? 2.397   -11.782 1.809   1.00 33.09 ? 308 HOH A O   1 
HETATM 1410 O  O   . HOH C 3 .   ? 20.386  8.017   -2.898  1.00 34.64 ? 309 HOH A O   1 
HETATM 1411 O  O   . HOH C 3 .   ? 12.674  -5.986  0.373   1.00 52.13 ? 310 HOH A O   1 
HETATM 1412 O  O   . HOH C 3 .   ? 10.568  11.494  11.953  1.00 41.33 ? 311 HOH A O   1 
HETATM 1413 O  O   . HOH C 3 .   ? -8.894  -7.137  14.514  1.00 43.05 ? 312 HOH A O   1 
HETATM 1414 O  O   . HOH C 3 .   ? 10.911  -6.317  4.647   1.00 37.54 ? 313 HOH A O   1 
HETATM 1415 O  O   . HOH C 3 .   ? -9.673  8.138   11.799  1.00 37.13 ? 314 HOH A O   1 
HETATM 1416 O  O   . HOH C 3 .   ? -3.658  11.843  -13.207 1.00 47.65 ? 315 HOH A O   1 
HETATM 1417 O  O   . HOH C 3 .   ? 23.254  5.901   -2.678  1.00 50.51 ? 316 HOH A O   1 
HETATM 1418 O  O   . HOH C 3 .   ? 15.781  4.450   -9.992  1.00 51.73 ? 317 HOH A O   1 
HETATM 1419 O  O   . HOH C 3 .   ? 15.115  12.118  8.110   1.00 38.16 ? 318 HOH A O   1 
HETATM 1420 O  O   . HOH C 3 .   ? -16.151 -10.543 -13.109 1.00 54.79 ? 319 HOH A O   1 
HETATM 1421 O  O   . HOH C 3 .   ? -19.311 -11.700 9.379   1.00 43.07 ? 320 HOH A O   1 
HETATM 1422 O  O   . HOH C 3 .   ? -8.694  13.728  1.695   1.00 33.19 ? 321 HOH A O   1 
HETATM 1423 O  O   . HOH C 3 .   ? -5.110  -0.644  14.466  1.00 37.98 ? 322 HOH A O   1 
HETATM 1424 O  O   . HOH C 3 .   ? 15.823  2.092   6.021   1.00 29.03 ? 323 HOH A O   1 
HETATM 1425 O  O   . HOH C 3 .   ? 15.625  -0.875  6.409   1.00 33.19 ? 324 HOH A O   1 
HETATM 1426 O  O   . HOH C 3 .   ? 5.098   7.896   -12.538 1.00 27.02 ? 325 HOH A O   1 
HETATM 1427 O  O   . HOH C 3 .   ? -14.731 2.785   -12.348 1.00 29.59 ? 326 HOH A O   1 
HETATM 1428 O  O   . HOH C 3 .   ? 7.566   18.604  -3.053  1.00 44.96 ? 327 HOH A O   1 
HETATM 1429 O  O   . HOH C 3 .   ? -4.688  9.565   -15.847 1.00 39.80 ? 328 HOH A O   1 
HETATM 1430 O  O   . HOH C 3 .   ? 0.721   13.824  9.884   1.00 48.67 ? 329 HOH A O   1 
HETATM 1431 O  O   . HOH C 3 .   ? 0.721   9.612   -17.821 1.00 44.76 ? 330 HOH A O   1 
HETATM 1432 O  O   . HOH C 3 .   ? 8.437   17.059  -6.166  1.00 46.07 ? 331 HOH A O   1 
HETATM 1433 O  O   . HOH C 3 .   ? 1.123   -8.367  15.681  1.00 44.62 ? 332 HOH A O   1 
HETATM 1434 O  O   . HOH C 3 .   ? 4.422   5.831   -17.498 1.00 42.84 ? 333 HOH A O   1 
HETATM 1435 O  O   . HOH C 3 .   ? 9.899   12.253  -10.235 1.00 43.78 ? 334 HOH A O   1 
HETATM 1436 O  O   . HOH C 3 .   ? -0.706  1.708   -17.912 1.00 37.58 ? 335 HOH A O   1 
HETATM 1437 O  O   . HOH C 3 .   ? 17.213  14.025  2.548   1.00 42.61 ? 336 HOH A O   1 
HETATM 1438 O  O   . HOH C 3 .   ? 9.542   0.067   -14.938 1.00 43.30 ? 337 HOH A O   1 
HETATM 1439 O  O   . HOH C 3 .   ? -14.280 -1.037  4.341   1.00 41.34 ? 338 HOH A O   1 
HETATM 1440 O  O   . HOH C 3 .   ? -9.947  0.663   -11.487 1.00 46.97 ? 339 HOH A O   1 
HETATM 1441 O  O   . HOH C 3 .   ? -17.415 -4.367  3.865   1.00 39.48 ? 340 HOH A O   1 
HETATM 1442 O  O   . HOH C 3 .   ? -1.851  4.079   -18.298 1.00 45.48 ? 341 HOH A O   1 
HETATM 1443 O  O   . HOH C 3 .   ? -4.168  13.198  -6.607  1.00 48.70 ? 342 HOH A O   1 
HETATM 1444 O  O   . HOH C 3 .   ? -15.917 -11.028 3.803   1.00 34.46 ? 343 HOH A O   1 
HETATM 1445 O  O   . HOH C 3 .   ? 12.762  5.830   17.627  1.00 49.11 ? 344 HOH A O   1 
HETATM 1446 O  O   . HOH C 3 .   ? -13.733 -4.835  16.942  1.00 45.72 ? 345 HOH A O   1 
HETATM 1447 O  O   . HOH C 3 .   ? -14.644 -9.769  9.098   1.00 45.66 ? 346 HOH A O   1 
HETATM 1448 O  O   . HOH C 3 .   ? -12.491 -4.114  -0.372  1.00 39.25 ? 347 HOH A O   1 
HETATM 1449 O  O   . HOH C 3 .   ? -10.068 2.309   5.320   1.00 46.55 ? 348 HOH A O   1 
HETATM 1450 O  O   . HOH C 3 .   ? -4.371  -1.046  -19.128 1.00 43.73 ? 349 HOH A O   1 
HETATM 1451 O  O   . HOH C 3 .   ? -3.759  -17.836 4.375   1.00 44.78 ? 350 HOH A O   1 
HETATM 1452 O  O   . HOH C 3 .   ? -13.746 -7.849  11.745  1.00 38.59 ? 351 HOH A O   1 
HETATM 1453 O  O   . HOH C 3 .   ? 10.676  -10.684 1.733   1.00 55.97 ? 352 HOH A O   1 
# 
